data_7W9V
#
_entry.id   7W9V
#
loop_
_entity.id
_entity.type
_entity.pdbx_description
1 polymer 'Histone H3.1'
2 polymer 'Histone H4'
3 polymer 'Histone H2A type 1-B/E'
4 polymer 'Histone H2B type 1-J'
5 polymer 'DNA (145-MER)'
6 polymer 'DNA (145-MER)'
7 polymer 'Histone acetyltransferase p300'
#
loop_
_entity_poly.entity_id
_entity_poly.type
_entity_poly.pdbx_seq_one_letter_code
_entity_poly.pdbx_strand_id
1 'polypeptide(L)'
;ARTKQTARKSTGGKAPRKQLATKAARKSAPATGGVKKPHRYRPGTVALREIRRYQKSTELLIRKLPFQRLVREIAQDFKT
DLRFQSSAVMALQEACEAYLVGLFEDTNLCAIHAKRVTIMPKDIQLARRIRGERA
;
A,E
2 'polypeptide(L)'
;GSHMSGRGKGGKGLGKGGAKRHRKVLRDNIQGITKPAIRRLARRGGVKRISGLIYEETRGVLKVFLENVIRDAVTYTEHA
KRKTVTAMDVVYALKRQGRTLYGFGG
;
B,F
3 'polypeptide(L)'
;GSHMSGRGKQGGKARAKAKTRSSRAGLQFPVGRVHRLLRKGNYSERVGAGAPVYLAAVLEYLTAEILELAGNAARDNKKT
RIIPRHLQLAIRNDEELNKLLGRVTIAQGGVLPNIQAVLLPKKTESHHKAKGK
;
C,G
4 'polypeptide(L)'
;GSHMPEPAKSAPAPKKGSKKAVTKAQKKDGKKRKRSRKESYSIYVYKVLKQVHPDTGISSKAMGIMNSFVNDIFERIAGE
ASRLAHYNKRSTITSREIQTAVRLLLPGELAKHAVSEGTKAVTKYTSAK
;
D,H
5 'polydeoxyribonucleotide'
;(DA)(DT)(DC)(DA)(DG)(DA)(DA)(DT)(DC)(DC)(DC)(DG)(DG)(DT)(DG)(DC)(DC)(DG)(DA)(DG)
(DG)(DC)(DC)(DG)(DC)(DT)(DC)(DA)(DA)(DT)(DT)(DG)(DG)(DT)(DC)(DG)(DT)(DA)(DG)(DA)
(DC)(DA)(DG)(DC)(DT)(DC)(DT)(DA)(DG)(DC)(DA)(DC)(DC)(DG)(DC)(DT)(DT)(DA)(DA)(DA)
(DC)(DG)(DC)(DA)(DC)(DG)(DT)(DA)(DC)(DG)(DC)(DG)(DC)(DT)(DG)(DT)(DC)(DC)(DC)(DC)
(DC)(DG)(DC)(DG)(DT)(DT)(DT)(DT)(DA)(DA)(DC)(DC)(DG)(DC)(DC)(DA)(DA)(DG)(DG)(DG)
(DG)(DA)(DT)(DT)(DA)(DC)(DT)(DC)(DC)(DC)(DT)(DA)(DG)(DT)(DC)(DT)(DC)(DC)(DA)(DG)
(DG)(DC)(DA)(DC)(DG)(DT)(DG)(DT)(DC)(DA)(DG)(DA)(DT)(DA)(DT)(DA)(DT)(DA)(DC)(DA)
(DT)(DC)(DG)(DA)(DT)
;
I
6 'polydeoxyribonucleotide'
;(DA)(DT)(DC)(DG)(DA)(DT)(DG)(DT)(DA)(DT)(DA)(DT)(DA)(DT)(DC)(DT)(DG)(DA)(DC)(DA)
(DC)(DG)(DT)(DG)(DC)(DC)(DT)(DG)(DG)(DA)(DG)(DA)(DC)(DT)(DA)(DG)(DG)(DG)(DA)(DG)
(DT)(DA)(DA)(DT)(DC)(DC)(DC)(DC)(DT)(DT)(DG)(DG)(DC)(DG)(DG)(DT)(DT)(DA)(DA)(DA)
(DA)(DC)(DG)(DC)(DG)(DG)(DG)(DG)(DG)(DA)(DC)(DA)(DG)(DC)(DG)(DC)(DG)(DT)(DA)(DC)
(DG)(DT)(DG)(DC)(DG)(DT)(DT)(DT)(DA)(DA)(DG)(DC)(DG)(DG)(DT)(DG)(DC)(DT)(DA)(DG)
(DA)(DG)(DC)(DT)(DG)(DT)(DC)(DT)(DA)(DC)(DG)(DA)(DC)(DC)(DA)(DA)(DT)(DT)(DG)(DA)
(DG)(DC)(DG)(DG)(DC)(DC)(DT)(DC)(DG)(DG)(DC)(DA)(DC)(DC)(DG)(DG)(DG)(DA)(DT)(DT)
(DC)(DT)(DG)(DA)(DT)
;
J
7 'polypeptide(L)'
;TQSSPAPGQSKKKIFKPEELRQALMPTLEALYRQDPESLPFRQPVDPQLLGIPDYFDIVKSPMDLSTIKRKLDTGQYQEP
WQYVDDIWLMFNNAWLYNRKTSRVYKYCSKLSEVFEQEIDPVMQSLGYCCGRKLEFSPQTLCCYGKQLCTIPRDATYYSY
QNRYHFCEKCFNEIQGESVSLGDDPSQPQTTINKEQFSKRKNDTLDPELFVECTECGRKMHQICVLHHEIIWPAGFVCDG
CLKKSARTRKENKFSAKRLPSTRLGTFLENRVNDFLRRQNHPESGEVTVRVVHASDKTVEVKPGMKARFVDSGEMAESFP
YRTKALFAFEEIDGVDLCFFGMHVQEYGSDCPPPNQRRVYISYLDSVHFFRPKCLRTAVYHEILIGYLEYVKKLGYTTGH
IWACPPSEGDDYIFHCHPPDQKIPKPKRLQEWFKKMLDKAVSERIVHDYKDIFKQATEDRLTSAKELPYFEGDFWPNVLE
ESIKESGGSGSQKLYATMEKHKEVFFVIRLIAGPAANSLPPIVDPDPLIPCDLMDGRDAFLTLARDKHLEFSSLRRAQWS
TMCMLVELHTQSQDRFVYTCNECKHHVETRWHCTVCEDYDLCITCYNTKNHDHKMEKLGLGLDDESNNQQHHHHHHHH
;
K
#
# COMPACT_ATOMS: atom_id res chain seq x y z
N PRO A 38 -32.87 -40.13 -9.06
CA PRO A 38 -32.79 -39.25 -7.90
C PRO A 38 -33.66 -38.01 -8.05
N HIS A 39 -33.26 -36.92 -7.40
CA HIS A 39 -33.97 -35.65 -7.47
C HIS A 39 -32.98 -34.54 -7.77
N ARG A 40 -33.28 -33.77 -8.81
CA ARG A 40 -32.35 -32.74 -9.27
C ARG A 40 -33.15 -31.51 -9.66
N TYR A 41 -32.90 -30.40 -8.98
CA TYR A 41 -33.59 -29.15 -9.30
C TYR A 41 -33.22 -28.69 -10.70
N ARG A 42 -34.21 -28.24 -11.45
CA ARG A 42 -33.96 -27.71 -12.78
C ARG A 42 -33.14 -26.42 -12.68
N PRO A 43 -32.23 -26.20 -13.61
CA PRO A 43 -31.36 -25.01 -13.54
C PRO A 43 -32.17 -23.72 -13.48
N GLY A 44 -31.84 -22.87 -12.51
CA GLY A 44 -32.47 -21.59 -12.37
C GLY A 44 -33.31 -21.41 -11.11
N THR A 45 -33.43 -22.44 -10.27
CA THR A 45 -34.21 -22.28 -9.05
C THR A 45 -33.33 -22.19 -7.81
N VAL A 46 -32.22 -22.92 -7.78
CA VAL A 46 -31.26 -22.75 -6.69
C VAL A 46 -30.68 -21.35 -6.71
N ALA A 47 -30.55 -20.74 -7.89
CA ALA A 47 -30.11 -19.35 -7.96
C ALA A 47 -31.08 -18.44 -7.22
N LEU A 48 -32.38 -18.62 -7.45
CA LEU A 48 -33.37 -17.79 -6.77
C LEU A 48 -33.38 -18.05 -5.27
N ARG A 49 -33.26 -19.31 -4.87
CA ARG A 49 -33.19 -19.62 -3.45
C ARG A 49 -32.00 -18.92 -2.80
N GLU A 50 -30.85 -18.93 -3.49
CA GLU A 50 -29.67 -18.24 -2.96
C GLU A 50 -29.88 -16.74 -2.92
N ILE A 51 -30.54 -16.18 -3.93
CA ILE A 51 -30.84 -14.75 -3.93
C ILE A 51 -31.63 -14.39 -2.68
N ARG A 52 -32.71 -15.11 -2.42
CA ARG A 52 -33.52 -14.82 -1.24
C ARG A 52 -32.71 -15.00 0.04
N ARG A 53 -31.96 -16.10 0.14
CA ARG A 53 -31.24 -16.40 1.37
C ARG A 53 -30.19 -15.33 1.67
N TYR A 54 -29.48 -14.86 0.63
CA TYR A 54 -28.42 -13.89 0.87
C TYR A 54 -28.95 -12.47 1.01
N GLN A 55 -30.05 -12.14 0.35
CA GLN A 55 -30.66 -10.84 0.59
C GLN A 55 -31.31 -10.76 1.96
N LYS A 56 -31.68 -11.91 2.55
CA LYS A 56 -32.28 -11.89 3.87
C LYS A 56 -31.26 -11.59 4.97
N SER A 57 -30.05 -12.12 4.86
CA SER A 57 -29.06 -12.02 5.92
C SER A 57 -28.14 -10.83 5.68
N THR A 58 -27.30 -10.53 6.68
CA THR A 58 -26.44 -9.36 6.65
C THR A 58 -24.96 -9.64 6.87
N GLU A 59 -24.54 -10.89 7.04
CA GLU A 59 -23.15 -11.17 7.36
C GLU A 59 -22.24 -10.78 6.19
N LEU A 60 -20.93 -10.79 6.45
CA LEU A 60 -19.96 -10.50 5.40
C LEU A 60 -19.88 -11.67 4.43
N LEU A 61 -19.47 -11.38 3.19
CA LEU A 61 -19.43 -12.39 2.16
C LEU A 61 -18.04 -12.72 1.66
N ILE A 62 -17.12 -11.76 1.71
CA ILE A 62 -15.74 -12.01 1.34
C ILE A 62 -14.99 -12.57 2.55
N ARG A 63 -14.22 -13.63 2.33
CA ARG A 63 -13.47 -14.23 3.42
C ARG A 63 -12.51 -13.23 4.03
N LYS A 64 -12.48 -13.21 5.37
CA LYS A 64 -11.80 -12.14 6.08
C LYS A 64 -10.30 -12.15 5.83
N LEU A 65 -9.65 -13.29 5.97
CA LEU A 65 -8.19 -13.35 5.93
C LEU A 65 -7.63 -13.10 4.53
N PRO A 66 -8.21 -13.67 3.45
CA PRO A 66 -7.72 -13.33 2.11
C PRO A 66 -7.85 -11.85 1.81
N PHE A 67 -8.97 -11.25 2.23
CA PHE A 67 -9.15 -9.83 1.99
C PHE A 67 -8.17 -9.00 2.79
N GLN A 68 -7.86 -9.42 4.02
CA GLN A 68 -6.87 -8.72 4.80
C GLN A 68 -5.50 -8.78 4.14
N ARG A 69 -5.13 -9.96 3.64
CA ARG A 69 -3.84 -10.10 2.95
C ARG A 69 -3.80 -9.24 1.71
N LEU A 70 -4.92 -9.19 0.97
CA LEU A 70 -4.97 -8.36 -0.23
C LEU A 70 -4.81 -6.88 0.10
N VAL A 71 -5.47 -6.44 1.17
CA VAL A 71 -5.37 -5.04 1.59
C VAL A 71 -3.93 -4.71 1.97
N ARG A 72 -3.29 -5.60 2.72
CA ARG A 72 -1.90 -5.35 3.09
C ARG A 72 -1.00 -5.32 1.87
N GLU A 73 -1.24 -6.20 0.90
CA GLU A 73 -0.45 -6.19 -0.33
C GLU A 73 -0.58 -4.87 -1.06
N ILE A 74 -1.82 -4.37 -1.20
CA ILE A 74 -2.05 -3.14 -1.94
C ILE A 74 -1.44 -1.96 -1.20
N ALA A 75 -1.56 -1.96 0.13
CA ALA A 75 -1.00 -0.85 0.91
C ALA A 75 0.52 -0.84 0.88
N GLN A 76 1.14 -2.02 0.80
CA GLN A 76 2.60 -2.09 0.83
C GLN A 76 3.23 -1.38 -0.36
N ASP A 77 2.42 -1.06 -1.37
CA ASP A 77 2.93 -0.44 -2.58
C ASP A 77 3.13 1.06 -2.37
N PHE A 78 2.52 1.61 -1.33
CA PHE A 78 2.55 3.04 -1.09
C PHE A 78 3.48 3.45 0.03
N LYS A 79 3.54 2.68 1.12
CA LYS A 79 4.46 2.97 2.21
C LYS A 79 4.79 1.68 2.92
N THR A 80 6.05 1.26 2.84
CA THR A 80 6.47 -0.02 3.38
C THR A 80 6.35 -0.03 4.90
N ASP A 81 6.09 -1.23 5.43
CA ASP A 81 5.92 -1.45 6.87
C ASP A 81 4.81 -0.58 7.44
N LEU A 82 3.59 -0.80 6.98
CA LEU A 82 2.41 -0.17 7.54
C LEU A 82 1.61 -1.18 8.34
N ARG A 83 1.12 -0.75 9.49
CA ARG A 83 0.31 -1.59 10.36
C ARG A 83 -1.14 -1.13 10.29
N PHE A 84 -2.06 -2.09 10.33
CA PHE A 84 -3.47 -1.81 10.11
C PHE A 84 -4.28 -2.16 11.34
N GLN A 85 -4.96 -1.16 11.89
CA GLN A 85 -5.95 -1.43 12.92
C GLN A 85 -7.03 -2.34 12.35
N SER A 86 -7.29 -3.46 13.04
CA SER A 86 -8.25 -4.44 12.52
C SER A 86 -9.60 -3.82 12.21
N SER A 87 -10.02 -2.85 13.01
CA SER A 87 -11.27 -2.15 12.71
C SER A 87 -11.21 -1.46 11.35
N ALA A 88 -10.05 -0.94 10.97
CA ALA A 88 -9.92 -0.31 9.65
C ALA A 88 -10.03 -1.32 8.53
N VAL A 89 -9.47 -2.51 8.69
CA VAL A 89 -9.61 -3.55 7.68
C VAL A 89 -11.09 -3.95 7.56
N MET A 90 -11.78 -4.03 8.70
CA MET A 90 -13.19 -4.35 8.68
C MET A 90 -14.00 -3.28 7.94
N ALA A 91 -13.68 -2.01 8.20
CA ALA A 91 -14.36 -0.92 7.51
C ALA A 91 -14.11 -0.99 6.00
N LEU A 92 -12.85 -1.27 5.62
CA LEU A 92 -12.53 -1.41 4.20
C LEU A 92 -13.33 -2.54 3.57
N GLN A 93 -13.45 -3.66 4.28
CA GLN A 93 -14.21 -4.78 3.74
C GLN A 93 -15.68 -4.41 3.58
N GLU A 94 -16.24 -3.69 4.55
CA GLU A 94 -17.63 -3.27 4.44
C GLU A 94 -17.85 -2.35 3.24
N ALA A 95 -16.94 -1.39 3.05
CA ALA A 95 -17.07 -0.48 1.92
C ALA A 95 -16.93 -1.20 0.59
N CYS A 96 -15.99 -2.15 0.49
CA CYS A 96 -15.84 -2.89 -0.75
C CYS A 96 -17.06 -3.76 -1.04
N GLU A 97 -17.61 -4.39 0.00
CA GLU A 97 -18.82 -5.19 -0.19
C GLU A 97 -19.97 -4.32 -0.69
N ALA A 98 -20.15 -3.14 -0.10
CA ALA A 98 -21.23 -2.26 -0.52
C ALA A 98 -21.04 -1.80 -1.96
N TYR A 99 -19.82 -1.40 -2.30
CA TYR A 99 -19.55 -0.96 -3.67
C TYR A 99 -19.82 -2.06 -4.67
N LEU A 100 -19.29 -3.27 -4.42
CA LEU A 100 -19.51 -4.37 -5.34
C LEU A 100 -20.98 -4.75 -5.45
N VAL A 101 -21.71 -4.74 -4.34
CA VAL A 101 -23.14 -5.07 -4.40
C VAL A 101 -23.87 -4.05 -5.27
N GLY A 102 -23.59 -2.76 -5.08
CA GLY A 102 -24.22 -1.75 -5.93
C GLY A 102 -23.88 -1.92 -7.39
N LEU A 103 -22.61 -2.22 -7.67
CA LEU A 103 -22.17 -2.40 -9.04
C LEU A 103 -22.88 -3.58 -9.69
N PHE A 104 -22.97 -4.71 -9.01
CA PHE A 104 -23.68 -5.87 -9.53
C PHE A 104 -25.16 -5.63 -9.67
N GLU A 105 -25.77 -4.85 -8.79
CA GLU A 105 -27.15 -4.46 -8.96
C GLU A 105 -27.36 -3.71 -10.28
N ASP A 106 -26.55 -2.68 -10.51
CA ASP A 106 -26.70 -1.89 -11.73
C ASP A 106 -26.34 -2.71 -12.97
N THR A 107 -25.37 -3.61 -12.86
CA THR A 107 -25.01 -4.47 -13.98
C THR A 107 -26.16 -5.40 -14.34
N ASN A 108 -26.78 -6.01 -13.34
CA ASN A 108 -27.94 -6.86 -13.60
C ASN A 108 -29.06 -6.06 -14.24
N LEU A 109 -29.25 -4.82 -13.79
CA LEU A 109 -30.27 -3.98 -14.42
C LEU A 109 -29.96 -3.75 -15.89
N CYS A 110 -28.71 -3.44 -16.23
CA CYS A 110 -28.33 -3.31 -17.63
C CYS A 110 -28.59 -4.59 -18.40
N ALA A 111 -28.19 -5.74 -17.85
CA ALA A 111 -28.30 -7.00 -18.56
C ALA A 111 -29.76 -7.39 -18.78
N ILE A 112 -30.64 -6.93 -17.88
CA ILE A 112 -32.07 -7.13 -18.13
C ILE A 112 -32.56 -6.15 -19.19
N HIS A 113 -32.02 -4.93 -19.20
CA HIS A 113 -32.38 -3.99 -20.26
C HIS A 113 -32.00 -4.50 -21.64
N ALA A 114 -30.94 -5.31 -21.73
CA ALA A 114 -30.45 -5.79 -23.02
C ALA A 114 -31.13 -7.07 -23.46
N LYS A 115 -32.30 -7.37 -22.90
CA LYS A 115 -33.08 -8.57 -23.25
C LYS A 115 -32.33 -9.86 -22.93
N ARG A 116 -31.48 -9.82 -21.91
CA ARG A 116 -30.73 -10.98 -21.47
C ARG A 116 -30.96 -11.22 -19.98
N VAL A 117 -30.32 -12.28 -19.47
CA VAL A 117 -30.41 -12.63 -18.07
C VAL A 117 -29.06 -12.79 -17.38
N THR A 118 -28.02 -13.06 -18.16
CA THR A 118 -26.69 -13.33 -17.65
C THR A 118 -25.84 -12.08 -17.65
N ILE A 119 -25.48 -11.61 -16.47
CA ILE A 119 -24.58 -10.47 -16.37
C ILE A 119 -23.20 -10.88 -16.91
N MET A 120 -22.53 -9.96 -17.58
CA MET A 120 -21.25 -10.19 -18.25
C MET A 120 -20.29 -9.04 -17.96
N PRO A 121 -19.00 -9.16 -18.17
CA PRO A 121 -18.05 -8.08 -17.85
C PRO A 121 -18.38 -6.75 -18.51
N LYS A 122 -18.84 -6.76 -19.77
CA LYS A 122 -19.17 -5.50 -20.41
C LYS A 122 -20.32 -4.79 -19.70
N ASP A 123 -21.20 -5.55 -19.06
CA ASP A 123 -22.29 -4.97 -18.28
C ASP A 123 -21.73 -4.18 -17.09
N ILE A 124 -20.73 -4.78 -16.43
CA ILE A 124 -20.13 -4.16 -15.25
C ILE A 124 -19.53 -2.85 -15.69
N GLN A 125 -18.80 -2.94 -16.78
CA GLN A 125 -18.07 -1.79 -17.31
C GLN A 125 -19.03 -0.73 -17.85
N LEU A 126 -20.11 -1.16 -18.51
CA LEU A 126 -21.09 -0.19 -18.99
C LEU A 126 -21.80 0.50 -17.83
N ALA A 127 -22.18 -0.26 -16.80
CA ALA A 127 -22.84 0.35 -15.65
C ALA A 127 -21.95 1.38 -14.99
N ARG A 128 -20.66 1.08 -14.87
CA ARG A 128 -19.75 2.03 -14.23
C ARG A 128 -19.48 3.23 -15.13
N ARG A 129 -19.48 3.03 -16.45
CA ARG A 129 -19.33 4.17 -17.36
C ARG A 129 -20.53 5.10 -17.26
N ILE A 130 -21.73 4.54 -17.20
CA ILE A 130 -22.93 5.37 -17.18
C ILE A 130 -23.06 6.08 -15.84
N ARG A 131 -22.76 5.38 -14.74
CA ARG A 131 -22.86 5.98 -13.41
C ARG A 131 -22.01 7.23 -13.27
N GLY A 132 -21.08 7.47 -14.19
CA GLY A 132 -20.18 8.61 -14.07
C GLY A 132 -18.88 8.28 -13.40
N GLU A 133 -18.69 7.03 -12.99
CA GLU A 133 -17.43 6.60 -12.40
C GLU A 133 -16.51 6.05 -13.47
N ARG A 134 -15.28 5.73 -13.06
CA ARG A 134 -14.33 5.09 -13.95
C ARG A 134 -13.15 4.50 -13.17
N LYS B 24 7.29 -10.03 5.61
CA LYS B 24 7.31 -10.93 4.46
C LYS B 24 6.69 -10.26 3.24
N VAL B 25 7.31 -10.47 2.07
CA VAL B 25 6.78 -9.89 0.84
C VAL B 25 5.50 -10.63 0.44
N LEU B 26 4.60 -9.90 -0.22
CA LEU B 26 3.29 -10.42 -0.59
C LEU B 26 3.09 -10.25 -2.10
N ARG B 27 2.46 -11.24 -2.72
CA ARG B 27 2.22 -11.21 -4.16
C ARG B 27 1.08 -12.15 -4.50
N ASP B 28 0.32 -11.79 -5.54
CA ASP B 28 -0.76 -12.60 -6.08
C ASP B 28 -1.86 -12.89 -5.06
N ASN B 29 -2.13 -11.95 -4.15
CA ASN B 29 -3.20 -12.17 -3.18
C ASN B 29 -4.56 -11.81 -3.76
N ILE B 30 -4.60 -11.29 -4.99
CA ILE B 30 -5.85 -10.85 -5.59
C ILE B 30 -6.72 -12.06 -5.89
N GLN B 31 -6.10 -13.22 -6.07
CA GLN B 31 -6.85 -14.47 -6.21
C GLN B 31 -7.55 -14.87 -4.92
N GLY B 32 -7.36 -14.11 -3.84
CA GLY B 32 -8.06 -14.42 -2.60
C GLY B 32 -9.54 -14.14 -2.69
N ILE B 33 -9.94 -13.32 -3.66
CA ILE B 33 -11.36 -13.11 -3.91
C ILE B 33 -11.83 -14.26 -4.78
N THR B 34 -12.23 -15.35 -4.13
CA THR B 34 -12.53 -16.60 -4.82
C THR B 34 -13.72 -16.45 -5.76
N LYS B 35 -13.88 -17.40 -6.67
CA LYS B 35 -15.00 -17.39 -7.60
C LYS B 35 -16.33 -17.51 -6.86
N PRO B 36 -16.50 -18.45 -5.92
CA PRO B 36 -17.77 -18.49 -5.18
C PRO B 36 -18.01 -17.24 -4.33
N ALA B 37 -16.96 -16.52 -3.96
CA ALA B 37 -17.17 -15.28 -3.22
C ALA B 37 -17.86 -14.24 -4.08
N ILE B 38 -17.35 -14.01 -5.29
CA ILE B 38 -17.97 -13.08 -6.23
C ILE B 38 -19.36 -13.60 -6.58
N ARG B 39 -19.51 -14.92 -6.62
CA ARG B 39 -20.81 -15.50 -6.92
C ARG B 39 -21.83 -15.14 -5.83
N ARG B 40 -21.45 -15.31 -4.57
CA ARG B 40 -22.34 -14.96 -3.47
C ARG B 40 -22.65 -13.46 -3.47
N LEU B 41 -21.62 -12.64 -3.70
CA LEU B 41 -21.83 -11.20 -3.81
C LEU B 41 -22.89 -10.86 -4.84
N ALA B 42 -22.70 -11.34 -6.07
CA ALA B 42 -23.69 -11.09 -7.11
C ALA B 42 -25.06 -11.64 -6.74
N ARG B 43 -25.12 -12.82 -6.12
CA ARG B 43 -26.41 -13.38 -5.72
C ARG B 43 -27.11 -12.49 -4.70
N ARG B 44 -26.33 -11.75 -3.92
CA ARG B 44 -26.95 -10.75 -3.04
C ARG B 44 -27.49 -9.58 -3.83
N GLY B 45 -26.78 -9.12 -4.86
CA GLY B 45 -27.21 -7.99 -5.64
C GLY B 45 -28.44 -8.21 -6.48
N GLY B 46 -28.88 -9.44 -6.66
CA GLY B 46 -30.04 -9.73 -7.47
C GLY B 46 -29.74 -10.30 -8.84
N VAL B 47 -28.58 -10.90 -9.04
CA VAL B 47 -28.23 -11.51 -10.32
C VAL B 47 -28.67 -12.96 -10.30
N LYS B 48 -28.96 -13.53 -11.48
CA LYS B 48 -29.47 -14.88 -11.58
C LYS B 48 -28.53 -15.83 -12.33
N ARG B 49 -27.74 -15.31 -13.26
CA ARG B 49 -26.84 -16.16 -14.04
C ARG B 49 -25.60 -15.34 -14.40
N ILE B 50 -24.44 -15.81 -13.97
CA ILE B 50 -23.18 -15.08 -14.08
C ILE B 50 -22.37 -15.70 -15.22
N SER B 51 -21.97 -14.87 -16.17
CA SER B 51 -21.10 -15.34 -17.24
C SER B 51 -19.70 -15.60 -16.69
N GLY B 52 -19.05 -16.64 -17.22
CA GLY B 52 -17.79 -17.08 -16.67
C GLY B 52 -16.67 -16.06 -16.79
N LEU B 53 -16.90 -14.99 -17.55
CA LEU B 53 -15.88 -13.95 -17.71
C LEU B 53 -15.95 -12.88 -16.64
N ILE B 54 -17.03 -12.82 -15.85
CA ILE B 54 -17.23 -11.86 -14.75
C ILE B 54 -16.21 -12.05 -13.65
N TYR B 55 -15.89 -13.30 -13.31
CA TYR B 55 -15.05 -13.60 -12.16
C TYR B 55 -13.64 -13.04 -12.30
N GLU B 56 -13.19 -12.79 -13.53
CA GLU B 56 -11.94 -12.10 -13.72
C GLU B 56 -12.15 -10.58 -13.66
N GLU B 57 -13.02 -10.06 -14.52
CA GLU B 57 -13.21 -8.62 -14.63
C GLU B 57 -13.47 -7.98 -13.28
N THR B 58 -14.39 -8.55 -12.50
CA THR B 58 -14.72 -7.99 -11.20
C THR B 58 -13.48 -7.78 -10.35
N ARG B 59 -12.60 -8.78 -10.30
CA ARG B 59 -11.37 -8.61 -9.52
C ARG B 59 -10.66 -7.32 -9.89
N GLY B 60 -10.44 -7.09 -11.18
CA GLY B 60 -9.85 -5.85 -11.62
C GLY B 60 -10.55 -4.64 -11.01
N VAL B 61 -11.87 -4.56 -11.20
CA VAL B 61 -12.64 -3.45 -10.64
C VAL B 61 -12.34 -3.28 -9.17
N LEU B 62 -12.38 -4.38 -8.40
CA LEU B 62 -12.15 -4.27 -6.97
C LEU B 62 -10.79 -3.63 -6.69
N LYS B 63 -9.76 -4.06 -7.40
CA LYS B 63 -8.45 -3.45 -7.21
C LYS B 63 -8.51 -1.95 -7.48
N VAL B 64 -9.14 -1.56 -8.59
CA VAL B 64 -9.22 -0.16 -8.95
C VAL B 64 -9.97 0.63 -7.88
N PHE B 65 -10.81 -0.04 -7.10
CA PHE B 65 -11.46 0.65 -5.99
C PHE B 65 -10.50 0.81 -4.83
N LEU B 66 -9.81 -0.26 -4.44
CA LEU B 66 -8.98 -0.21 -3.26
C LEU B 66 -7.81 0.74 -3.44
N GLU B 67 -7.18 0.72 -4.61
CA GLU B 67 -6.08 1.64 -4.87
C GLU B 67 -6.54 3.09 -4.82
N ASN B 68 -7.84 3.34 -4.69
CA ASN B 68 -8.32 4.71 -4.59
C ASN B 68 -8.78 5.05 -3.17
N VAL B 69 -8.98 4.05 -2.33
CA VAL B 69 -9.33 4.33 -0.94
C VAL B 69 -8.08 4.34 -0.08
N ILE B 70 -7.29 3.26 -0.14
CA ILE B 70 -6.09 3.16 0.68
C ILE B 70 -5.13 4.32 0.39
N ARG B 71 -4.91 4.62 -0.90
CA ARG B 71 -4.03 5.72 -1.26
C ARG B 71 -4.45 7.04 -0.61
N ASP B 72 -5.73 7.15 -0.25
CA ASP B 72 -6.17 8.32 0.50
C ASP B 72 -5.95 8.11 1.99
N ALA B 73 -6.38 6.96 2.52
CA ALA B 73 -6.20 6.67 3.93
C ALA B 73 -4.74 6.83 4.33
N VAL B 74 -3.84 6.16 3.61
CA VAL B 74 -2.41 6.29 3.86
C VAL B 74 -2.02 7.76 3.92
N THR B 75 -2.50 8.56 2.97
CA THR B 75 -2.11 9.97 2.91
C THR B 75 -2.49 10.70 4.19
N TYR B 76 -3.65 10.36 4.76
CA TYR B 76 -4.00 10.92 6.07
C TYR B 76 -3.02 10.46 7.13
N THR B 77 -2.74 9.15 7.17
CA THR B 77 -1.84 8.61 8.17
C THR B 77 -0.44 9.20 8.04
N GLU B 78 0.12 9.17 6.83
CA GLU B 78 1.43 9.79 6.59
C GLU B 78 1.45 11.25 7.03
N HIS B 79 0.28 11.87 7.14
CA HIS B 79 0.24 13.25 7.61
C HIS B 79 0.44 13.34 9.11
N ALA B 80 -0.38 12.62 9.87
CA ALA B 80 -0.33 12.76 11.33
C ALA B 80 0.87 12.12 11.95
N LYS B 81 1.85 11.69 11.16
CA LYS B 81 3.07 11.06 11.67
C LYS B 81 2.73 9.81 12.48
N ARG B 82 2.07 8.86 11.81
CA ARG B 82 1.69 7.60 12.42
C ARG B 82 2.03 6.47 11.48
N LYS B 83 2.02 5.25 12.01
CA LYS B 83 2.28 4.06 11.22
C LYS B 83 1.17 3.02 11.33
N THR B 84 0.02 3.39 11.87
CA THR B 84 -1.14 2.51 11.95
C THR B 84 -2.33 3.22 11.34
N VAL B 85 -2.80 2.72 10.20
CA VAL B 85 -3.95 3.30 9.54
C VAL B 85 -5.19 3.03 10.39
N THR B 86 -5.70 4.08 11.03
CA THR B 86 -6.80 3.98 11.96
C THR B 86 -8.12 3.94 11.21
N ALA B 87 -9.13 3.33 11.84
CA ALA B 87 -10.45 3.22 11.23
C ALA B 87 -10.99 4.59 10.82
N MET B 88 -10.73 5.61 11.64
CA MET B 88 -11.17 6.95 11.29
C MET B 88 -10.53 7.43 10.00
N ASP B 89 -9.31 7.00 9.71
CA ASP B 89 -8.65 7.41 8.47
C ASP B 89 -9.36 6.80 7.27
N VAL B 90 -9.73 5.53 7.34
CA VAL B 90 -10.45 4.91 6.25
C VAL B 90 -11.83 5.55 6.09
N VAL B 91 -12.48 5.85 7.21
CA VAL B 91 -13.80 6.50 7.14
C VAL B 91 -13.69 7.85 6.47
N TYR B 92 -12.63 8.61 6.76
CA TYR B 92 -12.44 9.90 6.12
C TYR B 92 -12.13 9.76 4.64
N ALA B 93 -11.26 8.81 4.29
CA ALA B 93 -10.94 8.56 2.88
C ALA B 93 -12.20 8.20 2.10
N LEU B 94 -13.10 7.45 2.72
CA LEU B 94 -14.37 7.13 2.08
C LEU B 94 -15.25 8.37 1.94
N LYS B 95 -15.49 9.05 3.06
CA LYS B 95 -16.35 10.24 3.06
C LYS B 95 -15.90 11.25 2.02
N ARG B 96 -14.60 11.34 1.77
CA ARG B 96 -14.11 12.30 0.79
C ARG B 96 -14.60 11.94 -0.61
N GLN B 97 -14.68 10.65 -0.91
CA GLN B 97 -15.10 10.18 -2.22
C GLN B 97 -16.61 10.13 -2.39
N GLY B 98 -17.36 10.77 -1.49
CA GLY B 98 -18.81 10.73 -1.59
C GLY B 98 -19.40 9.36 -1.38
N ARG B 99 -18.77 8.55 -0.54
CA ARG B 99 -19.21 7.19 -0.24
C ARG B 99 -19.14 6.94 1.26
N THR B 100 -19.71 7.87 2.03
CA THR B 100 -19.54 7.87 3.48
C THR B 100 -20.02 6.56 4.10
N LEU B 101 -19.60 6.34 5.35
CA LEU B 101 -19.75 5.06 6.01
C LEU B 101 -20.07 5.28 7.48
N TYR B 102 -21.30 4.96 7.88
CA TYR B 102 -21.71 5.05 9.27
C TYR B 102 -21.39 3.74 9.99
N GLY B 103 -20.93 3.87 11.23
CA GLY B 103 -20.77 2.72 12.10
C GLY B 103 -19.36 2.43 12.55
N PHE B 104 -18.36 3.22 12.17
CA PHE B 104 -16.97 2.99 12.58
C PHE B 104 -16.35 4.16 13.35
N GLY B 105 -17.09 5.26 13.56
CA GLY B 105 -16.59 6.41 14.27
C GLY B 105 -16.91 7.70 13.54
N GLY B 106 -16.77 8.80 14.29
CA GLY B 106 -17.04 10.12 13.76
C GLY B 106 -17.29 11.14 14.86
N THR C 20 7.98 43.29 -2.12
CA THR C 20 6.76 42.49 -1.95
C THR C 20 7.10 41.06 -1.57
N ARG C 21 6.08 40.20 -1.56
CA ARG C 21 6.29 38.78 -1.29
C ARG C 21 6.12 37.89 -2.50
N SER C 22 5.33 38.28 -3.50
CA SER C 22 5.24 37.48 -4.71
C SER C 22 6.57 37.46 -5.45
N SER C 23 7.33 38.54 -5.37
CA SER C 23 8.64 38.59 -5.99
C SER C 23 9.67 37.85 -5.15
N ARG C 24 9.52 37.92 -3.82
CA ARG C 24 10.50 37.32 -2.92
C ARG C 24 10.45 35.80 -2.95
N ALA C 25 9.55 35.23 -3.75
CA ALA C 25 9.46 33.79 -3.90
C ALA C 25 9.46 33.33 -5.35
N GLY C 26 9.72 34.21 -6.30
CA GLY C 26 9.71 33.82 -7.70
C GLY C 26 8.35 33.47 -8.24
N LEU C 27 7.29 33.91 -7.59
CA LEU C 27 5.93 33.58 -7.98
C LEU C 27 5.32 34.70 -8.81
N GLN C 28 4.17 34.40 -9.41
CA GLN C 28 3.43 35.41 -10.17
C GLN C 28 2.09 35.75 -9.57
N PHE C 29 1.40 34.79 -8.93
CA PHE C 29 0.15 35.11 -8.24
C PHE C 29 0.44 35.91 -6.98
N PRO C 30 -0.53 36.64 -6.46
CA PRO C 30 -0.28 37.44 -5.25
C PRO C 30 -0.28 36.59 -4.00
N VAL C 31 0.74 36.75 -3.15
CA VAL C 31 0.77 36.00 -1.91
C VAL C 31 -0.03 36.69 -0.83
N GLY C 32 0.04 38.02 -0.77
CA GLY C 32 -0.72 38.76 0.21
C GLY C 32 -2.21 38.55 0.10
N ARG C 33 -2.71 38.53 -1.14
CA ARG C 33 -4.13 38.32 -1.37
C ARG C 33 -4.56 36.94 -0.90
N VAL C 34 -3.76 35.92 -1.20
CA VAL C 34 -4.09 34.57 -0.77
C VAL C 34 -4.05 34.47 0.75
N HIS C 35 -3.10 35.15 1.39
CA HIS C 35 -3.04 35.14 2.85
C HIS C 35 -4.28 35.81 3.45
N ARG C 36 -4.67 36.97 2.92
CA ARG C 36 -5.86 37.63 3.41
C ARG C 36 -7.10 36.76 3.21
N LEU C 37 -7.18 36.08 2.07
CA LEU C 37 -8.32 35.19 1.83
C LEU C 37 -8.34 34.02 2.80
N LEU C 38 -7.17 33.45 3.11
CA LEU C 38 -7.12 32.39 4.10
C LEU C 38 -7.57 32.88 5.47
N ARG C 39 -7.15 34.08 5.85
CA ARG C 39 -7.59 34.62 7.13
C ARG C 39 -9.10 34.85 7.16
N LYS C 40 -9.61 35.66 6.24
CA LYS C 40 -11.00 36.10 6.28
C LYS C 40 -11.99 34.96 6.12
N GLY C 41 -11.72 34.02 5.21
CA GLY C 41 -12.65 32.95 4.93
C GLY C 41 -12.97 32.02 6.08
N ASN C 42 -12.31 32.18 7.23
CA ASN C 42 -12.51 31.32 8.39
C ASN C 42 -12.29 29.85 8.04
N TYR C 43 -11.09 29.54 7.57
CA TYR C 43 -10.70 28.16 7.37
C TYR C 43 -10.00 27.59 8.59
N SER C 44 -9.39 28.44 9.40
CA SER C 44 -8.84 28.02 10.68
C SER C 44 -8.57 29.26 11.52
N GLU C 45 -8.27 29.03 12.79
CA GLU C 45 -8.03 30.13 13.72
C GLU C 45 -6.83 30.96 13.27
N ARG C 46 -5.77 30.31 12.83
CA ARG C 46 -4.56 30.98 12.37
C ARG C 46 -4.07 30.37 11.07
N VAL C 47 -3.12 31.04 10.43
CA VAL C 47 -2.57 30.63 9.14
C VAL C 47 -1.06 30.80 9.22
N GLY C 48 -0.33 29.70 9.07
CA GLY C 48 1.12 29.76 9.05
C GLY C 48 1.64 30.62 7.91
N ALA C 49 2.82 31.20 8.09
CA ALA C 49 3.36 32.07 7.06
C ALA C 49 3.80 31.30 5.81
N GLY C 50 3.96 29.98 5.93
CA GLY C 50 4.39 29.20 4.78
C GLY C 50 3.24 28.78 3.89
N ALA C 51 2.02 28.78 4.41
CA ALA C 51 0.89 28.28 3.63
C ALA C 51 0.56 29.13 2.40
N PRO C 52 0.36 30.44 2.49
CA PRO C 52 -0.06 31.20 1.29
C PRO C 52 0.95 31.11 0.15
N VAL C 53 2.25 31.05 0.44
CA VAL C 53 3.24 30.91 -0.62
C VAL C 53 3.02 29.60 -1.37
N TYR C 54 2.93 28.49 -0.65
CA TYR C 54 2.69 27.19 -1.26
C TYR C 54 1.40 27.21 -2.07
N LEU C 55 0.34 27.80 -1.52
CA LEU C 55 -0.94 27.78 -2.20
C LEU C 55 -0.89 28.60 -3.48
N ALA C 56 -0.25 29.78 -3.43
CA ALA C 56 -0.11 30.57 -4.64
C ALA C 56 0.73 29.85 -5.69
N ALA C 57 1.78 29.14 -5.26
CA ALA C 57 2.59 28.38 -6.21
C ALA C 57 1.76 27.30 -6.90
N VAL C 58 0.95 26.58 -6.12
CA VAL C 58 0.12 25.52 -6.70
C VAL C 58 -0.88 26.11 -7.69
N LEU C 59 -1.57 27.18 -7.28
CA LEU C 59 -2.51 27.84 -8.18
C LEU C 59 -1.82 28.28 -9.46
N GLU C 60 -0.63 28.87 -9.34
CA GLU C 60 0.08 29.36 -10.51
C GLU C 60 0.44 28.22 -11.45
N TYR C 61 0.87 27.09 -10.89
CA TYR C 61 1.24 25.96 -11.73
C TYR C 61 0.02 25.43 -12.47
N LEU C 62 -1.11 25.28 -11.77
CA LEU C 62 -2.31 24.77 -12.43
C LEU C 62 -2.76 25.71 -13.54
N THR C 63 -2.72 27.02 -13.28
CA THR C 63 -3.12 27.97 -14.31
C THR C 63 -2.16 27.94 -15.50
N ALA C 64 -0.86 27.80 -15.24
CA ALA C 64 0.10 27.67 -16.32
C ALA C 64 -0.21 26.45 -17.18
N GLU C 65 -0.53 25.32 -16.55
CA GLU C 65 -0.87 24.12 -17.29
C GLU C 65 -2.09 24.35 -18.18
N ILE C 66 -3.18 24.84 -17.58
CA ILE C 66 -4.41 25.04 -18.35
C ILE C 66 -4.16 26.00 -19.52
N LEU C 67 -3.46 27.09 -19.26
CA LEU C 67 -3.25 28.09 -20.29
C LEU C 67 -2.34 27.58 -21.39
N GLU C 68 -1.33 26.77 -21.05
CA GLU C 68 -0.46 26.20 -22.06
C GLU C 68 -1.24 25.28 -22.99
N LEU C 69 -2.03 24.37 -22.40
CA LEU C 69 -2.84 23.48 -23.23
C LEU C 69 -3.82 24.26 -24.10
N ALA C 70 -4.46 25.29 -23.53
CA ALA C 70 -5.42 26.07 -24.30
C ALA C 70 -4.75 26.82 -25.44
N GLY C 71 -3.58 27.39 -25.19
CA GLY C 71 -2.82 28.06 -26.23
C GLY C 71 -2.45 27.11 -27.36
N ASN C 72 -2.02 25.90 -27.00
CA ASN C 72 -1.73 24.89 -28.01
C ASN C 72 -2.97 24.61 -28.87
N ALA C 73 -4.09 24.34 -28.21
CA ALA C 73 -5.32 24.03 -28.94
C ALA C 73 -5.75 25.19 -29.83
N ALA C 74 -5.55 26.42 -29.36
CA ALA C 74 -5.92 27.58 -30.16
C ALA C 74 -5.02 27.73 -31.38
N ARG C 75 -3.71 27.60 -31.18
CA ARG C 75 -2.78 27.63 -32.31
C ARG C 75 -3.14 26.56 -33.34
N ASP C 76 -3.58 25.39 -32.87
CA ASP C 76 -4.04 24.36 -33.80
C ASP C 76 -5.29 24.79 -34.55
N ASN C 77 -6.02 25.78 -34.03
CA ASN C 77 -7.26 26.25 -34.63
C ASN C 77 -7.09 27.56 -35.39
N LYS C 78 -5.86 28.00 -35.62
CA LYS C 78 -5.57 29.22 -36.37
C LYS C 78 -6.23 30.44 -35.73
N LYS C 79 -5.95 30.62 -34.44
CA LYS C 79 -6.44 31.77 -33.70
C LYS C 79 -5.36 32.20 -32.72
N THR C 80 -5.32 33.51 -32.45
CA THR C 80 -4.35 34.05 -31.51
C THR C 80 -4.95 34.39 -30.16
N ARG C 81 -6.28 34.39 -30.04
CA ARG C 81 -6.97 34.76 -28.81
C ARG C 81 -7.73 33.55 -28.28
N ILE C 82 -7.42 33.17 -27.03
CA ILE C 82 -8.03 32.00 -26.41
C ILE C 82 -9.49 32.31 -26.10
N ILE C 83 -10.39 31.42 -26.52
CA ILE C 83 -11.82 31.59 -26.31
C ILE C 83 -12.34 30.37 -25.56
N PRO C 84 -13.51 30.43 -24.92
CA PRO C 84 -13.97 29.31 -24.08
C PRO C 84 -13.95 27.95 -24.76
N ARG C 85 -14.22 27.88 -26.06
CA ARG C 85 -14.16 26.61 -26.77
C ARG C 85 -12.78 25.99 -26.65
N HIS C 86 -11.73 26.81 -26.77
CA HIS C 86 -10.37 26.29 -26.64
C HIS C 86 -10.11 25.78 -25.24
N LEU C 87 -10.67 26.44 -24.23
CA LEU C 87 -10.52 25.96 -22.86
C LEU C 87 -11.20 24.61 -22.68
N GLN C 88 -12.43 24.49 -23.17
CA GLN C 88 -13.15 23.23 -23.07
C GLN C 88 -12.37 22.11 -23.77
N LEU C 89 -11.78 22.41 -24.92
CA LEU C 89 -11.03 21.39 -25.65
C LEU C 89 -9.76 21.00 -24.89
N ALA C 90 -9.04 22.00 -24.38
CA ALA C 90 -7.80 21.70 -23.66
C ALA C 90 -8.07 20.98 -22.35
N ILE C 91 -9.28 21.11 -21.82
CA ILE C 91 -9.62 20.41 -20.58
C ILE C 91 -10.07 18.99 -20.86
N ARG C 92 -10.97 18.81 -21.83
CA ARG C 92 -11.50 17.47 -22.09
C ARG C 92 -10.46 16.58 -22.76
N ASN C 93 -9.62 17.14 -23.64
CA ASN C 93 -8.65 16.31 -24.34
C ASN C 93 -7.66 15.67 -23.39
N ASP C 94 -7.04 16.46 -22.51
CA ASP C 94 -6.09 15.93 -21.55
C ASP C 94 -6.81 15.00 -20.59
N GLU C 95 -6.07 14.08 -19.97
CA GLU C 95 -6.71 13.08 -19.12
C GLU C 95 -6.74 13.52 -17.66
N GLU C 96 -5.57 13.86 -17.10
CA GLU C 96 -5.50 14.22 -15.68
C GLU C 96 -6.40 15.41 -15.35
N LEU C 97 -6.41 16.43 -16.22
CA LEU C 97 -7.27 17.58 -15.97
C LEU C 97 -8.74 17.20 -16.07
N ASN C 98 -9.11 16.41 -17.09
CA ASN C 98 -10.46 15.90 -17.19
C ASN C 98 -10.88 15.21 -15.89
N LYS C 99 -9.99 14.43 -15.30
CA LYS C 99 -10.29 13.76 -14.04
C LYS C 99 -10.46 14.77 -12.92
N LEU C 100 -9.63 15.82 -12.93
CA LEU C 100 -9.75 16.88 -11.92
C LEU C 100 -11.05 17.64 -12.07
N LEU C 101 -11.29 18.18 -13.25
CA LEU C 101 -12.49 18.96 -13.54
C LEU C 101 -13.60 18.08 -14.11
N GLY C 102 -14.03 17.09 -13.32
CA GLY C 102 -14.98 16.10 -13.82
C GLY C 102 -16.40 16.61 -13.95
N ARG C 103 -16.91 17.28 -12.91
CA ARG C 103 -18.31 17.67 -12.84
C ARG C 103 -18.50 19.16 -13.00
N VAL C 104 -17.74 19.80 -13.88
CA VAL C 104 -17.84 21.23 -14.12
C VAL C 104 -18.24 21.45 -15.57
N THR C 105 -19.19 22.36 -15.79
CA THR C 105 -19.63 22.74 -17.12
C THR C 105 -19.16 24.15 -17.44
N ILE C 106 -18.65 24.34 -18.65
CA ILE C 106 -18.05 25.59 -19.07
C ILE C 106 -19.02 26.28 -20.02
N ALA C 107 -19.51 27.45 -19.62
CA ALA C 107 -20.43 28.22 -20.46
C ALA C 107 -19.80 28.52 -21.80
N GLN C 108 -20.58 28.36 -22.86
CA GLN C 108 -20.09 28.51 -24.24
C GLN C 108 -18.92 27.58 -24.51
N GLY C 109 -18.97 26.39 -23.93
CA GLY C 109 -17.85 25.46 -24.00
C GLY C 109 -17.90 24.51 -25.19
N GLY C 110 -19.10 24.07 -25.56
CA GLY C 110 -19.19 23.06 -26.59
C GLY C 110 -18.81 21.69 -26.07
N VAL C 111 -18.78 20.73 -26.99
CA VAL C 111 -18.55 19.33 -26.66
C VAL C 111 -17.44 18.80 -27.56
N LEU C 112 -16.72 17.79 -27.06
CA LEU C 112 -15.74 17.11 -27.88
C LEU C 112 -16.39 16.49 -29.11
N PRO C 113 -15.76 16.58 -30.28
CA PRO C 113 -16.30 15.92 -31.48
C PRO C 113 -16.03 14.43 -31.42
N ASN C 114 -17.09 13.64 -31.38
CA ASN C 114 -16.95 12.18 -31.39
C ASN C 114 -18.25 11.57 -31.89
N ILE C 115 -18.15 10.54 -32.71
CA ILE C 115 -19.29 9.78 -33.21
C ILE C 115 -19.01 8.31 -32.94
N GLN C 116 -19.96 7.64 -32.29
CA GLN C 116 -19.77 6.24 -31.97
C GLN C 116 -19.62 5.42 -33.24
N ALA C 117 -18.81 4.37 -33.15
CA ALA C 117 -18.44 3.56 -34.32
C ALA C 117 -19.64 2.96 -35.02
N VAL C 118 -20.59 2.44 -34.26
CA VAL C 118 -21.77 1.76 -34.80
C VAL C 118 -22.58 2.71 -35.66
N LEU C 119 -22.61 4.00 -35.28
CA LEU C 119 -23.41 4.97 -36.00
C LEU C 119 -22.84 5.31 -37.37
N LEU C 120 -21.51 5.27 -37.51
CA LEU C 120 -20.88 5.61 -38.78
C LEU C 120 -21.41 4.68 -39.88
N PRO C 121 -21.44 5.14 -41.13
CA PRO C 121 -22.05 4.34 -42.19
C PRO C 121 -21.19 3.14 -42.56
N LYS C 122 -21.84 2.17 -43.20
CA LYS C 122 -21.20 0.92 -43.60
C LYS C 122 -21.09 0.81 -45.11
N ARG D 35 -18.55 53.84 -5.47
CA ARG D 35 -18.31 52.75 -6.40
C ARG D 35 -17.39 51.70 -5.79
N SER D 36 -17.93 50.50 -5.56
CA SER D 36 -17.19 49.44 -4.90
C SER D 36 -15.99 49.01 -5.75
N ARG D 37 -14.93 48.59 -5.07
CA ARG D 37 -13.70 48.14 -5.73
C ARG D 37 -13.58 46.62 -5.58
N LYS D 38 -14.12 45.91 -6.58
CA LYS D 38 -14.08 44.46 -6.56
C LYS D 38 -12.75 43.96 -7.11
N GLU D 39 -12.27 42.84 -6.58
CA GLU D 39 -10.99 42.30 -7.00
C GLU D 39 -11.19 41.06 -7.88
N SER D 40 -10.08 40.58 -8.44
CA SER D 40 -10.09 39.41 -9.32
C SER D 40 -8.64 38.96 -9.50
N TYR D 41 -8.45 37.97 -10.37
CA TYR D 41 -7.13 37.44 -10.68
C TYR D 41 -6.72 37.71 -12.12
N SER D 42 -7.32 38.70 -12.78
CA SER D 42 -7.13 38.92 -14.21
C SER D 42 -5.67 39.15 -14.59
N ILE D 43 -5.06 40.18 -14.01
CA ILE D 43 -3.71 40.58 -14.43
C ILE D 43 -2.71 39.47 -14.19
N TYR D 44 -2.91 38.66 -13.15
CA TYR D 44 -1.98 37.57 -12.86
C TYR D 44 -2.08 36.47 -13.91
N VAL D 45 -3.30 36.11 -14.31
CA VAL D 45 -3.47 35.14 -15.38
C VAL D 45 -2.88 35.67 -16.67
N TYR D 46 -3.03 36.97 -16.90
CA TYR D 46 -2.40 37.59 -18.07
C TYR D 46 -0.89 37.42 -18.03
N LYS D 47 -0.28 37.69 -16.87
CA LYS D 47 1.17 37.54 -16.76
C LYS D 47 1.61 36.11 -17.02
N VAL D 48 0.86 35.14 -16.48
CA VAL D 48 1.22 33.74 -16.70
C VAL D 48 1.09 33.39 -18.18
N LEU D 49 0.02 33.84 -18.83
CA LEU D 49 -0.15 33.58 -20.25
C LEU D 49 0.99 34.16 -21.06
N LYS D 50 1.41 35.40 -20.72
CA LYS D 50 2.52 36.01 -21.44
C LYS D 50 3.82 35.25 -21.21
N GLN D 51 4.01 34.69 -20.02
CA GLN D 51 5.18 33.86 -19.79
C GLN D 51 5.15 32.56 -20.58
N VAL D 52 3.97 31.95 -20.80
CA VAL D 52 3.89 30.59 -21.37
C VAL D 52 3.58 30.53 -22.87
N HIS D 53 2.89 31.52 -23.45
CA HIS D 53 2.64 31.68 -24.88
C HIS D 53 2.71 33.16 -25.27
N PRO D 54 3.91 33.71 -25.50
CA PRO D 54 4.10 35.16 -25.66
C PRO D 54 3.32 35.79 -26.82
N ASP D 55 2.98 35.00 -27.83
CA ASP D 55 2.19 35.41 -29.01
C ASP D 55 0.69 35.59 -28.74
N THR D 56 0.17 35.06 -27.63
CA THR D 56 -1.26 34.75 -27.45
C THR D 56 -1.99 35.76 -26.57
N GLY D 57 -3.20 36.15 -26.95
CA GLY D 57 -4.13 36.95 -26.13
C GLY D 57 -5.21 36.09 -25.49
N ILE D 58 -5.96 36.62 -24.54
CA ILE D 58 -7.08 35.90 -23.92
C ILE D 58 -8.35 36.72 -23.94
N SER D 59 -9.43 36.15 -24.44
CA SER D 59 -10.71 36.84 -24.53
C SER D 59 -11.27 37.10 -23.13
N SER D 60 -12.19 38.06 -23.07
CA SER D 60 -12.76 38.45 -21.78
C SER D 60 -13.54 37.31 -21.13
N LYS D 61 -14.29 36.56 -21.93
CA LYS D 61 -15.06 35.45 -21.37
C LYS D 61 -14.14 34.35 -20.87
N ALA D 62 -13.10 34.02 -21.62
CA ALA D 62 -12.12 33.07 -21.12
C ALA D 62 -11.41 33.61 -19.89
N MET D 63 -11.25 34.93 -19.78
CA MET D 63 -10.70 35.52 -18.57
C MET D 63 -11.61 35.27 -17.38
N GLY D 64 -12.92 35.49 -17.55
CA GLY D 64 -13.84 35.19 -16.47
C GLY D 64 -13.82 33.73 -16.09
N ILE D 65 -13.69 32.85 -17.08
CA ILE D 65 -13.68 31.41 -16.80
C ILE D 65 -12.44 31.05 -16.01
N MET D 66 -11.27 31.54 -16.42
CA MET D 66 -10.05 31.26 -15.67
C MET D 66 -10.11 31.82 -14.27
N ASN D 67 -10.71 33.02 -14.11
CA ASN D 67 -10.89 33.58 -12.77
C ASN D 67 -11.72 32.65 -11.90
N SER D 68 -12.87 32.22 -12.40
CA SER D 68 -13.73 31.34 -11.61
C SER D 68 -13.05 30.02 -11.31
N PHE D 69 -12.22 29.54 -12.24
CA PHE D 69 -11.52 28.28 -12.05
C PHE D 69 -10.50 28.39 -10.94
N VAL D 70 -9.71 29.46 -10.95
CA VAL D 70 -8.74 29.70 -9.88
C VAL D 70 -9.46 29.79 -8.54
N ASN D 71 -10.55 30.57 -8.50
CA ASN D 71 -11.32 30.69 -7.27
C ASN D 71 -11.77 29.32 -6.77
N ASP D 72 -12.28 28.49 -7.66
CA ASP D 72 -12.83 27.20 -7.24
C ASP D 72 -11.74 26.28 -6.71
N ILE D 73 -10.61 26.17 -7.40
CA ILE D 73 -9.50 25.32 -6.96
C ILE D 73 -8.99 25.81 -5.61
N PHE D 74 -8.81 27.11 -5.46
CA PHE D 74 -8.33 27.66 -4.19
C PHE D 74 -9.31 27.31 -3.07
N GLU D 75 -10.61 27.39 -3.37
CA GLU D 75 -11.61 27.03 -2.37
C GLU D 75 -11.49 25.57 -1.96
N ARG D 76 -11.37 24.67 -2.95
CA ARG D 76 -11.24 23.26 -2.63
C ARG D 76 -10.03 23.00 -1.75
N ILE D 77 -8.87 23.55 -2.13
CA ILE D 77 -7.65 23.27 -1.39
C ILE D 77 -7.73 23.83 0.02
N ALA D 78 -8.25 25.05 0.17
CA ALA D 78 -8.37 25.63 1.50
C ALA D 78 -9.32 24.82 2.38
N GLY D 79 -10.46 24.40 1.82
CA GLY D 79 -11.38 23.57 2.58
C GLY D 79 -10.76 22.27 3.04
N GLU D 80 -9.99 21.63 2.16
CA GLU D 80 -9.36 20.37 2.53
C GLU D 80 -8.31 20.57 3.61
N ALA D 81 -7.52 21.63 3.50
CA ALA D 81 -6.53 21.92 4.54
C ALA D 81 -7.22 22.20 5.87
N SER D 82 -8.36 22.89 5.82
CA SER D 82 -9.11 23.15 7.04
C SER D 82 -9.59 21.85 7.69
N ARG D 83 -10.13 20.95 6.88
CA ARG D 83 -10.63 19.70 7.44
C ARG D 83 -9.50 18.85 7.99
N LEU D 84 -8.34 18.87 7.33
CA LEU D 84 -7.16 18.21 7.89
C LEU D 84 -6.80 18.77 9.27
N ALA D 85 -6.65 20.11 9.34
CA ALA D 85 -6.28 20.76 10.59
C ALA D 85 -7.27 20.41 11.70
N HIS D 86 -8.55 20.32 11.37
CA HIS D 86 -9.53 19.96 12.37
C HIS D 86 -9.39 18.49 12.78
N TYR D 87 -9.15 17.62 11.80
CA TYR D 87 -9.01 16.19 12.11
C TYR D 87 -7.86 15.93 13.07
N ASN D 88 -6.73 16.61 12.88
CA ASN D 88 -5.58 16.41 13.75
C ASN D 88 -5.66 17.25 15.02
N LYS D 89 -6.78 17.90 15.28
CA LYS D 89 -7.00 18.73 16.46
C LYS D 89 -5.90 19.77 16.61
N ARG D 90 -5.47 20.31 15.47
CA ARG D 90 -4.51 21.40 15.44
C ARG D 90 -5.21 22.62 14.86
N SER D 91 -4.74 23.81 15.26
CA SER D 91 -5.47 25.04 14.99
C SER D 91 -4.82 25.92 13.94
N THR D 92 -3.77 25.46 13.27
CA THR D 92 -3.10 26.28 12.26
C THR D 92 -2.93 25.51 10.97
N ILE D 93 -3.07 26.23 9.85
CA ILE D 93 -2.86 25.68 8.52
C ILE D 93 -1.45 26.06 8.08
N THR D 94 -0.48 25.21 8.37
CA THR D 94 0.86 25.44 7.85
C THR D 94 1.02 24.72 6.52
N SER D 95 2.19 24.89 5.91
CA SER D 95 2.43 24.39 4.56
C SER D 95 2.18 22.90 4.44
N ARG D 96 2.38 22.16 5.54
CA ARG D 96 2.20 20.71 5.49
C ARG D 96 0.77 20.32 5.12
N GLU D 97 -0.22 20.98 5.74
CA GLU D 97 -1.61 20.68 5.41
C GLU D 97 -1.92 21.03 3.97
N ILE D 98 -1.33 22.12 3.47
CA ILE D 98 -1.56 22.50 2.07
C ILE D 98 -0.99 21.43 1.14
N GLN D 99 0.20 20.92 1.47
CA GLN D 99 0.82 19.90 0.64
C GLN D 99 0.00 18.62 0.66
N THR D 100 -0.50 18.24 1.82
CA THR D 100 -1.33 17.04 1.89
C THR D 100 -2.66 17.23 1.16
N ALA D 101 -3.26 18.42 1.26
CA ALA D 101 -4.48 18.69 0.52
C ALA D 101 -4.24 18.61 -0.98
N VAL D 102 -3.08 19.07 -1.44
CA VAL D 102 -2.75 18.98 -2.86
C VAL D 102 -2.59 17.52 -3.26
N ARG D 103 -1.86 16.73 -2.47
CA ARG D 103 -1.72 15.31 -2.76
C ARG D 103 -3.06 14.59 -2.74
N LEU D 104 -4.05 15.11 -2.03
CA LEU D 104 -5.35 14.46 -1.98
C LEU D 104 -6.23 14.85 -3.16
N LEU D 105 -6.25 16.13 -3.52
CA LEU D 105 -7.23 16.61 -4.49
C LEU D 105 -6.86 16.29 -5.93
N LEU D 106 -5.58 16.36 -6.27
CA LEU D 106 -5.19 16.29 -7.67
C LEU D 106 -4.81 14.86 -8.06
N PRO D 107 -4.97 14.50 -9.33
CA PRO D 107 -4.52 13.18 -9.80
C PRO D 107 -3.01 13.06 -9.70
N GLY D 108 -2.49 11.87 -10.01
CA GLY D 108 -1.11 11.53 -9.74
C GLY D 108 -0.05 12.48 -10.26
N GLU D 109 0.09 12.58 -11.59
CA GLU D 109 1.15 13.39 -12.17
C GLU D 109 1.00 14.86 -11.81
N LEU D 110 -0.23 15.38 -11.91
CA LEU D 110 -0.47 16.77 -11.56
C LEU D 110 -0.13 17.03 -10.10
N ALA D 111 -0.47 16.09 -9.22
CA ALA D 111 -0.15 16.27 -7.81
C ALA D 111 1.34 16.28 -7.57
N LYS D 112 2.07 15.37 -8.23
CA LYS D 112 3.52 15.33 -8.06
C LYS D 112 4.17 16.64 -8.51
N HIS D 113 3.77 17.12 -9.69
CA HIS D 113 4.32 18.38 -10.20
C HIS D 113 3.98 19.54 -9.27
N ALA D 114 2.73 19.59 -8.78
CA ALA D 114 2.32 20.68 -7.92
C ALA D 114 3.09 20.68 -6.60
N VAL D 115 3.30 19.51 -6.02
CA VAL D 115 4.07 19.42 -4.78
C VAL D 115 5.51 19.86 -5.02
N SER D 116 6.09 19.45 -6.15
CA SER D 116 7.45 19.89 -6.46
C SER D 116 7.52 21.41 -6.53
N GLU D 117 6.58 22.01 -7.26
CA GLU D 117 6.52 23.47 -7.40
C GLU D 117 6.38 24.14 -6.04
N GLY D 118 5.48 23.62 -5.21
CA GLY D 118 5.26 24.16 -3.89
C GLY D 118 6.50 24.17 -3.03
N THR D 119 7.18 23.02 -2.96
CA THR D 119 8.38 22.94 -2.14
C THR D 119 9.48 23.85 -2.67
N LYS D 120 9.62 23.94 -4.00
CA LYS D 120 10.62 24.82 -4.58
C LYS D 120 10.34 26.27 -4.20
N ALA D 121 9.07 26.69 -4.32
CA ALA D 121 8.71 28.06 -3.98
C ALA D 121 8.94 28.35 -2.51
N VAL D 122 8.55 27.43 -1.63
CA VAL D 122 8.74 27.66 -0.19
C VAL D 122 10.21 27.76 0.15
N THR D 123 11.04 26.91 -0.46
CA THR D 123 12.46 26.95 -0.17
C THR D 123 13.08 28.27 -0.66
N LYS D 124 12.75 28.68 -1.89
CA LYS D 124 13.28 29.94 -2.39
C LYS D 124 12.80 31.12 -1.56
N TYR D 125 11.58 31.04 -1.03
CA TYR D 125 11.08 32.11 -0.16
C TYR D 125 11.87 32.17 1.14
N THR D 126 11.92 31.06 1.87
CA THR D 126 12.60 31.03 3.15
C THR D 126 14.09 31.35 3.05
N SER D 127 14.77 30.85 2.03
CA SER D 127 16.20 31.06 1.87
C SER D 127 16.54 32.54 1.69
N ALA D 128 16.03 33.15 0.63
CA ALA D 128 16.34 34.54 0.34
C ALA D 128 15.51 35.48 1.21
N LYS D 129 15.90 36.74 1.21
CA LYS D 129 15.22 37.76 2.02
C LYS D 129 15.54 39.15 1.49
N HIS E 39 -31.56 16.00 -55.59
CA HIS E 39 -32.03 14.62 -55.50
C HIS E 39 -32.53 14.29 -54.10
N ARG E 40 -32.14 13.12 -53.59
CA ARG E 40 -32.59 12.64 -52.30
C ARG E 40 -31.43 12.01 -51.55
N TYR E 41 -31.18 12.49 -50.34
CA TYR E 41 -30.21 11.85 -49.45
C TYR E 41 -30.85 10.65 -48.78
N ARG E 42 -30.17 9.51 -48.84
CA ARG E 42 -30.70 8.31 -48.22
C ARG E 42 -30.81 8.50 -46.72
N PRO E 43 -31.91 8.07 -46.10
CA PRO E 43 -32.08 8.28 -44.65
C PRO E 43 -30.93 7.73 -43.82
N GLY E 44 -30.25 8.61 -43.11
CA GLY E 44 -29.13 8.23 -42.26
C GLY E 44 -27.85 9.02 -42.49
N THR E 45 -27.84 9.93 -43.47
CA THR E 45 -26.65 10.74 -43.72
C THR E 45 -26.83 12.20 -43.32
N VAL E 46 -28.04 12.74 -43.44
CA VAL E 46 -28.28 14.09 -42.95
C VAL E 46 -28.10 14.15 -41.44
N ALA E 47 -28.43 13.07 -40.74
CA ALA E 47 -28.20 13.01 -39.30
C ALA E 47 -26.72 13.10 -38.98
N LEU E 48 -25.89 12.37 -39.73
CA LEU E 48 -24.45 12.41 -39.48
C LEU E 48 -23.87 13.78 -39.82
N ARG E 49 -24.36 14.39 -40.89
CA ARG E 49 -23.89 15.74 -41.22
C ARG E 49 -24.30 16.74 -40.14
N GLU E 50 -25.52 16.61 -39.62
CA GLU E 50 -25.96 17.46 -38.53
C GLU E 50 -25.10 17.26 -37.30
N ILE E 51 -24.74 16.00 -37.00
CA ILE E 51 -23.84 15.73 -35.87
C ILE E 51 -22.52 16.48 -36.07
N ARG E 52 -21.89 16.25 -37.22
CA ARG E 52 -20.59 16.87 -37.49
C ARG E 52 -20.68 18.39 -37.41
N ARG E 53 -21.84 18.96 -37.76
CA ARG E 53 -21.97 20.40 -37.74
C ARG E 53 -22.22 20.94 -36.33
N TYR E 54 -23.05 20.25 -35.55
CA TYR E 54 -23.44 20.77 -34.25
C TYR E 54 -22.38 20.51 -33.19
N GLN E 55 -21.62 19.43 -33.31
CA GLN E 55 -20.55 19.20 -32.33
C GLN E 55 -19.39 20.17 -32.52
N LYS E 56 -19.36 20.91 -33.62
CA LYS E 56 -18.31 21.89 -33.84
C LYS E 56 -18.65 23.26 -33.28
N SER E 57 -19.92 23.64 -33.28
CA SER E 57 -20.34 24.95 -32.81
C SER E 57 -20.64 24.91 -31.32
N THR E 58 -20.75 26.10 -30.73
CA THR E 58 -20.98 26.24 -29.30
C THR E 58 -22.18 27.12 -28.98
N GLU E 59 -22.88 27.63 -29.99
CA GLU E 59 -24.02 28.50 -29.75
C GLU E 59 -25.17 27.71 -29.14
N LEU E 60 -26.14 28.43 -28.58
CA LEU E 60 -27.20 27.81 -27.80
C LEU E 60 -28.30 27.26 -28.70
N LEU E 61 -28.89 26.15 -28.28
CA LEU E 61 -29.82 25.40 -29.11
C LEU E 61 -31.27 25.50 -28.68
N ILE E 62 -31.55 26.08 -27.51
CA ILE E 62 -32.92 26.29 -27.04
C ILE E 62 -33.26 27.76 -27.22
N ARG E 63 -34.42 28.02 -27.84
CA ARG E 63 -34.81 29.39 -28.13
C ARG E 63 -34.94 30.19 -26.84
N LYS E 64 -34.37 31.41 -26.86
CA LYS E 64 -34.20 32.17 -25.62
C LYS E 64 -35.54 32.51 -24.97
N LEU E 65 -36.49 33.01 -25.75
CA LEU E 65 -37.73 33.51 -25.16
C LEU E 65 -38.64 32.40 -24.64
N PRO E 66 -38.84 31.29 -25.37
CA PRO E 66 -39.59 30.18 -24.78
C PRO E 66 -38.99 29.67 -23.50
N PHE E 67 -37.67 29.54 -23.43
CA PHE E 67 -37.03 29.05 -22.22
C PHE E 67 -37.19 30.05 -21.08
N GLN E 68 -37.10 31.35 -21.41
CA GLN E 68 -37.30 32.36 -20.37
C GLN E 68 -38.71 32.31 -19.80
N ARG E 69 -39.71 32.17 -20.68
CA ARG E 69 -41.08 32.06 -20.20
C ARG E 69 -41.28 30.78 -19.39
N LEU E 70 -40.62 29.68 -19.77
CA LEU E 70 -40.71 28.47 -18.98
C LEU E 70 -40.12 28.66 -17.60
N VAL E 71 -38.95 29.32 -17.51
CA VAL E 71 -38.32 29.57 -16.22
C VAL E 71 -39.23 30.42 -15.34
N ARG E 72 -39.83 31.45 -15.93
CA ARG E 72 -40.74 32.30 -15.15
C ARG E 72 -41.95 31.50 -14.67
N GLU E 73 -42.54 30.70 -15.55
CA GLU E 73 -43.68 29.86 -15.16
C GLU E 73 -43.32 28.96 -13.99
N ILE E 74 -42.14 28.35 -14.03
CA ILE E 74 -41.75 27.44 -12.96
C ILE E 74 -41.48 28.21 -11.66
N ALA E 75 -40.90 29.41 -11.77
CA ALA E 75 -40.65 30.19 -10.56
C ALA E 75 -41.94 30.77 -9.99
N GLN E 76 -43.01 30.77 -10.78
CA GLN E 76 -44.28 31.31 -10.32
C GLN E 76 -44.82 30.55 -9.12
N ASP E 77 -44.43 29.28 -8.96
CA ASP E 77 -45.02 28.45 -7.93
C ASP E 77 -44.33 28.60 -6.58
N PHE E 78 -43.07 29.06 -6.56
CA PHE E 78 -42.31 29.12 -5.31
C PHE E 78 -42.37 30.48 -4.64
N LYS E 79 -42.43 31.57 -5.40
CA LYS E 79 -42.58 32.89 -4.83
C LYS E 79 -43.14 33.82 -5.88
N THR E 80 -44.30 34.40 -5.60
CA THR E 80 -45.00 35.24 -6.55
C THR E 80 -44.24 36.54 -6.78
N ASP E 81 -44.29 37.02 -8.02
CA ASP E 81 -43.69 38.29 -8.42
C ASP E 81 -42.19 38.31 -8.13
N LEU E 82 -41.48 37.42 -8.80
CA LEU E 82 -40.02 37.38 -8.78
C LEU E 82 -39.46 37.94 -10.06
N ARG E 83 -38.36 38.68 -9.94
CA ARG E 83 -37.68 39.28 -11.08
C ARG E 83 -36.37 38.55 -11.32
N PHE E 84 -36.10 38.23 -12.58
CA PHE E 84 -34.94 37.46 -12.96
C PHE E 84 -33.91 38.33 -13.68
N GLN E 85 -32.72 38.41 -13.10
CA GLN E 85 -31.60 38.98 -13.83
C GLN E 85 -31.35 38.17 -15.10
N SER E 86 -31.27 38.86 -16.23
CA SER E 86 -31.12 38.17 -17.51
C SER E 86 -29.90 37.25 -17.51
N SER E 87 -28.82 37.66 -16.86
CA SER E 87 -27.65 36.79 -16.76
C SER E 87 -27.99 35.48 -16.06
N ALA E 88 -28.88 35.52 -15.06
CA ALA E 88 -29.28 34.29 -14.39
C ALA E 88 -30.06 33.38 -15.32
N VAL E 89 -30.92 33.94 -16.18
CA VAL E 89 -31.63 33.10 -17.15
C VAL E 89 -30.64 32.48 -18.14
N MET E 90 -29.63 33.24 -18.55
CA MET E 90 -28.61 32.68 -19.42
C MET E 90 -27.88 31.52 -18.73
N ALA E 91 -27.54 31.70 -17.45
CA ALA E 91 -26.88 30.64 -16.70
C ALA E 91 -27.75 29.40 -16.60
N LEU E 92 -29.04 29.60 -16.32
CA LEU E 92 -29.97 28.49 -16.27
C LEU E 92 -30.03 27.74 -17.60
N GLN E 93 -30.03 28.49 -18.70
CA GLN E 93 -30.10 27.85 -20.01
C GLN E 93 -28.84 27.05 -20.29
N GLU E 94 -27.68 27.60 -19.92
CA GLU E 94 -26.43 26.86 -20.13
C GLU E 94 -26.41 25.58 -19.31
N ALA E 95 -26.89 25.65 -18.07
CA ALA E 95 -26.89 24.46 -17.22
C ALA E 95 -27.84 23.40 -17.78
N CYS E 96 -29.03 23.81 -18.21
CA CYS E 96 -29.99 22.85 -18.76
C CYS E 96 -29.46 22.22 -20.03
N GLU E 97 -28.83 23.02 -20.89
CA GLU E 97 -28.25 22.47 -22.11
C GLU E 97 -27.19 21.42 -21.78
N ALA E 98 -26.23 21.78 -20.93
CA ALA E 98 -25.20 20.83 -20.51
C ALA E 98 -25.81 19.53 -19.97
N TYR E 99 -26.81 19.66 -19.10
CA TYR E 99 -27.40 18.46 -18.49
C TYR E 99 -28.09 17.59 -19.53
N LEU E 100 -28.92 18.19 -20.39
CA LEU E 100 -29.61 17.42 -21.41
C LEU E 100 -28.63 16.79 -22.39
N VAL E 101 -27.55 17.48 -22.75
CA VAL E 101 -26.57 16.90 -23.66
C VAL E 101 -25.92 15.68 -23.02
N GLY E 102 -25.52 15.79 -21.76
CA GLY E 102 -24.96 14.64 -21.07
C GLY E 102 -25.91 13.47 -21.00
N LEU E 103 -27.17 13.76 -20.69
CA LEU E 103 -28.18 12.71 -20.56
C LEU E 103 -28.41 12.01 -21.90
N PHE E 104 -28.48 12.76 -23.01
CA PHE E 104 -28.63 12.17 -24.33
C PHE E 104 -27.40 11.37 -24.72
N GLU E 105 -26.21 11.80 -24.33
CA GLU E 105 -25.01 11.01 -24.57
C GLU E 105 -25.10 9.65 -23.90
N ASP E 106 -25.44 9.64 -22.61
CA ASP E 106 -25.55 8.37 -21.90
C ASP E 106 -26.69 7.51 -22.42
N THR E 107 -27.80 8.14 -22.81
CA THR E 107 -28.91 7.40 -23.43
C THR E 107 -28.47 6.73 -24.72
N ASN E 108 -27.70 7.45 -25.55
CA ASN E 108 -27.22 6.85 -26.79
C ASN E 108 -26.28 5.69 -26.50
N LEU E 109 -25.45 5.83 -25.46
CA LEU E 109 -24.63 4.69 -25.04
C LEU E 109 -25.49 3.47 -24.72
N CYS E 110 -26.53 3.66 -23.92
CA CYS E 110 -27.43 2.54 -23.60
C CYS E 110 -28.04 1.95 -24.87
N ALA E 111 -28.54 2.81 -25.76
CA ALA E 111 -29.26 2.35 -26.94
C ALA E 111 -28.33 1.56 -27.87
N ILE E 112 -27.08 1.99 -27.98
CA ILE E 112 -26.11 1.24 -28.76
C ILE E 112 -25.77 -0.07 -28.08
N HIS E 113 -25.70 -0.06 -26.74
CA HIS E 113 -25.41 -1.29 -26.03
C HIS E 113 -26.51 -2.33 -26.22
N ALA E 114 -27.75 -1.89 -26.39
CA ALA E 114 -28.87 -2.80 -26.56
C ALA E 114 -29.09 -3.20 -28.02
N LYS E 115 -28.04 -3.11 -28.84
CA LYS E 115 -28.06 -3.53 -30.25
C LYS E 115 -28.98 -2.68 -31.10
N ARG E 116 -29.49 -1.58 -30.58
CA ARG E 116 -30.36 -0.69 -31.33
C ARG E 116 -29.60 0.57 -31.74
N VAL E 117 -30.29 1.44 -32.49
CA VAL E 117 -29.72 2.70 -32.91
C VAL E 117 -30.57 3.91 -32.57
N THR E 118 -31.85 3.67 -32.25
CA THR E 118 -32.82 4.71 -31.97
C THR E 118 -32.96 4.90 -30.47
N ILE E 119 -32.50 6.02 -29.96
CA ILE E 119 -32.71 6.33 -28.54
C ILE E 119 -34.21 6.43 -28.28
N MET E 120 -34.62 6.11 -27.07
CA MET E 120 -36.02 6.01 -26.72
C MET E 120 -36.19 6.43 -25.27
N PRO E 121 -37.41 6.81 -24.87
CA PRO E 121 -37.59 7.33 -23.50
C PRO E 121 -37.14 6.37 -22.42
N LYS E 122 -37.30 5.07 -22.62
CA LYS E 122 -36.77 4.13 -21.63
C LYS E 122 -35.26 4.23 -21.50
N ASP E 123 -34.55 4.55 -22.59
CA ASP E 123 -33.11 4.72 -22.50
C ASP E 123 -32.74 5.91 -21.64
N ILE E 124 -33.48 7.02 -21.82
CA ILE E 124 -33.23 8.22 -21.03
C ILE E 124 -33.41 7.92 -19.57
N GLN E 125 -34.52 7.28 -19.30
CA GLN E 125 -34.89 6.92 -17.94
C GLN E 125 -33.90 5.92 -17.36
N LEU E 126 -33.45 4.96 -18.17
CA LEU E 126 -32.49 3.97 -17.67
C LEU E 126 -31.14 4.62 -17.38
N ALA E 127 -30.67 5.49 -18.28
CA ALA E 127 -29.40 6.17 -18.06
C ALA E 127 -29.44 7.00 -16.78
N ARG E 128 -30.57 7.67 -16.54
CA ARG E 128 -30.69 8.49 -15.34
C ARG E 128 -30.76 7.62 -14.09
N ARG E 129 -31.46 6.48 -14.17
CA ARG E 129 -31.52 5.58 -13.03
C ARG E 129 -30.15 5.02 -12.70
N ILE E 130 -29.37 4.68 -13.72
CA ILE E 130 -28.07 4.08 -13.47
C ILE E 130 -27.10 5.11 -12.93
N ARG E 131 -27.14 6.33 -13.47
CA ARG E 131 -26.27 7.38 -12.97
C ARG E 131 -26.49 7.65 -11.49
N GLY E 132 -27.63 7.22 -10.95
CA GLY E 132 -27.96 7.54 -9.58
C GLY E 132 -28.60 8.89 -9.40
N GLU E 133 -28.88 9.59 -10.49
CA GLU E 133 -29.52 10.91 -10.41
C GLU E 133 -30.92 10.78 -9.85
N ARG E 134 -31.77 10.02 -10.53
CA ARG E 134 -33.06 9.67 -9.95
C ARG E 134 -32.91 8.48 -9.01
N ALA E 135 -33.73 8.47 -7.96
CA ALA E 135 -33.69 7.41 -6.96
C ALA E 135 -34.06 6.07 -7.59
N ASN F 29 -46.13 26.44 -20.49
CA ASN F 29 -45.23 26.85 -21.58
C ASN F 29 -44.20 25.77 -21.85
N ILE F 30 -44.40 24.59 -21.25
CA ILE F 30 -43.45 23.50 -21.44
C ILE F 30 -43.40 23.07 -22.90
N GLN F 31 -44.47 23.36 -23.64
CA GLN F 31 -44.46 23.18 -25.09
C GLN F 31 -43.49 24.13 -25.78
N GLY F 32 -42.91 25.09 -25.05
CA GLY F 32 -41.92 25.99 -25.62
C GLY F 32 -40.65 25.28 -26.03
N ILE F 33 -40.35 24.13 -25.45
CA ILE F 33 -39.21 23.34 -25.87
C ILE F 33 -39.65 22.55 -27.09
N THR F 34 -39.49 23.15 -28.27
CA THR F 34 -40.02 22.58 -29.49
C THR F 34 -39.34 21.25 -29.81
N LYS F 35 -40.03 20.45 -30.63
CA LYS F 35 -39.47 19.17 -31.05
C LYS F 35 -38.15 19.31 -31.81
N PRO F 36 -38.02 20.20 -32.80
CA PRO F 36 -36.69 20.35 -33.43
C PRO F 36 -35.63 20.87 -32.48
N ALA F 37 -36.01 21.57 -31.41
CA ALA F 37 -35.02 22.00 -30.43
C ALA F 37 -34.41 20.80 -29.72
N ILE F 38 -35.25 19.87 -29.29
CA ILE F 38 -34.73 18.64 -28.69
C ILE F 38 -33.97 17.83 -29.73
N ARG F 39 -34.41 17.88 -30.98
CA ARG F 39 -33.67 17.20 -32.04
C ARG F 39 -32.25 17.74 -32.14
N ARG F 40 -32.09 19.06 -32.16
CA ARG F 40 -30.76 19.65 -32.25
C ARG F 40 -29.93 19.33 -31.02
N LEU F 41 -30.52 19.50 -29.82
CA LEU F 41 -29.83 19.14 -28.59
C LEU F 41 -29.29 17.72 -28.66
N ALA F 42 -30.14 16.76 -29.06
CA ALA F 42 -29.70 15.37 -29.16
C ALA F 42 -28.63 15.19 -30.22
N ARG F 43 -28.80 15.79 -31.40
CA ARG F 43 -27.79 15.67 -32.44
C ARG F 43 -26.44 16.14 -31.96
N ARG F 44 -26.42 17.15 -31.08
CA ARG F 44 -25.16 17.50 -30.43
C ARG F 44 -24.66 16.38 -29.55
N GLY F 45 -25.55 15.73 -28.80
CA GLY F 45 -25.13 14.66 -27.90
C GLY F 45 -24.51 13.47 -28.60
N GLY F 46 -24.88 13.21 -29.84
CA GLY F 46 -24.29 12.14 -30.60
C GLY F 46 -25.23 11.01 -31.00
N VAL F 47 -26.53 11.20 -30.91
CA VAL F 47 -27.49 10.20 -31.35
C VAL F 47 -27.62 10.29 -32.85
N LYS F 48 -28.18 9.25 -33.47
CA LYS F 48 -28.30 9.25 -34.92
C LYS F 48 -29.76 9.18 -35.37
N ARG F 49 -30.60 8.50 -34.60
CA ARG F 49 -32.00 8.33 -34.97
C ARG F 49 -32.85 8.31 -33.71
N ILE F 50 -33.83 9.20 -33.64
CA ILE F 50 -34.56 9.50 -32.41
C ILE F 50 -35.96 8.92 -32.53
N SER F 51 -36.47 8.36 -31.43
CA SER F 51 -37.83 7.83 -31.40
C SER F 51 -38.85 8.97 -31.29
N GLY F 52 -40.11 8.59 -31.07
CA GLY F 52 -41.17 9.58 -31.08
C GLY F 52 -41.62 10.01 -29.69
N LEU F 53 -41.30 9.21 -28.67
CA LEU F 53 -41.70 9.54 -27.31
C LEU F 53 -40.61 10.25 -26.53
N ILE F 54 -39.39 10.27 -27.08
CA ILE F 54 -38.30 11.02 -26.47
C ILE F 54 -38.75 12.43 -26.13
N TYR F 55 -39.23 13.17 -27.13
CA TYR F 55 -39.64 14.56 -26.93
C TYR F 55 -40.41 14.76 -25.63
N GLU F 56 -41.44 13.94 -25.41
CA GLU F 56 -42.23 14.07 -24.19
C GLU F 56 -41.40 13.72 -22.95
N GLU F 57 -40.64 12.63 -23.02
CA GLU F 57 -39.85 12.23 -21.84
C GLU F 57 -38.84 13.30 -21.48
N THR F 58 -38.19 13.88 -22.49
CA THR F 58 -37.21 14.93 -22.28
C THR F 58 -37.85 16.19 -21.71
N ARG F 59 -39.05 16.55 -22.21
CA ARG F 59 -39.77 17.65 -21.60
C ARG F 59 -39.97 17.42 -20.11
N GLY F 60 -40.39 16.19 -19.74
CA GLY F 60 -40.57 15.88 -18.33
C GLY F 60 -39.29 16.02 -17.53
N VAL F 61 -38.21 15.43 -18.04
CA VAL F 61 -36.94 15.43 -17.32
C VAL F 61 -36.44 16.87 -17.12
N LEU F 62 -36.52 17.67 -18.18
CA LEU F 62 -36.08 19.06 -18.09
C LEU F 62 -36.93 19.83 -17.11
N LYS F 63 -38.25 19.59 -17.09
CA LYS F 63 -39.11 20.25 -16.13
C LYS F 63 -38.67 19.93 -14.69
N VAL F 64 -38.32 18.66 -14.44
CA VAL F 64 -37.89 18.27 -13.10
C VAL F 64 -36.59 18.98 -12.73
N PHE F 65 -35.60 18.93 -13.62
CA PHE F 65 -34.32 19.54 -13.33
C PHE F 65 -34.46 21.03 -13.06
N LEU F 66 -35.27 21.71 -13.88
CA LEU F 66 -35.51 23.14 -13.70
C LEU F 66 -36.20 23.41 -12.37
N GLU F 67 -37.18 22.59 -12.02
CA GLU F 67 -37.85 22.75 -10.74
C GLU F 67 -36.83 22.72 -9.61
N ASN F 68 -35.92 21.74 -9.63
CA ASN F 68 -34.96 21.63 -8.55
C ASN F 68 -34.04 22.85 -8.49
N VAL F 69 -33.41 23.19 -9.62
CA VAL F 69 -32.43 24.28 -9.60
C VAL F 69 -33.10 25.59 -9.22
N ILE F 70 -34.29 25.85 -9.76
CA ILE F 70 -34.96 27.11 -9.47
C ILE F 70 -35.43 27.15 -8.03
N ARG F 71 -35.85 26.02 -7.46
CA ARG F 71 -36.20 26.01 -6.04
C ARG F 71 -35.01 26.42 -5.18
N ASP F 72 -33.83 25.86 -5.48
CA ASP F 72 -32.66 26.21 -4.66
C ASP F 72 -32.29 27.68 -4.84
N ALA F 73 -32.30 28.16 -6.09
CA ALA F 73 -31.97 29.56 -6.35
C ALA F 73 -32.93 30.49 -5.62
N VAL F 74 -34.23 30.22 -5.73
CA VAL F 74 -35.23 31.01 -5.00
C VAL F 74 -34.90 31.01 -3.53
N THR F 75 -34.81 29.84 -2.91
CA THR F 75 -34.52 29.77 -1.48
C THR F 75 -33.34 30.64 -1.09
N TYR F 76 -32.25 30.59 -1.87
CA TYR F 76 -31.14 31.50 -1.60
C TYR F 76 -31.58 32.96 -1.61
N THR F 77 -32.30 33.37 -2.66
CA THR F 77 -32.74 34.76 -2.76
C THR F 77 -33.65 35.14 -1.59
N GLU F 78 -34.73 34.39 -1.41
CA GLU F 78 -35.65 34.59 -0.30
C GLU F 78 -34.92 34.71 1.03
N HIS F 79 -33.79 34.01 1.20
CA HIS F 79 -32.99 34.29 2.39
C HIS F 79 -32.34 35.65 2.32
N ALA F 80 -31.71 36.00 1.20
CA ALA F 80 -30.93 37.23 1.12
C ALA F 80 -31.78 38.49 1.16
N LYS F 81 -33.10 38.36 1.38
CA LYS F 81 -34.02 39.49 1.44
C LYS F 81 -33.97 40.31 0.15
N ARG F 82 -34.21 39.64 -0.97
CA ARG F 82 -34.22 40.28 -2.27
C ARG F 82 -35.38 39.74 -3.09
N LYS F 83 -35.72 40.46 -4.15
CA LYS F 83 -36.76 40.04 -5.08
C LYS F 83 -36.24 39.91 -6.50
N THR F 84 -34.93 39.85 -6.69
CA THR F 84 -34.33 39.66 -8.01
C THR F 84 -33.28 38.54 -7.92
N VAL F 85 -33.57 37.42 -8.57
CA VAL F 85 -32.68 36.28 -8.56
C VAL F 85 -31.41 36.63 -9.32
N THR F 86 -30.29 36.71 -8.62
CA THR F 86 -29.02 37.09 -9.22
C THR F 86 -28.35 35.85 -9.80
N ALA F 87 -27.52 36.05 -10.83
CA ALA F 87 -26.80 34.94 -11.44
C ALA F 87 -25.97 34.18 -10.41
N MET F 88 -25.50 34.88 -9.37
CA MET F 88 -24.77 34.20 -8.31
C MET F 88 -25.66 33.19 -7.60
N ASP F 89 -26.95 33.47 -7.47
CA ASP F 89 -27.84 32.52 -6.81
C ASP F 89 -27.97 31.23 -7.62
N VAL F 90 -28.09 31.36 -8.95
CA VAL F 90 -28.18 30.17 -9.80
C VAL F 90 -26.85 29.42 -9.79
N VAL F 91 -25.74 30.15 -9.81
CA VAL F 91 -24.43 29.50 -9.79
C VAL F 91 -24.26 28.72 -8.49
N TYR F 92 -24.75 29.27 -7.38
CA TYR F 92 -24.64 28.58 -6.10
C TYR F 92 -25.58 27.38 -6.04
N ALA F 93 -26.79 27.52 -6.56
CA ALA F 93 -27.71 26.39 -6.62
C ALA F 93 -27.12 25.25 -7.42
N LEU F 94 -26.39 25.57 -8.49
CA LEU F 94 -25.75 24.53 -9.28
C LEU F 94 -24.57 23.92 -8.53
N LYS F 95 -23.69 24.77 -7.98
CA LYS F 95 -22.52 24.29 -7.25
C LYS F 95 -22.93 23.38 -6.11
N ARG F 96 -24.11 23.62 -5.54
CA ARG F 96 -24.58 22.77 -4.45
C ARG F 96 -24.91 21.37 -4.95
N GLN F 97 -25.57 21.29 -6.10
CA GLN F 97 -25.99 20.01 -6.66
C GLN F 97 -24.87 19.25 -7.35
N GLY F 98 -23.62 19.67 -7.17
CA GLY F 98 -22.52 19.02 -7.85
C GLY F 98 -22.49 19.24 -9.34
N ARG F 99 -22.89 20.44 -9.80
CA ARG F 99 -22.90 20.79 -11.22
C ARG F 99 -22.22 22.15 -11.43
N THR F 100 -21.10 22.43 -10.75
CA THR F 100 -20.48 23.75 -10.74
C THR F 100 -20.35 24.30 -12.15
N LEU F 101 -20.65 25.59 -12.29
CA LEU F 101 -20.73 26.25 -13.58
C LEU F 101 -19.76 27.43 -13.63
N TYR F 102 -18.73 27.29 -14.45
CA TYR F 102 -17.74 28.33 -14.64
C TYR F 102 -18.24 29.32 -15.68
N GLY F 103 -17.90 30.60 -15.50
CA GLY F 103 -18.18 31.61 -16.47
C GLY F 103 -19.24 32.63 -16.11
N PHE F 104 -19.59 32.77 -14.83
CA PHE F 104 -20.58 33.76 -14.43
C PHE F 104 -20.19 34.46 -13.13
N GLY F 105 -18.93 34.33 -12.74
CA GLY F 105 -18.41 35.09 -11.62
C GLY F 105 -18.55 34.41 -10.28
N GLY F 106 -18.25 33.11 -10.22
CA GLY F 106 -18.33 32.35 -8.99
C GLY F 106 -17.41 32.86 -7.89
N ALA G 18 -36.03 26.29 33.95
CA ALA G 18 -35.06 25.57 34.77
C ALA G 18 -33.65 26.10 34.53
N LYS G 19 -32.64 25.36 34.99
CA LYS G 19 -31.25 25.77 34.87
C LYS G 19 -30.69 25.48 33.49
N THR G 20 -30.67 24.19 33.10
CA THR G 20 -30.07 23.79 31.84
C THR G 20 -30.82 24.39 30.65
N ARG G 21 -30.07 24.94 29.71
CA ARG G 21 -30.67 25.62 28.56
C ARG G 21 -31.50 24.69 27.69
N SER G 22 -31.26 23.37 27.77
CA SER G 22 -32.06 22.43 27.00
C SER G 22 -33.48 22.37 27.53
N SER G 23 -33.65 22.51 28.85
CA SER G 23 -34.98 22.41 29.45
C SER G 23 -35.85 23.60 29.03
N ARG G 24 -35.24 24.78 28.88
CA ARG G 24 -36.02 25.96 28.53
C ARG G 24 -36.72 25.82 27.19
N ALA G 25 -36.12 25.10 26.26
CA ALA G 25 -36.68 24.93 24.93
C ALA G 25 -37.60 23.73 24.83
N GLY G 26 -37.74 22.95 25.89
CA GLY G 26 -38.53 21.74 25.84
C GLY G 26 -37.97 20.74 24.85
N LEU G 27 -36.65 20.59 24.87
CA LEU G 27 -35.94 19.72 23.94
C LEU G 27 -35.37 18.53 24.69
N GLN G 28 -34.75 17.62 23.94
CA GLN G 28 -34.05 16.50 24.55
C GLN G 28 -32.57 16.50 24.22
N PHE G 29 -32.21 17.00 23.05
CA PHE G 29 -30.80 17.12 22.70
C PHE G 29 -30.16 18.26 23.50
N PRO G 30 -28.83 18.25 23.63
CA PRO G 30 -28.17 19.33 24.38
C PRO G 30 -27.93 20.55 23.52
N VAL G 31 -28.39 21.73 23.96
CA VAL G 31 -28.12 22.95 23.21
C VAL G 31 -26.76 23.51 23.57
N GLY G 32 -26.30 23.32 24.79
CA GLY G 32 -24.99 23.83 25.16
C GLY G 32 -23.87 23.18 24.38
N ARG G 33 -23.92 21.85 24.24
CA ARG G 33 -22.89 21.14 23.49
C ARG G 33 -22.92 21.53 22.01
N VAL G 34 -24.12 21.70 21.45
CA VAL G 34 -24.26 22.09 20.06
C VAL G 34 -23.70 23.50 19.88
N HIS G 35 -23.92 24.37 20.85
CA HIS G 35 -23.36 25.71 20.78
C HIS G 35 -21.84 25.67 20.81
N ARG G 36 -21.28 24.92 21.75
CA ARG G 36 -19.82 24.78 21.82
C ARG G 36 -19.25 24.28 20.50
N LEU G 37 -19.89 23.25 19.93
CA LEU G 37 -19.41 22.71 18.66
C LEU G 37 -19.50 23.74 17.55
N LEU G 38 -20.62 24.48 17.51
CA LEU G 38 -20.75 25.54 16.50
C LEU G 38 -19.67 26.59 16.65
N ARG G 39 -19.17 26.90 17.85
CA ARG G 39 -18.00 27.80 18.00
C ARG G 39 -16.70 27.13 17.56
N LYS G 40 -16.42 25.92 18.06
CA LYS G 40 -15.09 25.31 18.01
C LYS G 40 -14.60 24.93 16.61
N GLY G 41 -15.49 24.59 15.67
CA GLY G 41 -15.07 24.18 14.33
C GLY G 41 -14.83 25.31 13.31
N ASN G 42 -14.79 26.57 13.74
CA ASN G 42 -14.61 27.74 12.86
C ASN G 42 -15.62 27.76 11.70
N TYR G 43 -16.91 27.76 12.03
CA TYR G 43 -17.99 27.92 11.08
C TYR G 43 -18.34 29.38 10.83
N SER G 44 -18.03 30.26 11.78
CA SER G 44 -18.28 31.69 11.64
C SER G 44 -17.61 32.40 12.81
N GLU G 45 -17.35 33.69 12.63
CA GLU G 45 -16.71 34.49 13.65
C GLU G 45 -17.51 34.47 14.95
N ARG G 46 -18.80 34.75 14.85
CA ARG G 46 -19.69 34.81 16.01
C ARG G 46 -20.91 33.95 15.76
N VAL G 47 -21.31 33.19 16.77
CA VAL G 47 -22.46 32.30 16.68
C VAL G 47 -23.63 32.95 17.41
N GLY G 48 -24.80 32.97 16.76
CA GLY G 48 -25.98 33.52 17.38
C GLY G 48 -26.45 32.71 18.57
N ALA G 49 -27.51 33.16 19.23
CA ALA G 49 -28.04 32.47 20.40
C ALA G 49 -29.26 31.62 20.10
N GLY G 50 -29.88 31.79 18.94
CA GLY G 50 -31.02 30.97 18.57
C GLY G 50 -30.62 29.81 17.68
N ALA G 51 -29.47 29.93 17.03
CA ALA G 51 -29.01 28.87 16.13
C ALA G 51 -28.77 27.54 16.85
N PRO G 52 -28.10 27.49 18.01
CA PRO G 52 -27.97 26.19 18.69
C PRO G 52 -29.31 25.57 19.04
N VAL G 53 -30.27 26.37 19.53
CA VAL G 53 -31.59 25.83 19.85
C VAL G 53 -32.25 25.24 18.61
N TYR G 54 -32.26 26.00 17.52
CA TYR G 54 -32.86 25.54 16.28
C TYR G 54 -32.21 24.25 15.80
N LEU G 55 -30.87 24.20 15.89
CA LEU G 55 -30.15 23.06 15.35
C LEU G 55 -30.38 21.82 16.20
N ALA G 56 -30.38 21.98 17.53
CA ALA G 56 -30.72 20.84 18.39
C ALA G 56 -32.14 20.36 18.14
N ALA G 57 -33.07 21.29 17.91
CA ALA G 57 -34.45 20.90 17.64
C ALA G 57 -34.55 20.08 16.37
N VAL G 58 -33.90 20.53 15.29
CA VAL G 58 -34.02 19.81 14.03
C VAL G 58 -33.29 18.47 14.09
N LEU G 59 -32.18 18.43 14.82
CA LEU G 59 -31.48 17.15 15.02
C LEU G 59 -32.37 16.17 15.76
N GLU G 60 -32.99 16.62 16.84
CA GLU G 60 -33.90 15.76 17.59
C GLU G 60 -35.03 15.26 16.71
N TYR G 61 -35.60 16.15 15.89
CA TYR G 61 -36.72 15.73 15.06
C TYR G 61 -36.30 14.65 14.07
N LEU G 62 -35.14 14.84 13.42
CA LEU G 62 -34.69 13.84 12.46
C LEU G 62 -34.40 12.51 13.15
N THR G 63 -33.78 12.55 14.33
CA THR G 63 -33.50 11.31 15.03
C THR G 63 -34.78 10.59 15.44
N ALA G 64 -35.77 11.35 15.91
CA ALA G 64 -37.06 10.75 16.26
C ALA G 64 -37.71 10.15 15.03
N GLU G 65 -37.61 10.84 13.89
CA GLU G 65 -38.20 10.36 12.65
C GLU G 65 -37.60 9.03 12.23
N ILE G 66 -36.28 8.89 12.34
CA ILE G 66 -35.67 7.62 11.98
C ILE G 66 -36.02 6.53 13.00
N LEU G 67 -35.94 6.86 14.29
CA LEU G 67 -36.15 5.84 15.31
C LEU G 67 -37.57 5.31 15.29
N GLU G 68 -38.55 6.15 14.94
CA GLU G 68 -39.92 5.68 14.79
C GLU G 68 -40.00 4.50 13.83
N LEU G 69 -39.57 4.72 12.58
CA LEU G 69 -39.63 3.67 11.57
C LEU G 69 -38.73 2.49 11.92
N ALA G 70 -37.59 2.75 12.56
CA ALA G 70 -36.71 1.66 12.97
C ALA G 70 -37.41 0.75 13.96
N GLY G 71 -38.01 1.33 15.00
CA GLY G 71 -38.75 0.54 15.97
C GLY G 71 -39.91 -0.21 15.34
N ASN G 72 -40.62 0.45 14.42
CA ASN G 72 -41.70 -0.24 13.72
C ASN G 72 -41.19 -1.47 12.98
N ALA G 73 -40.14 -1.30 12.16
CA ALA G 73 -39.60 -2.42 11.41
C ALA G 73 -39.08 -3.52 12.33
N ALA G 74 -38.52 -3.13 13.48
CA ALA G 74 -38.06 -4.13 14.44
C ALA G 74 -39.23 -4.92 15.01
N ARG G 75 -40.30 -4.23 15.39
CA ARG G 75 -41.49 -4.92 15.88
C ARG G 75 -42.10 -5.80 14.80
N ASP G 76 -41.84 -5.47 13.53
CA ASP G 76 -42.30 -6.34 12.46
C ASP G 76 -41.56 -7.67 12.44
N ASN G 77 -40.26 -7.65 12.72
CA ASN G 77 -39.46 -8.87 12.78
C ASN G 77 -39.55 -9.57 14.13
N LYS G 78 -40.44 -9.11 15.02
CA LYS G 78 -40.66 -9.71 16.32
C LYS G 78 -39.37 -9.71 17.15
N LYS G 79 -38.84 -8.53 17.39
CA LYS G 79 -37.66 -8.34 18.23
C LYS G 79 -37.82 -7.06 19.04
N THR G 80 -37.03 -6.95 20.10
CA THR G 80 -37.15 -5.79 20.99
C THR G 80 -36.00 -4.81 20.79
N ARG G 81 -34.83 -5.29 20.39
CA ARG G 81 -33.65 -4.45 20.23
C ARG G 81 -33.51 -4.03 18.78
N ILE G 82 -33.24 -2.75 18.56
CA ILE G 82 -33.03 -2.23 17.21
C ILE G 82 -31.60 -2.54 16.80
N ILE G 83 -31.44 -3.23 15.67
CA ILE G 83 -30.12 -3.63 15.19
C ILE G 83 -29.88 -2.95 13.85
N PRO G 84 -28.63 -2.87 13.36
CA PRO G 84 -28.38 -2.15 12.11
C PRO G 84 -29.27 -2.55 10.94
N ARG G 85 -29.70 -3.81 10.87
CA ARG G 85 -30.57 -4.23 9.78
C ARG G 85 -31.89 -3.47 9.82
N HIS G 86 -32.44 -3.26 11.03
CA HIS G 86 -33.69 -2.54 11.14
C HIS G 86 -33.53 -1.09 10.74
N LEU G 87 -32.40 -0.47 11.09
CA LEU G 87 -32.15 0.90 10.67
C LEU G 87 -32.02 0.98 9.15
N GLN G 88 -31.31 0.02 8.54
CA GLN G 88 -31.19 -0.02 7.09
C GLN G 88 -32.57 -0.12 6.44
N LEU G 89 -33.43 -0.98 6.97
CA LEU G 89 -34.76 -1.14 6.41
C LEU G 89 -35.59 0.12 6.54
N ALA G 90 -35.56 0.73 7.73
CA ALA G 90 -36.33 1.95 7.97
C ALA G 90 -35.85 3.09 7.08
N ILE G 91 -34.54 3.12 6.80
CA ILE G 91 -34.01 4.22 5.99
C ILE G 91 -34.29 4.00 4.52
N ARG G 92 -34.21 2.75 4.05
CA ARG G 92 -34.40 2.48 2.64
C ARG G 92 -35.85 2.29 2.24
N ASN G 93 -36.77 2.13 3.19
CA ASN G 93 -38.17 2.01 2.81
C ASN G 93 -38.86 3.36 2.71
N ASP G 94 -38.52 4.31 3.57
CA ASP G 94 -39.14 5.64 3.56
C ASP G 94 -38.57 6.39 2.37
N GLU G 95 -39.46 6.87 1.49
CA GLU G 95 -39.08 7.57 0.28
C GLU G 95 -38.17 8.76 0.55
N GLU G 96 -38.51 9.54 1.58
CA GLU G 96 -37.83 10.83 1.79
C GLU G 96 -36.47 10.64 2.44
N LEU G 97 -36.39 9.82 3.49
CA LEU G 97 -35.10 9.54 4.12
C LEU G 97 -34.13 8.92 3.12
N ASN G 98 -34.63 8.04 2.25
CA ASN G 98 -33.80 7.44 1.23
C ASN G 98 -33.09 8.48 0.39
N LYS G 99 -33.70 9.64 0.15
CA LYS G 99 -33.09 10.68 -0.66
C LYS G 99 -32.09 11.50 0.12
N LEU G 100 -32.37 11.76 1.41
CA LEU G 100 -31.41 12.48 2.24
C LEU G 100 -30.16 11.64 2.49
N LEU G 101 -30.32 10.33 2.58
CA LEU G 101 -29.23 9.40 2.87
C LEU G 101 -28.90 8.54 1.65
N GLY G 102 -28.91 9.16 0.46
CA GLY G 102 -28.74 8.42 -0.76
C GLY G 102 -27.37 7.81 -0.96
N ARG G 103 -26.32 8.44 -0.42
CA ARG G 103 -24.95 8.02 -0.66
C ARG G 103 -24.24 7.63 0.63
N VAL G 104 -24.91 6.86 1.48
CA VAL G 104 -24.32 6.41 2.73
C VAL G 104 -24.55 4.91 2.88
N THR G 105 -23.48 4.19 3.19
CA THR G 105 -23.52 2.75 3.39
C THR G 105 -23.49 2.44 4.88
N ILE G 106 -24.51 1.73 5.35
CA ILE G 106 -24.67 1.41 6.77
C ILE G 106 -23.99 0.07 7.02
N ALA G 107 -22.89 0.08 7.77
CA ALA G 107 -22.19 -1.14 8.12
C ALA G 107 -23.14 -2.15 8.74
N GLN G 108 -22.96 -3.42 8.37
CA GLN G 108 -23.81 -4.55 8.76
C GLN G 108 -25.23 -4.40 8.26
N GLY G 109 -25.54 -3.40 7.44
CA GLY G 109 -26.89 -3.10 7.05
C GLY G 109 -27.62 -4.17 6.26
N GLY G 110 -26.99 -4.65 5.19
CA GLY G 110 -27.70 -5.48 4.25
C GLY G 110 -28.49 -4.62 3.28
N VAL G 111 -29.22 -5.28 2.39
CA VAL G 111 -29.94 -4.60 1.32
C VAL G 111 -31.42 -4.94 1.41
N LEU G 112 -32.20 -4.24 0.60
CA LEU G 112 -33.64 -4.50 0.54
C LEU G 112 -33.91 -5.77 -0.25
N PRO G 113 -34.78 -6.64 0.23
CA PRO G 113 -35.15 -7.81 -0.56
C PRO G 113 -35.96 -7.44 -1.79
N ASN G 114 -35.35 -7.57 -2.97
CA ASN G 114 -36.05 -7.26 -4.22
C ASN G 114 -35.49 -8.14 -5.32
N ILE G 115 -36.38 -8.67 -6.17
CA ILE G 115 -36.01 -9.46 -7.33
C ILE G 115 -36.74 -8.89 -8.53
N GLN G 116 -36.01 -8.66 -9.61
CA GLN G 116 -36.62 -8.15 -10.83
C GLN G 116 -37.64 -9.15 -11.37
N ALA G 117 -38.69 -8.62 -12.00
CA ALA G 117 -39.80 -9.45 -12.44
C ALA G 117 -39.36 -10.46 -13.48
N VAL G 118 -38.51 -10.04 -14.41
CA VAL G 118 -38.05 -10.92 -15.48
C VAL G 118 -37.33 -12.15 -14.96
N LEU G 119 -36.56 -12.02 -13.89
CA LEU G 119 -35.78 -13.13 -13.35
C LEU G 119 -36.65 -14.21 -12.72
N LEU G 120 -37.86 -13.89 -12.30
CA LEU G 120 -38.74 -14.86 -11.65
C LEU G 120 -39.18 -15.92 -12.67
N PRO G 121 -39.48 -17.13 -12.23
CA PRO G 121 -39.82 -18.19 -13.18
C PRO G 121 -41.25 -18.05 -13.68
N LYS G 122 -41.53 -18.75 -14.77
CA LYS G 122 -42.88 -18.74 -15.36
C LYS G 122 -43.37 -20.17 -15.59
N SER H 36 -9.70 9.46 29.80
CA SER H 36 -10.04 10.67 29.05
C SER H 36 -11.48 10.62 28.56
N ARG H 37 -12.27 11.62 28.94
CA ARG H 37 -13.68 11.69 28.56
C ARG H 37 -13.80 11.78 27.05
N LYS H 38 -14.71 11.01 26.48
CA LYS H 38 -14.98 11.00 25.04
C LYS H 38 -16.45 11.36 24.85
N GLU H 39 -16.69 12.52 24.25
CA GLU H 39 -18.05 13.01 24.10
C GLU H 39 -18.82 12.16 23.08
N SER H 40 -20.14 12.16 23.22
CA SER H 40 -21.00 11.33 22.38
C SER H 40 -22.45 11.77 22.56
N TYR H 41 -23.32 11.25 21.70
CA TYR H 41 -24.76 11.52 21.74
C TYR H 41 -25.56 10.29 22.15
N SER H 42 -25.02 9.46 23.05
CA SER H 42 -25.69 8.21 23.38
C SER H 42 -26.96 8.44 24.18
N ILE H 43 -26.85 9.10 25.34
CA ILE H 43 -27.98 9.20 26.26
C ILE H 43 -29.11 10.00 25.65
N TYR H 44 -28.79 10.96 24.78
CA TYR H 44 -29.83 11.78 24.16
C TYR H 44 -30.67 10.95 23.19
N VAL H 45 -30.01 10.21 22.31
CA VAL H 45 -30.73 9.31 21.41
C VAL H 45 -31.53 8.29 22.22
N TYR H 46 -30.98 7.85 23.35
CA TYR H 46 -31.71 6.90 24.18
C TYR H 46 -32.99 7.52 24.73
N LYS H 47 -32.90 8.75 25.22
CA LYS H 47 -34.07 9.45 25.72
C LYS H 47 -35.13 9.61 24.62
N VAL H 48 -34.68 9.98 23.42
CA VAL H 48 -35.60 10.15 22.31
C VAL H 48 -36.29 8.82 22.00
N LEU H 49 -35.53 7.73 21.96
CA LEU H 49 -36.10 6.41 21.72
C LEU H 49 -37.14 6.07 22.78
N LYS H 50 -36.82 6.30 24.05
CA LYS H 50 -37.77 6.02 25.11
C LYS H 50 -39.04 6.85 24.97
N GLN H 51 -38.91 8.07 24.45
CA GLN H 51 -40.10 8.87 24.19
C GLN H 51 -40.93 8.28 23.05
N VAL H 52 -40.27 7.78 21.99
CA VAL H 52 -40.97 7.32 20.81
C VAL H 52 -41.45 5.87 20.92
N HIS H 53 -40.68 5.00 21.57
CA HIS H 53 -41.06 3.60 21.74
C HIS H 53 -40.72 3.18 23.17
N PRO H 54 -41.68 3.36 24.09
CA PRO H 54 -41.36 3.22 25.52
C PRO H 54 -40.86 1.84 25.95
N ASP H 55 -41.06 0.83 25.11
CA ASP H 55 -40.67 -0.54 25.45
C ASP H 55 -39.70 -1.13 24.45
N THR H 56 -38.74 -0.33 23.97
CA THR H 56 -37.81 -0.78 22.95
C THR H 56 -36.39 -0.37 23.33
N GLY H 57 -35.44 -1.28 23.14
CA GLY H 57 -34.04 -0.98 23.38
C GLY H 57 -33.27 -0.91 22.09
N ILE H 58 -32.06 -0.35 22.13
CA ILE H 58 -31.25 -0.14 20.94
C ILE H 58 -29.87 -0.78 21.15
N SER H 59 -29.49 -1.64 20.22
CA SER H 59 -28.22 -2.34 20.31
C SER H 59 -27.06 -1.36 20.19
N SER H 60 -25.92 -1.74 20.79
CA SER H 60 -24.76 -0.87 20.81
C SER H 60 -24.29 -0.46 19.42
N LYS H 61 -24.40 -1.37 18.46
CA LYS H 61 -23.97 -1.04 17.09
C LYS H 61 -24.91 -0.03 16.46
N ALA H 62 -26.22 -0.22 16.65
CA ALA H 62 -27.17 0.78 16.16
C ALA H 62 -26.99 2.09 16.91
N MET H 63 -26.59 2.00 18.17
CA MET H 63 -26.25 3.20 18.94
C MET H 63 -25.12 3.97 18.28
N GLY H 64 -24.07 3.26 17.88
CA GLY H 64 -22.97 3.88 17.17
C GLY H 64 -23.40 4.48 15.83
N ILE H 65 -24.27 3.76 15.13
CA ILE H 65 -24.74 4.24 13.82
C ILE H 65 -25.49 5.56 13.99
N MET H 66 -26.43 5.62 14.92
CA MET H 66 -27.16 6.85 15.18
C MET H 66 -26.22 7.95 15.67
N ASN H 67 -25.25 7.58 16.51
CA ASN H 67 -24.29 8.55 17.02
C ASN H 67 -23.48 9.18 15.90
N SER H 68 -23.24 8.42 14.83
CA SER H 68 -22.50 8.97 13.71
C SER H 68 -23.41 9.73 12.76
N PHE H 69 -24.66 9.28 12.64
CA PHE H 69 -25.60 9.96 11.75
C PHE H 69 -25.92 11.36 12.26
N VAL H 70 -26.08 11.51 13.57
CA VAL H 70 -26.34 12.83 14.14
C VAL H 70 -25.16 13.77 13.86
N ASN H 71 -23.94 13.28 14.06
CA ASN H 71 -22.77 14.07 13.72
C ASN H 71 -22.77 14.47 12.27
N ASP H 72 -23.12 13.55 11.37
CA ASP H 72 -23.09 13.83 9.95
C ASP H 72 -24.10 14.91 9.58
N ILE H 73 -25.34 14.78 10.07
CA ILE H 73 -26.36 15.76 9.74
C ILE H 73 -26.01 17.12 10.31
N PHE H 74 -25.52 17.14 11.56
CA PHE H 74 -25.14 18.42 12.16
C PHE H 74 -24.02 19.08 11.38
N GLU H 75 -23.04 18.28 10.92
CA GLU H 75 -21.96 18.84 10.13
C GLU H 75 -22.48 19.40 8.82
N ARG H 76 -23.37 18.67 8.14
CA ARG H 76 -23.93 19.16 6.89
C ARG H 76 -24.63 20.50 7.10
N ILE H 77 -25.49 20.57 8.10
CA ILE H 77 -26.30 21.78 8.32
C ILE H 77 -25.39 22.95 8.68
N ALA H 78 -24.44 22.72 9.59
CA ALA H 78 -23.56 23.80 10.01
C ALA H 78 -22.68 24.28 8.86
N GLY H 79 -22.16 23.36 8.05
CA GLY H 79 -21.36 23.77 6.92
C GLY H 79 -22.15 24.58 5.91
N GLU H 80 -23.38 24.16 5.64
CA GLU H 80 -24.21 24.92 4.71
C GLU H 80 -24.53 26.31 5.26
N ALA H 81 -24.86 26.40 6.55
CA ALA H 81 -25.13 27.71 7.14
C ALA H 81 -23.90 28.60 7.08
N SER H 82 -22.72 28.02 7.30
CA SER H 82 -21.49 28.80 7.21
C SER H 82 -21.25 29.33 5.81
N ARG H 83 -21.36 28.45 4.81
CA ARG H 83 -21.21 28.88 3.42
C ARG H 83 -22.20 29.98 3.07
N LEU H 84 -23.43 29.86 3.57
CA LEU H 84 -24.47 30.84 3.24
C LEU H 84 -24.17 32.18 3.90
N ALA H 85 -23.77 32.16 5.17
CA ALA H 85 -23.44 33.40 5.86
C ALA H 85 -22.23 34.08 5.23
N HIS H 86 -21.32 33.27 4.66
CA HIS H 86 -20.22 33.86 3.91
C HIS H 86 -20.71 34.48 2.60
N TYR H 87 -21.66 33.81 1.94
CA TYR H 87 -22.21 34.35 0.71
C TYR H 87 -22.84 35.72 0.92
N ASN H 88 -23.59 35.88 2.01
CA ASN H 88 -24.27 37.15 2.28
C ASN H 88 -23.36 38.18 2.93
N LYS H 89 -22.06 37.90 2.98
CA LYS H 89 -21.09 38.78 3.62
C LYS H 89 -21.50 39.12 5.06
N ARG H 90 -22.01 38.13 5.77
CA ARG H 90 -22.38 38.27 7.18
C ARG H 90 -21.36 37.51 8.01
N SER H 91 -21.19 37.92 9.25
CA SER H 91 -20.23 37.28 10.14
C SER H 91 -20.87 36.59 11.34
N THR H 92 -22.15 36.21 11.24
CA THR H 92 -22.80 35.53 12.36
C THR H 92 -23.82 34.53 11.85
N ILE H 93 -23.89 33.39 12.52
CA ILE H 93 -24.87 32.35 12.22
C ILE H 93 -26.04 32.52 13.18
N THR H 94 -27.14 33.10 12.71
CA THR H 94 -28.36 33.18 13.49
C THR H 94 -29.40 32.22 12.92
N SER H 95 -30.51 32.10 13.63
CA SER H 95 -31.51 31.09 13.31
C SER H 95 -31.96 31.14 11.86
N ARG H 96 -31.94 32.31 11.23
CA ARG H 96 -32.35 32.41 9.83
C ARG H 96 -31.48 31.55 8.92
N GLU H 97 -30.16 31.62 9.10
CA GLU H 97 -29.25 30.79 8.31
C GLU H 97 -29.56 29.31 8.50
N ILE H 98 -29.61 28.85 9.76
CA ILE H 98 -29.93 27.45 10.02
C ILE H 98 -31.25 27.06 9.38
N GLN H 99 -32.23 27.96 9.38
CA GLN H 99 -33.53 27.66 8.80
C GLN H 99 -33.43 27.44 7.30
N THR H 100 -32.77 28.36 6.60
CA THR H 100 -32.64 28.19 5.15
C THR H 100 -31.73 27.02 4.81
N ALA H 101 -30.78 26.70 5.68
CA ALA H 101 -29.95 25.53 5.46
C ALA H 101 -30.78 24.25 5.55
N VAL H 102 -31.69 24.20 6.52
CA VAL H 102 -32.62 23.07 6.60
C VAL H 102 -33.51 23.03 5.35
N ARG H 103 -34.03 24.19 4.94
CA ARG H 103 -34.80 24.26 3.70
C ARG H 103 -34.04 23.71 2.51
N LEU H 104 -32.73 23.90 2.47
CA LEU H 104 -31.93 23.45 1.34
C LEU H 104 -31.62 21.96 1.42
N LEU H 105 -31.25 21.46 2.61
CA LEU H 105 -30.73 20.11 2.70
C LEU H 105 -31.83 19.06 2.64
N LEU H 106 -32.81 19.19 3.49
CA LEU H 106 -33.79 18.11 3.59
C LEU H 106 -34.82 18.19 2.46
N PRO H 107 -35.35 17.06 2.04
CA PRO H 107 -36.42 17.07 1.04
C PRO H 107 -37.69 17.69 1.61
N GLY H 108 -38.69 17.79 0.74
CA GLY H 108 -39.87 18.59 1.01
C GLY H 108 -40.54 18.43 2.36
N GLU H 109 -41.12 17.26 2.63
CA GLU H 109 -41.90 17.10 3.85
C GLU H 109 -41.01 17.16 5.09
N LEU H 110 -39.83 16.53 5.03
CA LEU H 110 -38.90 16.60 6.15
C LEU H 110 -38.49 18.04 6.41
N ALA H 111 -38.26 18.81 5.34
CA ALA H 111 -37.90 20.21 5.50
C ALA H 111 -39.02 20.98 6.19
N LYS H 112 -40.26 20.76 5.74
CA LYS H 112 -41.40 21.47 6.31
C LYS H 112 -41.55 21.17 7.79
N HIS H 113 -41.55 19.88 8.14
CA HIS H 113 -41.73 19.50 9.55
C HIS H 113 -40.58 19.99 10.40
N ALA H 114 -39.35 19.89 9.90
CA ALA H 114 -38.18 20.32 10.66
C ALA H 114 -38.20 21.82 10.89
N VAL H 115 -38.62 22.59 9.88
CA VAL H 115 -38.71 24.04 10.06
C VAL H 115 -39.78 24.37 11.09
N SER H 116 -40.91 23.67 11.04
CA SER H 116 -41.96 23.89 12.03
C SER H 116 -41.43 23.62 13.43
N GLU H 117 -40.72 22.51 13.62
CA GLU H 117 -40.13 22.16 14.90
C GLU H 117 -39.13 23.22 15.36
N GLY H 118 -38.29 23.70 14.44
CA GLY H 118 -37.31 24.71 14.80
C GLY H 118 -37.96 25.98 15.30
N THR H 119 -38.93 26.51 14.55
CA THR H 119 -39.61 27.72 15.00
C THR H 119 -40.35 27.50 16.31
N LYS H 120 -41.02 26.36 16.48
CA LYS H 120 -41.72 26.10 17.73
C LYS H 120 -40.75 26.10 18.90
N ALA H 121 -39.60 25.44 18.74
CA ALA H 121 -38.61 25.40 19.81
C ALA H 121 -38.02 26.77 20.11
N VAL H 122 -37.68 27.56 19.09
CA VAL H 122 -37.07 28.86 19.35
C VAL H 122 -38.08 29.80 19.99
N THR H 123 -39.36 29.66 19.65
CA THR H 123 -40.38 30.47 20.29
C THR H 123 -40.57 30.07 21.75
N LYS H 124 -40.68 28.76 22.01
CA LYS H 124 -40.77 28.27 23.38
C LYS H 124 -39.57 28.72 24.19
N TYR H 125 -38.41 28.86 23.55
CA TYR H 125 -37.21 29.32 24.24
C TYR H 125 -37.31 30.81 24.57
N THR H 126 -37.45 31.66 23.56
CA THR H 126 -37.46 33.10 23.78
C THR H 126 -38.60 33.53 24.67
N SER H 127 -39.68 32.75 24.70
CA SER H 127 -40.82 33.06 25.55
C SER H 127 -40.42 33.10 27.03
N ALA H 128 -39.50 32.23 27.41
CA ALA H 128 -39.05 32.16 28.80
C ALA H 128 -37.56 31.89 28.89
N ILE K 14 34.16 9.90 -17.52
CA ILE K 14 33.63 11.24 -17.12
C ILE K 14 32.35 11.52 -17.93
N PHE K 15 31.26 11.78 -17.21
CA PHE K 15 30.02 12.23 -17.79
C PHE K 15 29.99 13.74 -17.84
N LYS K 16 29.28 14.30 -18.82
CA LYS K 16 29.14 15.74 -18.94
C LYS K 16 28.39 16.22 -17.70
N PRO K 17 28.85 17.33 -17.07
CA PRO K 17 28.22 17.76 -15.81
C PRO K 17 26.72 17.96 -15.88
N GLU K 18 26.20 18.30 -17.06
CA GLU K 18 24.77 18.45 -17.21
C GLU K 18 24.11 17.09 -17.21
N GLU K 19 24.78 16.13 -17.80
CA GLU K 19 24.29 14.76 -17.83
C GLU K 19 24.06 14.27 -16.39
N LEU K 20 25.03 14.53 -15.52
CA LEU K 20 24.95 14.14 -14.11
C LEU K 20 23.87 14.91 -13.36
N ARG K 21 23.85 16.22 -13.56
CA ARG K 21 22.85 17.09 -12.94
C ARG K 21 21.44 16.64 -13.30
N GLN K 22 21.21 16.45 -14.59
CA GLN K 22 19.90 16.06 -15.07
C GLN K 22 19.48 14.73 -14.44
N ALA K 23 20.44 13.80 -14.34
CA ALA K 23 20.14 12.46 -13.89
C ALA K 23 19.94 12.38 -12.37
N LEU K 24 20.77 13.11 -11.64
CA LEU K 24 20.86 12.96 -10.19
C LEU K 24 20.03 13.95 -9.40
N MET K 25 19.84 15.15 -9.95
CA MET K 25 19.12 16.21 -9.24
C MET K 25 17.70 15.79 -8.82
N PRO K 26 17.01 15.02 -9.67
CA PRO K 26 15.72 14.54 -9.19
C PRO K 26 15.85 13.75 -7.89
N THR K 27 16.96 13.04 -7.69
CA THR K 27 17.11 12.23 -6.47
C THR K 27 17.36 13.15 -5.29
N LEU K 28 18.03 14.27 -5.54
CA LEU K 28 18.29 15.25 -4.48
C LEU K 28 17.01 16.02 -4.12
N GLU K 29 16.24 16.40 -5.13
CA GLU K 29 14.93 17.04 -4.87
C GLU K 29 14.02 16.14 -4.05
N ALA K 30 14.13 14.82 -4.24
CA ALA K 30 13.26 13.89 -3.54
C ALA K 30 13.49 13.97 -2.05
N LEU K 31 14.73 14.27 -1.66
CA LEU K 31 15.08 14.44 -0.25
C LEU K 31 14.60 15.81 0.26
N TYR K 32 14.87 16.85 -0.51
CA TYR K 32 14.44 18.21 -0.18
C TYR K 32 12.95 18.27 0.16
N ARG K 33 12.12 17.65 -0.68
CA ARG K 33 10.67 17.77 -0.56
C ARG K 33 10.10 16.91 0.56
N GLN K 34 10.95 16.42 1.45
CA GLN K 34 10.50 15.74 2.66
C GLN K 34 10.46 16.75 3.80
N ASP K 35 9.26 17.14 4.19
CA ASP K 35 9.06 18.10 5.29
C ASP K 35 8.38 17.33 6.39
N PRO K 36 8.82 17.47 7.64
CA PRO K 36 9.92 18.30 8.08
C PRO K 36 11.28 17.60 8.05
N GLU K 37 11.32 16.32 7.67
CA GLU K 37 12.53 15.49 7.79
C GLU K 37 13.76 16.14 7.17
N SER K 38 13.59 16.78 6.03
CA SER K 38 14.67 17.40 5.29
C SER K 38 15.30 18.60 5.99
N LEU K 39 14.52 19.30 6.81
CA LEU K 39 14.91 20.63 7.29
C LEU K 39 16.25 20.66 7.99
N PRO K 40 16.46 19.77 8.98
CA PRO K 40 17.76 19.72 9.67
C PRO K 40 18.95 19.51 8.74
N PHE K 41 18.74 19.13 7.48
CA PHE K 41 19.85 18.76 6.58
C PHE K 41 20.05 19.72 5.40
N ARG K 42 19.27 20.80 5.36
CA ARG K 42 19.23 21.66 4.18
C ARG K 42 20.34 22.71 4.15
N GLN K 43 20.93 22.99 5.30
CA GLN K 43 22.01 23.97 5.39
C GLN K 43 23.13 23.40 6.26
N PRO K 44 24.38 23.87 6.04
CA PRO K 44 25.50 23.43 6.89
C PRO K 44 25.21 23.63 8.37
N VAL K 45 25.51 22.61 9.17
CA VAL K 45 25.34 22.70 10.62
C VAL K 45 26.19 23.84 11.18
N ASP K 46 25.54 24.81 11.82
CA ASP K 46 26.23 25.84 12.60
C ASP K 46 26.25 25.38 14.06
N PRO K 47 27.38 24.87 14.55
CA PRO K 47 27.40 24.24 15.88
C PRO K 47 26.96 25.16 17.01
N GLN K 48 27.41 26.41 16.98
CA GLN K 48 27.12 27.34 18.05
C GLN K 48 25.69 27.84 18.01
N LEU K 49 25.24 28.29 16.84
CA LEU K 49 23.83 28.71 16.64
C LEU K 49 22.85 27.61 17.09
N LEU K 50 23.14 26.37 16.70
CA LEU K 50 22.31 25.21 17.05
C LEU K 50 22.50 24.76 18.52
N GLY K 51 23.41 25.43 19.24
CA GLY K 51 23.62 25.19 20.67
C GLY K 51 24.33 23.89 20.95
N ILE K 52 25.32 23.57 20.10
CA ILE K 52 26.03 22.29 20.12
C ILE K 52 27.51 22.58 19.79
N PRO K 53 28.38 22.66 20.82
CA PRO K 53 29.80 23.02 20.61
C PRO K 53 30.73 21.87 20.18
N ASP K 54 30.43 20.65 20.62
CA ASP K 54 31.28 19.48 20.36
C ASP K 54 31.04 18.82 19.00
N TYR K 55 30.21 19.43 18.15
CA TYR K 55 29.82 18.81 16.89
C TYR K 55 31.06 18.48 16.05
N PHE K 56 31.98 19.45 15.97
CA PHE K 56 33.18 19.26 15.17
C PHE K 56 34.24 18.42 15.87
N ASP K 57 34.01 18.03 17.12
CA ASP K 57 34.86 17.03 17.78
C ASP K 57 34.51 15.62 17.31
N ILE K 58 33.25 15.45 16.89
CA ILE K 58 32.72 14.17 16.44
C ILE K 58 32.70 14.08 14.91
N VAL K 59 32.13 15.11 14.28
CA VAL K 59 31.95 15.15 12.84
C VAL K 59 33.09 15.93 12.23
N LYS K 60 33.95 15.22 11.51
CA LYS K 60 35.16 15.81 10.96
C LYS K 60 35.01 16.13 9.49
N SER K 61 33.99 15.59 8.83
CA SER K 61 33.74 15.90 7.42
C SER K 61 32.26 16.26 7.24
N PRO K 62 31.91 17.51 7.59
CA PRO K 62 30.51 17.96 7.50
C PRO K 62 29.98 17.89 6.08
N MET K 63 28.69 17.65 5.94
CA MET K 63 28.06 17.63 4.63
C MET K 63 26.57 17.86 4.78
N ASP K 64 25.97 18.49 3.79
CA ASP K 64 24.54 18.81 3.82
C ASP K 64 24.01 18.99 2.39
N LEU K 65 22.70 19.07 2.27
CA LEU K 65 22.03 19.13 0.97
C LEU K 65 22.49 20.30 0.11
N SER K 66 22.66 21.47 0.73
CA SER K 66 23.02 22.68 -0.02
C SER K 66 24.40 22.51 -0.63
N THR K 67 25.33 21.98 0.16
CA THR K 67 26.68 21.77 -0.32
C THR K 67 26.68 20.79 -1.49
N ILE K 68 25.82 19.79 -1.39
CA ILE K 68 25.71 18.77 -2.44
C ILE K 68 25.04 19.38 -3.68
N LYS K 69 23.91 20.05 -3.50
CA LYS K 69 23.30 20.79 -4.61
C LYS K 69 24.32 21.66 -5.34
N ARG K 70 25.14 22.39 -4.59
CA ARG K 70 26.11 23.31 -5.19
C ARG K 70 27.15 22.57 -6.01
N LYS K 71 27.68 21.47 -5.46
CA LYS K 71 28.72 20.73 -6.16
C LYS K 71 28.14 20.16 -7.45
N LEU K 72 26.86 19.81 -7.40
CA LEU K 72 26.13 19.26 -8.54
C LEU K 72 25.86 20.32 -9.60
N ASP K 73 25.33 21.46 -9.18
CA ASP K 73 25.11 22.60 -10.09
C ASP K 73 26.39 23.10 -10.78
N THR K 74 27.51 23.06 -10.07
CA THR K 74 28.78 23.58 -10.57
C THR K 74 29.76 22.52 -11.10
N GLY K 75 29.25 21.31 -11.38
CA GLY K 75 30.04 20.28 -12.04
C GLY K 75 31.25 19.78 -11.29
N GLN K 76 31.17 19.67 -9.97
CA GLN K 76 32.29 19.19 -9.15
C GLN K 76 32.37 17.67 -9.04
N TYR K 77 31.38 16.96 -9.56
CA TYR K 77 31.39 15.51 -9.56
C TYR K 77 31.76 14.95 -10.94
N GLN K 78 32.77 14.11 -11.00
CA GLN K 78 33.18 13.52 -12.27
C GLN K 78 32.37 12.26 -12.57
N GLU K 79 31.93 11.58 -11.52
CA GLU K 79 31.13 10.37 -11.66
C GLU K 79 30.12 10.23 -10.50
N PRO K 80 29.00 9.54 -10.75
CA PRO K 80 27.87 9.60 -9.83
C PRO K 80 28.11 9.01 -8.43
N TRP K 81 29.06 8.08 -8.27
CA TRP K 81 29.33 7.51 -6.94
C TRP K 81 29.84 8.57 -5.96
N GLN K 82 30.53 9.58 -6.50
CA GLN K 82 30.99 10.69 -5.65
C GLN K 82 29.80 11.43 -5.04
N TYR K 83 28.71 11.56 -5.81
CA TYR K 83 27.47 12.13 -5.31
C TYR K 83 26.89 11.22 -4.22
N VAL K 84 26.77 9.94 -4.55
CA VAL K 84 26.26 8.97 -3.58
C VAL K 84 27.08 8.99 -2.26
N ASP K 85 28.41 9.06 -2.35
CA ASP K 85 29.26 9.07 -1.15
C ASP K 85 28.98 10.25 -0.22
N ASP K 86 28.81 11.42 -0.82
CA ASP K 86 28.46 12.62 -0.05
C ASP K 86 27.10 12.48 0.61
N ILE K 87 26.12 11.95 -0.14
CA ILE K 87 24.80 11.75 0.45
C ILE K 87 24.95 10.89 1.70
N TRP K 88 25.68 9.77 1.56
CA TRP K 88 25.81 8.84 2.68
C TRP K 88 26.67 9.43 3.78
N LEU K 89 27.58 10.35 3.42
CA LEU K 89 28.36 11.01 4.46
C LEU K 89 27.45 11.86 5.32
N MET K 90 26.62 12.67 4.66
CA MET K 90 25.60 13.43 5.35
C MET K 90 24.79 12.52 6.29
N PHE K 91 24.27 11.42 5.78
CA PHE K 91 23.43 10.57 6.64
C PHE K 91 24.22 10.02 7.83
N ASN K 92 25.41 9.46 7.58
CA ASN K 92 26.20 8.85 8.65
C ASN K 92 26.69 9.88 9.65
N ASN K 93 26.93 11.12 9.20
CA ASN K 93 27.27 12.19 10.14
C ASN K 93 26.14 12.40 11.16
N ALA K 94 24.91 12.40 10.68
CA ALA K 94 23.75 12.56 11.55
C ALA K 94 23.50 11.33 12.44
N TRP K 95 23.59 10.12 11.88
CA TRP K 95 23.49 8.89 12.70
C TRP K 95 24.61 8.80 13.74
N LEU K 96 25.77 9.39 13.45
CA LEU K 96 26.89 9.39 14.39
C LEU K 96 26.65 10.37 15.55
N TYR K 97 26.36 11.62 15.23
CA TYR K 97 26.27 12.64 16.27
C TYR K 97 25.02 12.52 17.15
N ASN K 98 23.88 12.20 16.53
CA ASN K 98 22.60 12.18 17.25
C ASN K 98 22.25 10.81 17.86
N ARG K 99 21.51 10.83 18.96
CA ARG K 99 21.09 9.58 19.64
C ARG K 99 20.08 8.79 18.80
N LYS K 100 20.15 7.47 18.90
CA LYS K 100 19.25 6.57 18.18
C LYS K 100 17.77 6.93 18.41
N THR K 101 17.52 7.57 19.54
CA THR K 101 16.17 7.89 19.95
C THR K 101 15.77 9.32 19.60
N SER K 102 16.69 10.06 19.01
CA SER K 102 16.49 11.49 18.82
C SER K 102 15.61 11.78 17.61
N ARG K 103 15.33 13.06 17.44
CA ARG K 103 14.53 13.54 16.33
C ARG K 103 15.26 13.50 14.99
N VAL K 104 16.47 14.05 14.99
CA VAL K 104 17.24 14.17 13.76
C VAL K 104 17.60 12.78 13.22
N TYR K 105 17.87 11.87 14.14
CA TYR K 105 18.24 10.52 13.79
C TYR K 105 17.18 9.83 12.94
N LYS K 106 15.95 9.86 13.44
CA LYS K 106 14.82 9.23 12.76
C LYS K 106 14.50 9.94 11.44
N TYR K 107 14.63 11.27 11.42
CA TYR K 107 14.49 12.06 10.19
C TYR K 107 15.48 11.59 9.14
N CYS K 108 16.73 11.39 9.58
CA CYS K 108 17.82 10.97 8.74
C CYS K 108 17.49 9.62 8.12
N SER K 109 17.11 8.68 8.98
CA SER K 109 16.62 7.37 8.54
C SER K 109 15.53 7.43 7.48
N LYS K 110 14.59 8.37 7.61
CA LYS K 110 13.53 8.50 6.62
C LYS K 110 14.09 8.95 5.27
N LEU K 111 14.94 9.98 5.30
CA LEU K 111 15.60 10.46 4.09
C LEU K 111 16.37 9.33 3.38
N SER K 112 17.08 8.50 4.15
CA SER K 112 17.95 7.49 3.56
C SER K 112 17.12 6.43 2.82
N GLU K 113 15.96 6.10 3.39
CA GLU K 113 15.00 5.21 2.74
C GLU K 113 14.48 5.79 1.44
N VAL K 114 14.13 7.07 1.45
CA VAL K 114 13.72 7.73 0.20
C VAL K 114 14.88 7.65 -0.80
N PHE K 115 16.08 7.91 -0.29
CA PHE K 115 17.21 7.96 -1.18
C PHE K 115 17.47 6.59 -1.82
N GLU K 116 17.48 5.52 -1.02
CA GLU K 116 17.80 4.19 -1.53
C GLU K 116 16.84 3.83 -2.66
N GLN K 117 15.57 4.16 -2.46
CA GLN K 117 14.57 3.86 -3.48
C GLN K 117 14.75 4.73 -4.74
N GLU K 118 15.12 5.98 -4.56
CA GLU K 118 15.35 6.86 -5.69
C GLU K 118 16.62 6.48 -6.47
N ILE K 119 17.71 6.20 -5.76
CA ILE K 119 19.02 6.22 -6.41
C ILE K 119 19.28 4.99 -7.27
N ASP K 120 18.70 3.85 -6.89
CA ASP K 120 19.02 2.59 -7.54
C ASP K 120 18.67 2.59 -9.04
N PRO K 121 17.41 2.91 -9.41
CA PRO K 121 17.12 2.92 -10.86
C PRO K 121 17.83 4.03 -11.65
N VAL K 122 18.13 5.16 -11.02
CA VAL K 122 18.92 6.17 -11.70
C VAL K 122 20.33 5.65 -12.03
N MET K 123 21.00 5.07 -11.05
CA MET K 123 22.33 4.55 -11.30
C MET K 123 22.30 3.51 -12.40
N GLN K 124 21.29 2.66 -12.40
CA GLN K 124 21.19 1.66 -13.46
C GLN K 124 20.98 2.33 -14.83
N SER K 125 20.27 3.44 -14.88
CA SER K 125 20.09 4.17 -16.15
C SER K 125 21.42 4.65 -16.67
N LEU K 126 22.36 4.90 -15.76
CA LEU K 126 23.65 5.45 -16.13
C LEU K 126 24.67 4.39 -16.47
N GLY K 127 24.22 3.14 -16.54
CA GLY K 127 25.04 2.02 -16.99
C GLY K 127 25.67 1.21 -15.86
N TYR K 128 25.18 1.39 -14.63
CA TYR K 128 25.78 0.76 -13.45
C TYR K 128 25.01 -0.48 -13.01
N CYS K 129 25.72 -1.40 -12.36
CA CYS K 129 25.11 -2.60 -11.76
C CYS K 129 23.92 -2.24 -10.90
N CYS K 130 24.09 -1.25 -10.04
CA CYS K 130 23.05 -0.82 -9.13
C CYS K 130 23.48 0.50 -8.52
N GLY K 131 22.61 1.12 -7.75
CA GLY K 131 22.96 2.32 -6.98
C GLY K 131 22.98 2.12 -5.47
N ARG K 132 22.96 0.88 -5.02
CA ARG K 132 22.87 0.64 -3.58
C ARG K 132 24.23 0.79 -2.91
N LYS K 133 24.17 1.08 -1.62
CA LYS K 133 25.36 1.24 -0.82
C LYS K 133 25.46 -0.05 -0.05
N LEU K 134 26.54 -0.77 -0.19
CA LEU K 134 26.64 -2.10 0.43
C LEU K 134 27.76 -2.30 1.38
N GLU K 135 27.51 -3.07 2.43
CA GLU K 135 28.52 -3.29 3.47
C GLU K 135 28.35 -4.68 3.97
N PHE K 136 29.38 -5.28 4.49
CA PHE K 136 29.30 -6.68 4.93
C PHE K 136 28.72 -6.77 6.33
N SER K 137 28.21 -7.95 6.66
CA SER K 137 27.67 -8.26 7.98
C SER K 137 28.75 -8.09 9.07
N PRO K 138 28.37 -7.61 10.25
CA PRO K 138 29.41 -7.50 11.30
C PRO K 138 29.76 -8.86 11.92
N GLN K 139 31.03 -9.14 12.08
CA GLN K 139 31.46 -10.39 12.74
C GLN K 139 31.05 -10.42 14.21
N THR K 140 30.77 -11.61 14.73
CA THR K 140 30.46 -11.77 16.15
C THR K 140 31.77 -11.77 16.94
N LEU K 141 31.81 -10.91 17.95
CA LEU K 141 32.96 -10.84 18.87
C LEU K 141 32.74 -11.69 20.13
N CYS K 142 33.61 -12.67 20.31
CA CYS K 142 33.58 -13.52 21.49
C CYS K 142 34.09 -12.78 22.72
N CYS K 143 34.43 -13.54 23.76
CA CYS K 143 34.97 -13.00 25.00
C CYS K 143 35.89 -14.02 25.64
N TYR K 144 37.14 -13.61 25.86
CA TYR K 144 38.14 -14.45 26.51
C TYR K 144 37.81 -14.68 27.99
N GLY K 145 36.92 -13.86 28.54
CA GLY K 145 36.49 -13.94 29.93
C GLY K 145 35.75 -15.20 30.28
N LYS K 146 34.83 -15.62 29.42
CA LYS K 146 34.02 -16.85 29.61
C LYS K 146 33.91 -17.69 28.34
N GLN K 147 33.37 -18.90 28.48
CA GLN K 147 33.40 -19.90 27.40
C GLN K 147 32.71 -19.43 26.12
N LEU K 148 31.40 -19.20 26.19
CA LEU K 148 30.64 -18.69 25.04
C LEU K 148 29.87 -17.44 25.44
N CYS K 149 30.58 -16.51 26.09
CA CYS K 149 30.10 -15.13 26.21
C CYS K 149 30.33 -14.45 24.85
N THR K 150 29.50 -13.47 24.53
CA THR K 150 29.57 -12.78 23.23
C THR K 150 29.20 -11.29 23.36
N ILE K 151 29.72 -10.48 22.44
CA ILE K 151 29.54 -9.02 22.51
C ILE K 151 28.46 -8.66 21.48
N PRO K 152 27.56 -7.71 21.83
CA PRO K 152 26.48 -7.36 20.91
C PRO K 152 26.77 -6.16 20.04
N ARG K 153 26.20 -6.17 18.84
CA ARG K 153 26.42 -5.09 17.89
C ARG K 153 26.04 -3.75 18.53
N ASP K 154 26.84 -2.71 18.26
CA ASP K 154 26.66 -1.33 18.77
C ASP K 154 26.94 -1.09 20.27
N ALA K 155 26.90 -2.15 21.09
CA ALA K 155 27.19 -2.05 22.53
C ALA K 155 28.68 -1.98 22.79
N THR K 156 29.04 -1.25 23.84
CA THR K 156 30.42 -0.93 24.16
C THR K 156 31.21 -2.16 24.65
N TYR K 157 32.50 -2.21 24.31
CA TYR K 157 33.39 -3.29 24.73
C TYR K 157 34.84 -2.85 24.82
N TYR K 158 35.66 -3.74 25.39
CA TYR K 158 37.06 -3.45 25.66
C TYR K 158 37.96 -4.42 24.93
N SER K 159 39.00 -3.92 24.27
CA SER K 159 39.90 -4.81 23.51
C SER K 159 41.39 -4.48 23.63
N TYR K 160 42.21 -5.48 23.36
CA TYR K 160 43.66 -5.34 23.44
C TYR K 160 44.29 -6.00 22.22
N GLN K 161 45.07 -5.24 21.48
CA GLN K 161 45.72 -5.71 20.27
C GLN K 161 44.76 -6.30 19.26
N ASN K 162 43.54 -5.77 19.22
CA ASN K 162 42.47 -6.29 18.39
C ASN K 162 42.36 -7.82 18.47
N ARG K 163 42.67 -8.36 19.64
CA ARG K 163 42.84 -9.80 19.81
C ARG K 163 42.10 -10.31 21.05
N TYR K 164 42.19 -9.57 22.14
CA TYR K 164 41.51 -9.91 23.39
C TYR K 164 40.44 -8.90 23.67
N HIS K 165 39.19 -9.33 23.58
CA HIS K 165 38.02 -8.46 23.79
C HIS K 165 37.18 -8.90 24.99
N PHE K 166 36.55 -7.94 25.66
CA PHE K 166 35.75 -8.21 26.86
C PHE K 166 34.49 -7.37 26.90
N CYS K 167 33.34 -8.04 27.07
CA CYS K 167 32.04 -7.37 27.23
C CYS K 167 32.05 -6.45 28.45
N GLU K 168 31.37 -5.31 28.35
CA GLU K 168 31.44 -4.27 29.40
C GLU K 168 31.11 -4.78 30.81
N LYS K 169 30.26 -5.80 30.89
CA LYS K 169 29.96 -6.49 32.14
C LYS K 169 31.18 -7.26 32.66
N CYS K 170 31.51 -8.38 32.01
CA CYS K 170 32.57 -9.29 32.49
C CYS K 170 33.99 -8.69 32.51
N PHE K 171 34.14 -7.49 31.96
CA PHE K 171 35.37 -6.70 32.08
C PHE K 171 35.47 -6.08 33.46
N ASN K 172 34.38 -5.46 33.91
CA ASN K 172 34.33 -4.84 35.25
C ASN K 172 34.10 -5.81 36.39
N GLU K 173 33.70 -7.03 36.06
CA GLU K 173 33.56 -8.09 37.04
C GLU K 173 34.84 -8.26 37.85
N ILE K 174 35.97 -8.34 37.15
CA ILE K 174 37.23 -8.75 37.78
C ILE K 174 37.65 -7.70 38.82
N GLN K 175 37.92 -8.18 40.03
CA GLN K 175 38.48 -7.36 41.10
C GLN K 175 39.84 -6.79 40.66
N GLY K 176 40.03 -5.49 40.90
CA GLY K 176 41.31 -4.84 40.63
C GLY K 176 41.42 -4.23 39.25
N GLU K 177 42.66 -3.92 38.85
CA GLU K 177 42.99 -3.23 37.59
C GLU K 177 43.93 -4.01 36.64
N SER K 178 44.04 -5.32 36.82
CA SER K 178 44.91 -6.11 35.96
C SER K 178 44.19 -7.31 35.39
N VAL K 179 44.33 -7.49 34.08
CA VAL K 179 43.76 -8.62 33.35
C VAL K 179 44.88 -9.61 33.03
N SER K 180 44.54 -10.88 32.82
CA SER K 180 45.53 -11.89 32.46
C SER K 180 45.16 -12.63 31.20
N LEU K 181 46.04 -12.57 30.21
CA LEU K 181 45.80 -13.16 28.89
C LEU K 181 46.78 -14.32 28.62
N GLY K 182 46.27 -15.38 28.01
CA GLY K 182 47.05 -16.56 27.64
C GLY K 182 46.86 -16.91 26.18
N GLN K 189 49.41 -16.03 30.10
CA GLN K 189 50.01 -15.92 31.44
C GLN K 189 50.81 -14.63 31.66
N THR K 190 50.33 -13.52 31.09
CA THR K 190 50.94 -12.18 31.24
C THR K 190 49.87 -11.14 31.58
N THR K 191 50.29 -10.09 32.25
CA THR K 191 49.40 -9.21 32.96
C THR K 191 49.31 -7.81 32.35
N ILE K 192 48.09 -7.38 32.06
CA ILE K 192 47.85 -6.12 31.38
C ILE K 192 46.88 -5.24 32.18
N ASN K 193 47.34 -4.04 32.50
CA ASN K 193 46.51 -3.02 33.13
C ASN K 193 45.26 -2.72 32.29
N LYS K 194 44.13 -2.46 32.95
CA LYS K 194 42.88 -2.17 32.26
C LYS K 194 43.04 -0.93 31.40
N GLU K 195 43.91 -0.02 31.85
CA GLU K 195 44.12 1.23 31.15
C GLU K 195 44.71 1.00 29.76
N GLN K 196 45.21 -0.20 29.53
CA GLN K 196 45.85 -0.52 28.25
C GLN K 196 44.84 -1.07 27.23
N PHE K 197 43.59 -1.24 27.66
CA PHE K 197 42.53 -1.68 26.74
C PHE K 197 41.87 -0.51 26.02
N SER K 198 41.42 -0.78 24.80
CA SER K 198 40.65 0.19 24.02
C SER K 198 39.19 0.07 24.42
N LYS K 199 38.53 1.21 24.66
CA LYS K 199 37.07 1.21 24.82
C LYS K 199 36.44 1.56 23.48
N ARG K 200 35.56 0.71 22.98
CA ARG K 200 35.01 0.91 21.64
C ARG K 200 33.65 0.24 21.46
N LYS K 201 32.94 0.67 20.43
CA LYS K 201 31.62 0.12 20.10
C LYS K 201 31.76 -0.84 18.93
N ASN K 202 31.03 -1.95 18.98
CA ASN K 202 31.07 -2.94 17.91
C ASN K 202 30.21 -2.49 16.70
N ASP K 203 30.52 -1.32 16.16
CA ASP K 203 29.66 -0.71 15.14
C ASP K 203 30.33 -0.57 13.75
N THR K 204 31.36 -1.36 13.50
CA THR K 204 32.16 -1.22 12.27
C THR K 204 31.66 -2.14 11.16
N LEU K 205 31.38 -1.55 10.00
CA LEU K 205 30.96 -2.38 8.85
C LEU K 205 31.81 -2.12 7.62
N ASP K 206 32.35 -3.16 7.05
CA ASP K 206 33.28 -3.03 5.93
C ASP K 206 32.50 -2.88 4.63
N PRO K 207 32.81 -1.84 3.85
CA PRO K 207 32.13 -1.70 2.56
C PRO K 207 32.46 -2.79 1.55
N GLU K 208 31.49 -3.10 0.69
CA GLU K 208 31.77 -3.94 -0.48
C GLU K 208 32.77 -3.23 -1.37
N LEU K 209 33.54 -4.03 -2.10
CA LEU K 209 34.53 -3.51 -3.03
C LEU K 209 33.96 -3.32 -4.43
N PHE K 210 34.60 -2.39 -5.15
CA PHE K 210 34.30 -2.12 -6.55
C PHE K 210 35.40 -2.59 -7.44
N VAL K 211 35.07 -2.86 -8.71
CA VAL K 211 36.02 -3.14 -9.78
C VAL K 211 35.67 -2.19 -10.91
N GLU K 212 36.68 -1.73 -11.64
CA GLU K 212 36.48 -0.72 -12.68
C GLU K 212 36.44 -1.39 -14.03
N CYS K 213 35.44 -1.05 -14.85
CA CYS K 213 35.42 -1.53 -16.24
C CYS K 213 36.65 -0.97 -16.92
N THR K 214 37.42 -1.83 -17.56
CA THR K 214 38.66 -1.43 -18.19
C THR K 214 38.40 -0.65 -19.48
N GLU K 215 37.19 -0.78 -20.04
CA GLU K 215 36.81 0.00 -21.23
C GLU K 215 36.13 1.32 -20.86
N CYS K 216 34.93 1.29 -20.29
CA CYS K 216 34.18 2.51 -20.01
C CYS K 216 34.61 3.21 -18.73
N GLY K 217 35.33 2.52 -17.85
CA GLY K 217 35.77 3.14 -16.61
C GLY K 217 34.74 3.18 -15.47
N ARG K 218 33.52 2.72 -15.69
CA ARG K 218 32.51 2.66 -14.62
C ARG K 218 32.95 1.70 -13.49
N LYS K 219 32.79 2.15 -12.24
CA LYS K 219 33.03 1.32 -11.05
C LYS K 219 31.75 0.53 -10.72
N MET K 220 31.87 -0.79 -10.66
CA MET K 220 30.75 -1.67 -10.28
C MET K 220 31.09 -2.54 -9.07
N HIS K 221 30.08 -2.93 -8.29
CA HIS K 221 30.29 -3.87 -7.18
C HIS K 221 30.89 -5.17 -7.72
N GLN K 222 32.01 -5.58 -7.15
CA GLN K 222 32.67 -6.81 -7.58
C GLN K 222 31.73 -8.02 -7.48
N ILE K 223 30.94 -8.06 -6.40
CA ILE K 223 29.98 -9.11 -6.19
C ILE K 223 28.77 -9.04 -7.16
N CYS K 224 28.36 -7.83 -7.58
CA CYS K 224 27.27 -7.70 -8.58
C CYS K 224 27.68 -8.32 -9.92
N VAL K 225 28.93 -8.12 -10.33
CA VAL K 225 29.32 -8.51 -11.67
C VAL K 225 30.09 -9.81 -11.65
N LEU K 226 30.42 -10.30 -10.46
CA LEU K 226 31.13 -11.58 -10.28
C LEU K 226 32.42 -11.60 -11.10
N HIS K 227 33.28 -10.62 -10.86
CA HIS K 227 34.56 -10.59 -11.53
C HIS K 227 35.64 -11.11 -10.62
N HIS K 228 36.29 -12.18 -11.04
CA HIS K 228 37.36 -12.75 -10.27
C HIS K 228 38.61 -12.68 -11.13
N GLU K 229 39.67 -12.12 -10.56
CA GLU K 229 40.91 -11.83 -11.28
C GLU K 229 41.66 -13.06 -11.81
N ILE K 230 41.51 -14.19 -11.13
CA ILE K 230 42.14 -15.46 -11.53
C ILE K 230 41.40 -16.06 -12.72
N ILE K 231 40.08 -15.91 -12.72
CA ILE K 231 39.27 -16.53 -13.75
C ILE K 231 39.34 -15.72 -15.05
N TRP K 232 39.33 -14.38 -14.92
CA TRP K 232 39.44 -13.48 -16.09
C TRP K 232 40.64 -12.54 -15.92
N PRO K 233 41.87 -13.06 -16.14
CA PRO K 233 43.04 -12.25 -15.78
C PRO K 233 43.23 -11.03 -16.69
N ALA K 234 42.68 -11.06 -17.90
CA ALA K 234 42.77 -9.94 -18.81
C ALA K 234 42.11 -8.68 -18.28
N GLY K 235 41.25 -8.82 -17.27
CA GLY K 235 40.57 -7.65 -16.69
C GLY K 235 39.06 -7.61 -16.82
N PHE K 236 38.41 -6.75 -16.05
CA PHE K 236 36.95 -6.67 -16.05
C PHE K 236 36.41 -5.81 -17.18
N VAL K 237 35.42 -6.31 -17.91
CA VAL K 237 34.73 -5.57 -18.95
C VAL K 237 33.24 -5.79 -18.72
N CYS K 238 32.51 -4.70 -18.50
CA CYS K 238 31.11 -4.79 -18.10
C CYS K 238 30.27 -5.36 -19.22
N ASP K 239 29.08 -5.84 -18.90
CA ASP K 239 28.16 -6.40 -19.90
C ASP K 239 27.76 -5.38 -20.97
N GLY K 240 27.63 -4.13 -20.55
CA GLY K 240 27.33 -3.05 -21.47
C GLY K 240 28.37 -2.96 -22.59
N CYS K 241 29.63 -2.86 -22.22
CA CYS K 241 30.74 -2.80 -23.18
C CYS K 241 30.89 -4.07 -24.02
N LEU K 242 30.61 -5.22 -23.42
CA LEU K 242 30.68 -6.50 -24.13
C LEU K 242 29.61 -6.58 -25.21
N LYS K 243 28.38 -6.20 -24.87
CA LYS K 243 27.28 -6.28 -25.81
C LYS K 243 27.43 -5.31 -27.00
N LYS K 244 28.00 -4.15 -26.76
CA LYS K 244 28.22 -3.16 -27.82
C LYS K 244 29.06 -3.73 -28.95
N SER K 245 30.01 -4.60 -28.61
CA SER K 245 30.86 -5.24 -29.61
C SER K 245 30.49 -6.71 -29.80
N ALA K 246 29.30 -7.09 -29.36
CA ALA K 246 28.81 -8.47 -29.44
C ALA K 246 29.75 -9.55 -28.85
N ARG K 247 30.58 -9.16 -27.87
CA ARG K 247 31.43 -10.13 -27.18
C ARG K 247 30.72 -10.79 -26.01
N THR K 248 31.30 -11.89 -25.53
CA THR K 248 30.88 -12.53 -24.27
C THR K 248 32.13 -12.85 -23.47
N ARG K 249 32.00 -12.95 -22.15
CA ARG K 249 33.12 -13.37 -21.31
C ARG K 249 33.64 -14.74 -21.72
N LYS K 250 34.94 -14.90 -21.57
CA LYS K 250 35.56 -16.21 -21.68
C LYS K 250 34.95 -17.16 -20.63
N GLU K 251 34.87 -18.43 -20.98
CA GLU K 251 34.28 -19.44 -20.11
C GLU K 251 34.98 -19.50 -18.76
N ASN K 252 34.21 -19.59 -17.68
CA ASN K 252 34.74 -19.91 -16.36
C ASN K 252 35.07 -21.42 -16.24
N LYS K 253 36.34 -21.78 -16.28
CA LYS K 253 36.75 -23.18 -16.21
C LYS K 253 36.89 -23.68 -14.78
N PHE K 254 36.73 -22.78 -13.81
CA PHE K 254 36.83 -23.12 -12.40
C PHE K 254 35.44 -23.48 -11.84
N SER K 255 34.72 -24.39 -12.52
CA SER K 255 33.35 -24.70 -12.13
C SER K 255 33.26 -25.90 -11.22
N ALA K 256 32.08 -26.08 -10.64
CA ALA K 256 31.84 -27.26 -9.79
C ALA K 256 31.92 -28.52 -10.62
N LYS K 257 31.35 -28.47 -11.81
CA LYS K 257 31.31 -29.61 -12.71
C LYS K 257 32.71 -30.12 -13.06
N ARG K 258 33.66 -29.20 -13.16
CA ARG K 258 35.04 -29.58 -13.52
C ARG K 258 35.91 -30.02 -12.35
N LEU K 259 35.42 -29.94 -11.12
CA LEU K 259 36.11 -30.61 -10.02
C LEU K 259 36.14 -32.13 -10.30
N PRO K 260 37.22 -32.84 -9.88
CA PRO K 260 37.29 -34.29 -10.15
C PRO K 260 36.14 -35.12 -9.61
N SER K 261 35.69 -36.05 -10.43
CA SER K 261 34.63 -36.98 -10.06
C SER K 261 35.14 -38.09 -9.18
N THR K 262 34.24 -38.69 -8.40
CA THR K 262 34.53 -39.85 -7.55
C THR K 262 33.36 -40.81 -7.75
N ARG K 263 33.50 -42.06 -7.38
CA ARG K 263 32.38 -42.99 -7.40
C ARG K 263 31.26 -42.52 -6.50
N LEU K 264 31.61 -42.05 -5.31
CA LEU K 264 30.59 -41.56 -4.35
C LEU K 264 29.83 -40.32 -4.88
N GLY K 265 30.56 -39.30 -5.31
CA GLY K 265 29.96 -38.09 -5.88
C GLY K 265 29.04 -38.44 -7.05
N THR K 266 29.52 -39.30 -7.92
CA THR K 266 28.73 -39.67 -9.09
C THR K 266 27.45 -40.37 -8.66
N PHE K 267 27.58 -41.28 -7.70
CA PHE K 267 26.44 -42.05 -7.26
C PHE K 267 25.37 -41.11 -6.70
N LEU K 268 25.79 -40.15 -5.87
CA LEU K 268 24.89 -39.24 -5.22
C LEU K 268 24.21 -38.31 -6.22
N GLU K 269 24.99 -37.78 -7.16
CA GLU K 269 24.41 -36.85 -8.08
C GLU K 269 23.50 -37.58 -9.03
N ASN K 270 23.80 -38.81 -9.40
CA ASN K 270 22.85 -39.58 -10.22
C ASN K 270 21.54 -39.83 -9.50
N ARG K 271 21.61 -40.15 -8.22
CA ARG K 271 20.39 -40.35 -7.46
C ARG K 271 19.54 -39.07 -7.47
N VAL K 272 20.16 -37.93 -7.21
CA VAL K 272 19.46 -36.66 -7.15
C VAL K 272 18.80 -36.27 -8.47
N ASN K 273 19.58 -36.34 -9.54
CA ASN K 273 19.12 -35.90 -10.85
C ASN K 273 18.08 -36.86 -11.43
N ASP K 274 18.23 -38.13 -11.15
CA ASP K 274 17.16 -39.09 -11.51
C ASP K 274 15.85 -38.75 -10.78
N PHE K 275 15.94 -38.36 -9.50
CA PHE K 275 14.78 -37.96 -8.75
C PHE K 275 14.14 -36.70 -9.36
N LEU K 276 14.96 -35.70 -9.66
CA LEU K 276 14.46 -34.46 -10.24
C LEU K 276 13.81 -34.71 -11.59
N ARG K 277 14.39 -35.61 -12.35
CA ARG K 277 13.82 -35.93 -13.65
C ARG K 277 12.47 -36.62 -13.53
N ARG K 278 12.32 -37.49 -12.54
CA ARG K 278 11.00 -38.09 -12.30
C ARG K 278 9.98 -37.04 -11.88
N GLN K 279 10.37 -36.06 -11.08
CA GLN K 279 9.41 -35.06 -10.60
C GLN K 279 8.97 -34.15 -11.74
N ASN K 280 9.90 -33.82 -12.63
CA ASN K 280 9.57 -33.06 -13.80
C ASN K 280 8.92 -31.71 -13.45
N HIS K 281 9.34 -31.08 -12.34
CA HIS K 281 8.85 -29.75 -11.94
C HIS K 281 9.42 -28.73 -12.91
N PRO K 282 8.64 -27.70 -13.29
CA PRO K 282 9.17 -26.62 -14.11
C PRO K 282 10.42 -25.91 -13.52
N GLU K 283 11.30 -25.45 -14.39
CA GLU K 283 12.50 -24.73 -13.95
C GLU K 283 13.34 -25.51 -12.92
N SER K 284 13.53 -26.80 -13.18
CA SER K 284 14.47 -27.61 -12.40
C SER K 284 15.85 -27.49 -13.02
N GLY K 285 16.85 -27.52 -12.18
CA GLY K 285 18.23 -27.49 -12.65
C GLY K 285 18.93 -28.78 -12.26
N GLU K 286 19.97 -29.09 -13.03
CA GLU K 286 20.88 -30.21 -12.71
C GLU K 286 21.67 -29.96 -11.43
N VAL K 287 21.82 -30.99 -10.59
CA VAL K 287 22.66 -30.88 -9.43
C VAL K 287 23.99 -31.60 -9.65
N THR K 288 25.05 -30.97 -9.18
CA THR K 288 26.40 -31.52 -9.20
C THR K 288 26.85 -31.84 -7.77
N VAL K 289 27.27 -33.07 -7.53
CA VAL K 289 27.81 -33.43 -6.21
C VAL K 289 29.28 -33.82 -6.33
N ARG K 290 30.11 -33.23 -5.48
CA ARG K 290 31.56 -33.52 -5.48
C ARG K 290 32.08 -33.80 -4.08
N VAL K 291 32.85 -34.86 -3.98
CA VAL K 291 33.64 -35.15 -2.81
C VAL K 291 34.93 -34.39 -2.96
N VAL K 292 35.25 -33.53 -1.99
CA VAL K 292 36.38 -32.61 -2.16
C VAL K 292 37.51 -32.88 -1.16
N HIS K 293 37.28 -33.82 -0.27
CA HIS K 293 38.30 -34.19 0.72
C HIS K 293 38.06 -35.60 1.14
N ALA K 294 39.16 -36.34 1.25
CA ALA K 294 39.15 -37.66 1.86
C ALA K 294 40.52 -37.92 2.46
N SER K 295 40.58 -38.16 3.77
CA SER K 295 41.84 -38.43 4.44
C SER K 295 41.64 -39.38 5.61
N ASP K 296 42.74 -40.00 6.03
CA ASP K 296 42.70 -40.88 7.21
C ASP K 296 43.12 -40.12 8.46
N LYS K 297 42.40 -40.38 9.52
CA LYS K 297 42.58 -39.72 10.82
C LYS K 297 42.37 -40.71 11.93
N THR K 298 42.54 -40.28 13.18
CA THR K 298 42.26 -41.13 14.34
C THR K 298 41.58 -40.32 15.40
N VAL K 299 40.65 -40.93 16.11
CA VAL K 299 40.08 -40.29 17.29
C VAL K 299 40.75 -40.95 18.49
N GLU K 300 41.26 -40.13 19.40
CA GLU K 300 41.88 -40.64 20.62
C GLU K 300 40.90 -40.64 21.77
N VAL K 301 40.87 -41.70 22.56
CA VAL K 301 40.06 -41.70 23.77
C VAL K 301 40.58 -40.65 24.76
N LYS K 302 39.67 -39.81 25.24
CA LYS K 302 39.95 -38.74 26.18
C LYS K 302 40.41 -39.26 27.57
N PRO K 303 41.01 -38.38 28.39
CA PRO K 303 41.73 -38.87 29.59
C PRO K 303 40.90 -39.62 30.62
N GLY K 304 39.66 -39.25 30.79
CA GLY K 304 38.79 -39.95 31.74
C GLY K 304 38.57 -41.38 31.31
N MET K 305 38.10 -41.53 30.08
CA MET K 305 37.76 -42.85 29.58
C MET K 305 39.01 -43.68 29.41
N LYS K 306 40.12 -43.02 29.10
CA LYS K 306 41.38 -43.71 28.89
C LYS K 306 41.89 -44.27 30.24
N ALA K 307 41.85 -43.45 31.29
CA ALA K 307 42.19 -43.95 32.64
C ALA K 307 41.28 -45.11 33.02
N ARG K 308 40.00 -45.02 32.70
CA ARG K 308 39.04 -46.05 33.12
C ARG K 308 39.18 -47.36 32.37
N PHE K 309 39.35 -47.33 31.06
CA PHE K 309 39.28 -48.56 30.28
C PHE K 309 40.48 -48.84 29.40
N VAL K 310 41.21 -47.80 29.00
CA VAL K 310 42.29 -48.04 28.04
C VAL K 310 43.50 -48.60 28.82
N ASP K 311 43.82 -47.99 29.94
CA ASP K 311 45.03 -48.36 30.72
C ASP K 311 44.95 -49.78 31.30
N SER K 312 43.75 -50.32 31.42
CA SER K 312 43.52 -51.71 31.83
C SER K 312 43.27 -52.62 30.66
N GLY K 313 43.45 -52.11 29.44
CA GLY K 313 43.37 -52.92 28.24
C GLY K 313 41.99 -53.33 27.79
N GLU K 314 40.96 -52.64 28.27
CA GLU K 314 39.60 -53.04 27.93
C GLU K 314 39.08 -52.31 26.70
N MET K 315 39.82 -51.31 26.24
CA MET K 315 39.37 -50.46 25.15
C MET K 315 40.58 -49.92 24.41
N ALA K 316 40.47 -49.82 23.09
CA ALA K 316 41.54 -49.24 22.29
C ALA K 316 41.81 -47.79 22.66
N GLU K 317 43.06 -47.35 22.59
CA GLU K 317 43.39 -45.98 22.96
C GLU K 317 42.96 -45.01 21.87
N SER K 318 42.71 -45.51 20.67
CA SER K 318 42.27 -44.64 19.58
C SER K 318 41.68 -45.46 18.45
N PHE K 319 40.93 -44.80 17.57
CA PHE K 319 40.23 -45.50 16.48
C PHE K 319 40.48 -44.79 15.17
N PRO K 320 40.91 -45.52 14.15
CA PRO K 320 41.14 -44.90 12.84
C PRO K 320 39.83 -44.77 12.06
N TYR K 321 39.73 -43.68 11.32
CA TYR K 321 38.61 -43.49 10.42
C TYR K 321 39.05 -42.67 9.22
N ARG K 322 38.22 -42.72 8.19
CA ARG K 322 38.35 -41.83 7.05
C ARG K 322 37.31 -40.73 7.15
N THR K 323 37.74 -39.48 7.00
CA THR K 323 36.83 -38.36 6.94
C THR K 323 36.66 -37.96 5.48
N LYS K 324 35.42 -37.62 5.09
CA LYS K 324 35.16 -37.07 3.77
C LYS K 324 34.29 -35.83 3.87
N ALA K 325 34.51 -34.91 2.96
CA ALA K 325 33.70 -33.69 2.80
C ALA K 325 33.12 -33.72 1.39
N LEU K 326 31.82 -33.44 1.32
CA LEU K 326 31.15 -33.35 0.04
C LEU K 326 30.14 -32.20 0.00
N PHE K 327 29.93 -31.73 -1.20
CA PHE K 327 29.15 -30.54 -1.48
C PHE K 327 28.25 -30.75 -2.69
N ALA K 328 27.08 -30.12 -2.66
CA ALA K 328 26.20 -30.13 -3.83
C ALA K 328 26.05 -28.71 -4.35
N PHE K 329 25.98 -28.62 -5.68
CA PHE K 329 25.96 -27.34 -6.37
C PHE K 329 24.81 -27.36 -7.37
N GLU K 330 24.21 -26.19 -7.56
CA GLU K 330 23.24 -26.01 -8.62
C GLU K 330 23.56 -24.76 -9.40
N GLU K 331 23.28 -24.76 -10.70
CA GLU K 331 23.38 -23.53 -11.47
C GLU K 331 22.12 -22.67 -11.30
N ILE K 332 22.32 -21.45 -10.82
CA ILE K 332 21.22 -20.50 -10.65
C ILE K 332 21.59 -19.20 -11.38
N ASP K 333 20.71 -18.75 -12.26
CA ASP K 333 20.97 -17.58 -13.11
C ASP K 333 22.33 -17.67 -13.83
N GLY K 334 22.62 -18.84 -14.41
CA GLY K 334 23.85 -19.06 -15.15
C GLY K 334 25.14 -19.27 -14.34
N VAL K 335 25.05 -19.27 -13.01
CA VAL K 335 26.24 -19.30 -12.15
C VAL K 335 26.13 -20.41 -11.09
N ASP K 336 27.26 -20.94 -10.67
CA ASP K 336 27.28 -22.03 -9.73
C ASP K 336 26.87 -21.50 -8.36
N LEU K 337 26.13 -22.34 -7.64
CA LEU K 337 25.71 -22.04 -6.28
C LEU K 337 25.83 -23.28 -5.40
N CYS K 338 26.67 -23.18 -4.37
CA CYS K 338 26.86 -24.29 -3.42
C CYS K 338 25.74 -24.22 -2.39
N PHE K 339 24.91 -25.26 -2.28
CA PHE K 339 23.74 -25.14 -1.40
C PHE K 339 23.68 -26.17 -0.30
N PHE K 340 24.58 -27.14 -0.33
CA PHE K 340 24.59 -28.19 0.68
C PHE K 340 26.00 -28.72 0.87
N GLY K 341 26.34 -28.98 2.12
CA GLY K 341 27.65 -29.48 2.50
C GLY K 341 27.53 -30.46 3.63
N MET K 342 28.44 -31.43 3.65
CA MET K 342 28.40 -32.47 4.69
C MET K 342 29.78 -33.10 4.90
N HIS K 343 30.12 -33.37 6.16
CA HIS K 343 31.32 -34.12 6.53
C HIS K 343 30.92 -35.39 7.24
N VAL K 344 31.60 -36.46 6.89
CA VAL K 344 31.34 -37.77 7.52
C VAL K 344 32.61 -38.45 8.03
N GLN K 345 32.43 -39.32 9.02
CA GLN K 345 33.49 -40.17 9.60
C GLN K 345 33.14 -41.60 9.31
N GLU K 346 34.08 -42.30 8.69
CA GLU K 346 33.86 -43.69 8.31
C GLU K 346 34.88 -44.62 8.96
N TYR K 347 34.39 -45.51 9.81
CA TYR K 347 35.24 -46.45 10.57
C TYR K 347 35.16 -47.82 9.91
N GLY K 348 36.25 -48.20 9.26
CA GLY K 348 36.27 -49.38 8.41
C GLY K 348 36.30 -50.72 9.12
N SER K 349 36.52 -51.78 8.36
CA SER K 349 36.53 -53.14 8.94
C SER K 349 37.82 -53.45 9.70
N ASP K 350 38.89 -52.70 9.48
CA ASP K 350 40.13 -52.88 10.29
C ASP K 350 40.10 -52.15 11.64
N CYS K 351 39.08 -51.35 11.88
CA CYS K 351 39.00 -50.57 13.08
C CYS K 351 38.61 -51.48 14.28
N PRO K 352 39.17 -51.25 15.49
CA PRO K 352 38.73 -52.10 16.61
C PRO K 352 37.27 -51.83 17.02
N PRO K 353 36.58 -52.85 17.56
CA PRO K 353 35.34 -52.55 18.27
C PRO K 353 35.57 -51.51 19.37
N PRO K 354 34.55 -50.75 19.73
CA PRO K 354 33.16 -50.82 19.26
C PRO K 354 32.85 -50.04 17.95
N ASN K 355 33.85 -49.52 17.25
CA ASN K 355 33.59 -48.57 16.16
C ASN K 355 33.52 -49.23 14.78
N GLN K 356 33.87 -50.51 14.74
CA GLN K 356 34.02 -51.26 13.49
C GLN K 356 32.81 -51.15 12.57
N ARG K 357 33.06 -50.77 11.31
CA ARG K 357 32.03 -50.74 10.24
C ARG K 357 30.88 -49.75 10.48
N ARG K 358 31.22 -48.61 11.10
CA ARG K 358 30.24 -47.60 11.45
C ARG K 358 30.53 -46.31 10.73
N VAL K 359 29.47 -45.60 10.36
CA VAL K 359 29.60 -44.24 9.86
C VAL K 359 28.86 -43.29 10.77
N TYR K 360 29.43 -42.10 10.86
CA TYR K 360 28.86 -41.03 11.67
C TYR K 360 28.84 -39.72 10.90
N ILE K 361 27.72 -38.98 10.95
CA ILE K 361 27.70 -37.70 10.26
C ILE K 361 28.26 -36.65 11.19
N SER K 362 29.40 -36.08 10.83
CA SER K 362 30.03 -35.06 11.65
C SER K 362 29.15 -33.79 11.68
N TYR K 363 28.82 -33.31 10.51
CA TYR K 363 27.92 -32.15 10.40
C TYR K 363 27.48 -31.95 8.97
N LEU K 364 26.30 -31.40 8.82
CA LEU K 364 25.79 -31.03 7.51
C LEU K 364 25.18 -29.64 7.63
N ASP K 365 25.05 -28.98 6.49
CA ASP K 365 24.62 -27.59 6.47
C ASP K 365 24.12 -27.27 5.08
N SER K 366 23.32 -26.22 5.01
CA SER K 366 22.73 -25.83 3.76
C SER K 366 22.49 -24.33 3.68
N VAL K 367 22.26 -23.86 2.46
CA VAL K 367 22.00 -22.46 2.14
C VAL K 367 20.79 -22.53 1.24
N HIS K 368 19.69 -21.92 1.68
CA HIS K 368 18.35 -22.24 1.19
C HIS K 368 17.94 -21.71 -0.20
N PHE K 369 18.88 -21.60 -1.14
CA PHE K 369 18.58 -21.04 -2.46
C PHE K 369 18.21 -22.07 -3.53
N PHE K 370 18.20 -23.34 -3.18
CA PHE K 370 17.86 -24.38 -4.16
C PHE K 370 16.53 -24.12 -4.87
N ARG K 371 16.50 -24.40 -6.18
CA ARG K 371 15.33 -24.24 -7.03
C ARG K 371 15.02 -25.54 -7.70
N PRO K 372 13.76 -25.97 -7.68
CA PRO K 372 12.61 -25.29 -7.11
C PRO K 372 12.51 -25.55 -5.61
N LYS K 373 12.14 -24.49 -4.89
CA LYS K 373 11.90 -24.56 -3.45
C LYS K 373 11.16 -25.81 -2.98
N CYS K 374 10.11 -26.17 -3.68
CA CYS K 374 9.27 -27.20 -3.07
C CYS K 374 9.89 -28.58 -3.18
N LEU K 375 11.06 -28.70 -3.85
CA LEU K 375 11.80 -29.96 -3.82
C LEU K 375 13.10 -29.93 -3.00
N ARG K 376 13.37 -28.80 -2.36
CA ARG K 376 14.57 -28.64 -1.56
C ARG K 376 14.79 -29.75 -0.50
N THR K 377 13.84 -29.88 0.42
CA THR K 377 13.96 -30.92 1.46
C THR K 377 14.09 -32.30 0.82
N ALA K 378 13.30 -32.56 -0.22
CA ALA K 378 13.36 -33.85 -0.88
C ALA K 378 14.76 -34.10 -1.36
N VAL K 379 15.41 -33.05 -1.90
CA VAL K 379 16.73 -33.28 -2.45
C VAL K 379 17.77 -33.55 -1.37
N TYR K 380 17.66 -32.85 -0.24
CA TYR K 380 18.56 -33.11 0.88
C TYR K 380 18.42 -34.57 1.34
N HIS K 381 17.17 -35.02 1.42
CA HIS K 381 16.91 -36.39 1.81
C HIS K 381 17.52 -37.38 0.83
N GLU K 382 17.42 -37.08 -0.47
CA GLU K 382 17.97 -37.99 -1.48
C GLU K 382 19.49 -38.11 -1.31
N ILE K 383 20.15 -37.00 -0.97
CA ILE K 383 21.58 -37.03 -0.76
C ILE K 383 21.93 -37.94 0.42
N LEU K 384 21.18 -37.76 1.53
CA LEU K 384 21.46 -38.59 2.72
C LEU K 384 21.09 -40.06 2.54
N ILE K 385 19.97 -40.33 1.89
CA ILE K 385 19.57 -41.72 1.65
C ILE K 385 20.59 -42.38 0.73
N GLY K 386 21.02 -41.67 -0.32
CA GLY K 386 22.06 -42.17 -1.23
C GLY K 386 23.36 -42.47 -0.51
N TYR K 387 23.72 -41.66 0.46
CA TYR K 387 24.97 -41.87 1.16
C TYR K 387 24.88 -43.11 2.04
N LEU K 388 23.76 -43.25 2.76
CA LEU K 388 23.51 -44.48 3.52
C LEU K 388 23.54 -45.73 2.61
N GLU K 389 22.89 -45.64 1.46
CA GLU K 389 22.85 -46.76 0.53
C GLU K 389 24.28 -47.13 0.06
N TYR K 390 25.08 -46.10 -0.19
CA TYR K 390 26.42 -46.31 -0.74
C TYR K 390 27.33 -47.01 0.27
N VAL K 391 27.32 -46.55 1.51
CA VAL K 391 28.24 -47.13 2.48
C VAL K 391 27.74 -48.51 2.88
N LYS K 392 26.43 -48.71 2.84
CA LYS K 392 25.88 -50.04 3.07
C LYS K 392 26.47 -51.02 2.04
N LYS K 393 26.55 -50.57 0.80
CA LYS K 393 27.03 -51.44 -0.28
C LYS K 393 28.51 -51.80 -0.01
N LEU K 394 29.28 -50.87 0.55
CA LEU K 394 30.68 -51.13 0.88
C LEU K 394 30.85 -52.13 2.03
N GLY K 395 29.82 -52.27 2.86
CA GLY K 395 29.82 -53.20 3.97
C GLY K 395 29.86 -52.50 5.32
N TYR K 396 29.54 -51.21 5.36
CA TYR K 396 29.32 -50.56 6.65
C TYR K 396 27.94 -51.01 7.16
N THR K 397 27.86 -51.38 8.43
CA THR K 397 26.63 -52.00 8.96
C THR K 397 25.68 -51.00 9.60
N THR K 398 26.21 -49.88 10.07
CA THR K 398 25.47 -49.02 10.99
C THR K 398 25.79 -47.54 10.80
N GLY K 399 24.75 -46.71 10.74
CA GLY K 399 24.94 -45.26 10.69
C GLY K 399 24.52 -44.61 12.00
N HIS K 400 25.13 -43.46 12.29
CA HIS K 400 24.94 -42.74 13.54
C HIS K 400 24.72 -41.27 13.27
N ILE K 401 23.64 -40.75 13.85
CA ILE K 401 23.31 -39.34 13.66
C ILE K 401 22.96 -38.73 14.99
N TRP K 402 23.65 -37.64 15.31
CA TRP K 402 23.30 -36.76 16.40
C TRP K 402 22.51 -35.55 15.86
N ALA K 403 21.24 -35.47 16.16
CA ALA K 403 20.45 -34.31 15.69
C ALA K 403 20.63 -33.07 16.55
N CYS K 404 21.66 -32.30 16.27
CA CYS K 404 21.87 -31.06 17.03
C CYS K 404 21.86 -29.79 16.15
N PRO K 405 20.82 -28.93 16.29
CA PRO K 405 20.90 -27.68 15.49
C PRO K 405 22.04 -26.82 15.93
N PRO K 406 22.49 -25.90 15.05
CA PRO K 406 23.55 -25.04 15.50
C PRO K 406 23.00 -24.17 16.62
N SER K 407 23.90 -23.76 17.53
CA SER K 407 23.51 -22.82 18.56
C SER K 407 23.35 -21.52 17.76
N GLU K 408 22.83 -20.50 18.38
CA GLU K 408 22.70 -19.18 17.76
C GLU K 408 24.07 -18.60 17.33
N GLY K 409 24.07 -18.08 16.12
CA GLY K 409 25.23 -17.38 15.58
C GLY K 409 26.43 -18.26 15.31
N ASP K 410 26.24 -19.58 15.27
CA ASP K 410 27.29 -20.49 14.85
C ASP K 410 26.77 -21.05 13.55
N ASP K 411 27.73 -21.36 12.68
CA ASP K 411 27.48 -21.92 11.38
C ASP K 411 28.24 -23.23 11.33
N TYR K 412 27.60 -24.33 10.92
CA TYR K 412 28.32 -25.59 10.84
C TYR K 412 29.37 -25.57 9.73
N ILE K 413 28.99 -25.12 8.52
CA ILE K 413 29.89 -25.19 7.38
C ILE K 413 29.98 -23.83 6.64
N PHE K 414 28.82 -23.26 6.36
CA PHE K 414 28.74 -22.04 5.52
C PHE K 414 28.69 -20.80 6.37
N HIS K 415 29.67 -19.93 6.21
CA HIS K 415 29.72 -18.69 6.97
C HIS K 415 28.60 -17.68 6.62
N CYS K 416 27.88 -17.23 7.64
CA CYS K 416 26.90 -16.14 7.53
C CYS K 416 25.71 -16.50 6.60
N HIS K 417 24.78 -17.27 7.16
CA HIS K 417 23.54 -17.65 6.49
C HIS K 417 22.62 -16.45 6.22
N PRO K 418 21.68 -16.63 5.27
CA PRO K 418 20.67 -15.60 5.06
C PRO K 418 19.90 -15.37 6.36
N PRO K 419 19.65 -14.09 6.72
CA PRO K 419 18.97 -13.86 7.99
C PRO K 419 17.54 -14.39 8.00
N ASP K 420 16.96 -14.66 6.84
CA ASP K 420 15.61 -15.21 6.77
C ASP K 420 15.58 -16.73 6.55
N GLN K 421 16.74 -17.38 6.70
CA GLN K 421 16.79 -18.83 6.74
C GLN K 421 16.58 -19.26 8.18
N LYS K 422 15.43 -19.84 8.48
CA LYS K 422 15.18 -20.23 9.85
C LYS K 422 15.99 -21.46 10.23
N ILE K 423 16.41 -21.49 11.48
CA ILE K 423 17.12 -22.61 12.05
C ILE K 423 16.14 -23.50 12.79
N PRO K 424 16.01 -24.77 12.40
CA PRO K 424 15.12 -25.70 13.13
C PRO K 424 15.52 -25.91 14.59
N LYS K 425 14.54 -25.97 15.48
CA LYS K 425 14.76 -26.46 16.83
C LYS K 425 14.86 -27.99 16.82
N PRO K 426 15.25 -28.59 17.96
CA PRO K 426 15.52 -30.02 18.00
C PRO K 426 14.37 -30.92 17.60
N LYS K 427 13.16 -30.62 18.03
CA LYS K 427 12.04 -31.47 17.63
C LYS K 427 11.81 -31.47 16.11
N ARG K 428 11.78 -30.30 15.47
CA ARG K 428 11.68 -30.26 14.01
C ARG K 428 12.85 -31.01 13.29
N LEU K 429 14.07 -30.83 13.77
CA LEU K 429 15.23 -31.47 13.16
C LEU K 429 15.13 -33.02 13.35
N GLN K 430 14.72 -33.46 14.54
CA GLN K 430 14.51 -34.89 14.77
C GLN K 430 13.51 -35.49 13.78
N GLU K 431 12.38 -34.81 13.63
CA GLU K 431 11.35 -35.26 12.70
C GLU K 431 11.79 -35.29 11.24
N TRP K 432 12.66 -34.36 10.90
CA TRP K 432 13.24 -34.27 9.56
C TRP K 432 14.11 -35.52 9.31
N PHE K 433 14.94 -35.88 10.29
CA PHE K 433 15.75 -37.10 10.14
C PHE K 433 14.86 -38.36 10.09
N LYS K 434 13.82 -38.38 10.90
CA LYS K 434 12.86 -39.49 10.85
C LYS K 434 12.14 -39.64 9.53
N LYS K 435 11.75 -38.52 8.95
CA LYS K 435 11.13 -38.56 7.65
C LYS K 435 12.11 -39.11 6.59
N MET K 436 13.35 -38.66 6.63
CA MET K 436 14.41 -39.20 5.74
C MET K 436 14.60 -40.70 5.91
N LEU K 437 14.77 -41.13 7.15
CA LEU K 437 14.96 -42.54 7.44
C LEU K 437 13.74 -43.42 7.11
N ASP K 438 12.55 -42.88 7.35
CA ASP K 438 11.35 -43.62 6.98
C ASP K 438 11.34 -43.87 5.47
N LYS K 439 11.73 -42.88 4.66
CA LYS K 439 11.82 -43.11 3.22
C LYS K 439 12.90 -44.17 2.93
N ALA K 440 14.03 -44.06 3.62
CA ALA K 440 15.11 -45.06 3.47
C ALA K 440 14.64 -46.49 3.83
N VAL K 441 13.86 -46.60 4.89
CA VAL K 441 13.28 -47.91 5.23
C VAL K 441 12.34 -48.41 4.12
N SER K 442 11.46 -47.54 3.63
CA SER K 442 10.49 -47.96 2.61
C SER K 442 11.19 -48.33 1.31
N GLU K 443 12.37 -47.77 1.07
CA GLU K 443 13.21 -48.21 -0.05
C GLU K 443 14.10 -49.46 0.22
N ARG K 444 14.01 -50.01 1.42
CA ARG K 444 14.77 -51.18 1.80
C ARG K 444 16.26 -50.94 1.83
N ILE K 445 16.64 -49.68 1.99
CA ILE K 445 18.05 -49.36 2.26
C ILE K 445 18.36 -49.51 3.75
N VAL K 446 17.58 -48.82 4.57
CA VAL K 446 17.73 -48.92 6.02
C VAL K 446 16.85 -50.07 6.49
N HIS K 447 17.43 -51.00 7.26
CA HIS K 447 16.65 -52.11 7.79
C HIS K 447 15.70 -51.60 8.87
N ASP K 448 16.24 -50.90 9.84
CA ASP K 448 15.40 -50.18 10.81
C ASP K 448 16.29 -49.22 11.53
N TYR K 449 15.73 -48.44 12.44
CA TYR K 449 16.52 -47.49 13.25
C TYR K 449 15.85 -47.30 14.59
N LYS K 450 16.66 -46.94 15.58
CA LYS K 450 16.15 -46.76 16.95
C LYS K 450 16.85 -45.60 17.58
N ASP K 451 16.28 -45.04 18.63
CA ASP K 451 17.05 -44.10 19.47
C ASP K 451 18.15 -44.86 20.26
N ILE K 452 19.15 -44.15 20.75
CA ILE K 452 20.32 -44.76 21.38
C ILE K 452 19.94 -45.67 22.58
N PHE K 453 18.91 -45.25 23.33
CA PHE K 453 18.48 -45.95 24.56
C PHE K 453 17.84 -47.28 24.20
N LYS K 454 16.94 -47.26 23.24
CA LYS K 454 16.35 -48.50 22.76
C LYS K 454 17.39 -49.40 22.10
N GLN K 455 18.29 -48.82 21.31
CA GLN K 455 19.33 -49.65 20.69
C GLN K 455 20.22 -50.32 21.72
N ALA K 456 20.62 -49.57 22.74
CA ALA K 456 21.48 -50.14 23.80
C ALA K 456 20.73 -51.29 24.48
N THR K 457 19.46 -51.05 24.81
CA THR K 457 18.61 -52.09 25.38
C THR K 457 18.64 -53.32 24.50
N GLU K 458 18.44 -53.16 23.20
CA GLU K 458 18.42 -54.30 22.29
C GLU K 458 19.78 -55.01 22.23
N ASP K 459 20.87 -54.25 22.31
CA ASP K 459 22.22 -54.84 22.26
C ASP K 459 22.66 -55.39 23.61
N ARG K 460 21.78 -55.31 24.61
CA ARG K 460 22.11 -55.74 25.95
C ARG K 460 23.43 -55.11 26.36
N LEU K 461 23.55 -53.81 26.12
CA LEU K 461 24.74 -53.08 26.52
C LEU K 461 24.81 -52.97 28.04
N THR K 462 26.01 -53.10 28.59
CA THR K 462 26.21 -52.96 30.03
C THR K 462 27.24 -51.95 30.41
N SER K 463 28.13 -51.57 29.50
CA SER K 463 29.25 -50.68 29.85
C SER K 463 29.50 -49.60 28.82
N ALA K 464 29.99 -48.46 29.31
CA ALA K 464 30.30 -47.31 28.46
C ALA K 464 31.36 -47.63 27.44
N LYS K 465 32.21 -48.61 27.71
CA LYS K 465 33.26 -48.95 26.75
C LYS K 465 32.66 -49.59 25.49
N GLU K 466 31.38 -49.96 25.53
CA GLU K 466 30.71 -50.59 24.38
C GLU K 466 30.04 -49.55 23.45
N LEU K 467 30.02 -48.29 23.86
CA LEU K 467 29.41 -47.26 23.04
C LEU K 467 30.40 -46.78 21.99
N PRO K 468 29.97 -46.72 20.73
CA PRO K 468 30.79 -46.13 19.65
C PRO K 468 31.33 -44.77 20.07
N TYR K 469 32.58 -44.52 19.73
CA TYR K 469 33.33 -43.36 20.23
C TYR K 469 33.82 -42.50 19.06
N PHE K 470 33.09 -41.42 18.76
CA PHE K 470 33.31 -40.66 17.53
C PHE K 470 33.96 -39.30 17.82
N GLU K 471 34.74 -38.80 16.88
CA GLU K 471 35.37 -37.51 17.05
C GLU K 471 34.30 -36.41 17.15
N GLY K 472 34.40 -35.58 18.17
CA GLY K 472 33.50 -34.45 18.32
C GLY K 472 32.10 -34.76 18.82
N ASP K 473 31.79 -36.02 19.08
CA ASP K 473 30.43 -36.41 19.42
C ASP K 473 30.10 -36.12 20.88
N PHE K 474 28.81 -36.06 21.17
CA PHE K 474 28.31 -35.84 22.53
C PHE K 474 28.83 -36.84 23.57
N TRP K 475 28.79 -38.12 23.23
CA TRP K 475 28.99 -39.18 24.21
C TRP K 475 30.39 -39.21 24.79
N PRO K 476 31.44 -39.02 23.98
CA PRO K 476 32.77 -38.92 24.61
C PRO K 476 32.88 -37.83 25.69
N ASN K 477 32.21 -36.71 25.47
CA ASN K 477 32.28 -35.62 26.45
C ASN K 477 31.45 -35.90 27.70
N VAL K 478 30.27 -36.46 27.52
CA VAL K 478 29.40 -36.67 28.66
C VAL K 478 29.98 -37.82 29.53
N LEU K 479 30.65 -38.78 28.90
CA LEU K 479 31.32 -39.83 29.67
C LEU K 479 32.47 -39.31 30.54
N GLU K 480 33.30 -38.41 30.02
CA GLU K 480 34.27 -37.73 30.87
C GLU K 480 33.58 -37.14 32.11
N GLU K 481 32.56 -36.31 31.89
CA GLU K 481 31.82 -35.65 32.97
C GLU K 481 31.24 -36.65 33.98
N SER K 482 30.68 -37.74 33.46
CA SER K 482 30.06 -38.76 34.28
C SER K 482 31.08 -39.48 35.18
N ILE K 483 32.25 -39.80 34.64
CA ILE K 483 33.21 -40.55 35.40
C ILE K 483 33.70 -39.71 36.58
N LYS K 484 33.97 -38.44 36.30
CA LYS K 484 34.47 -37.54 37.35
C LYS K 484 33.39 -37.21 38.36
N GLU K 485 32.17 -36.85 37.93
CA GLU K 485 31.02 -36.63 38.86
C GLU K 485 30.83 -37.78 39.84
N SER K 486 30.93 -39.02 39.31
CA SER K 486 30.72 -40.22 40.11
C SER K 486 31.98 -40.68 40.80
N GLY K 487 33.07 -39.94 40.62
CA GLY K 487 34.32 -40.22 41.27
C GLY K 487 34.80 -41.61 41.00
N GLY K 488 34.86 -41.96 39.73
CA GLY K 488 35.28 -43.34 39.37
C GLY K 488 34.27 -44.17 38.61
N SER K 489 33.08 -43.62 38.37
CA SER K 489 32.10 -44.25 37.53
C SER K 489 31.51 -45.49 38.20
N SER K 491 29.75 -45.92 33.85
CA SER K 491 28.59 -46.69 33.45
C SER K 491 27.35 -46.55 34.38
N GLN K 492 27.56 -46.04 35.60
CA GLN K 492 26.50 -45.96 36.64
C GLN K 492 25.13 -45.44 36.16
N LYS K 493 25.13 -44.28 35.53
CA LYS K 493 23.88 -43.61 35.15
C LYS K 493 23.69 -43.62 33.63
N LEU K 494 24.36 -44.57 32.98
CA LEU K 494 24.46 -44.58 31.53
C LEU K 494 23.10 -44.72 30.88
N TYR K 495 22.35 -45.75 31.26
CA TYR K 495 20.99 -45.91 30.78
C TYR K 495 20.13 -44.67 31.03
N ALA K 496 20.31 -44.07 32.20
CA ALA K 496 19.55 -42.86 32.54
C ALA K 496 19.96 -41.69 31.63
N THR K 497 21.25 -41.59 31.34
CA THR K 497 21.70 -40.52 30.47
C THR K 497 21.21 -40.75 29.04
N MET K 498 21.24 -42.00 28.60
CA MET K 498 20.75 -42.33 27.27
C MET K 498 19.26 -42.06 27.19
N GLU K 499 18.50 -42.41 28.22
CA GLU K 499 17.05 -42.25 28.15
C GLU K 499 16.71 -40.78 28.04
N LYS K 500 17.40 -40.01 28.85
CA LYS K 500 17.22 -38.56 28.97
C LYS K 500 17.42 -37.79 27.65
N HIS K 501 18.38 -38.24 26.86
CA HIS K 501 18.74 -37.58 25.60
C HIS K 501 18.36 -38.38 24.37
N LYS K 502 17.47 -39.35 24.53
CA LYS K 502 17.36 -40.37 23.51
C LYS K 502 16.85 -39.87 22.17
N GLU K 503 15.94 -38.90 22.17
CA GLU K 503 15.28 -38.42 20.94
C GLU K 503 16.25 -37.81 19.91
N VAL K 504 17.45 -37.49 20.38
CA VAL K 504 18.45 -36.71 19.68
C VAL K 504 19.46 -37.64 18.99
N PHE K 505 19.50 -38.92 19.38
CA PHE K 505 20.54 -39.85 18.95
C PHE K 505 19.96 -41.03 18.19
N PHE K 506 20.26 -41.06 16.89
CA PHE K 506 19.77 -42.11 16.00
C PHE K 506 20.84 -43.15 15.71
N VAL K 507 20.44 -44.42 15.80
CA VAL K 507 21.29 -45.54 15.40
C VAL K 507 20.58 -46.26 14.27
N ILE K 508 21.25 -46.38 13.13
CA ILE K 508 20.61 -46.76 11.89
C ILE K 508 21.20 -48.05 11.37
N ARG K 509 20.39 -49.10 11.32
CA ARG K 509 20.90 -50.41 10.92
C ARG K 509 20.78 -50.58 9.42
N LEU K 510 21.93 -50.64 8.78
CA LEU K 510 22.03 -50.85 7.34
C LEU K 510 22.10 -52.32 7.02
N ILE K 511 22.89 -53.07 7.79
CA ILE K 511 23.05 -54.51 7.57
C ILE K 511 22.73 -55.20 8.88
N ALA K 512 21.73 -56.06 8.82
CA ALA K 512 21.11 -56.61 10.02
C ALA K 512 21.52 -58.06 10.26
N GLY K 513 21.71 -58.39 11.52
CA GLY K 513 21.68 -59.76 11.98
C GLY K 513 22.89 -60.59 11.58
N PRO K 514 22.65 -61.81 11.08
CA PRO K 514 23.75 -62.77 10.94
C PRO K 514 24.71 -62.34 9.83
N ALA K 515 24.17 -61.63 8.84
CA ALA K 515 24.93 -61.14 7.71
C ALA K 515 25.98 -60.14 8.13
N ALA K 516 25.73 -59.44 9.23
CA ALA K 516 26.66 -58.43 9.70
C ALA K 516 27.93 -59.03 10.31
N ASN K 517 27.96 -60.35 10.51
CA ASN K 517 29.03 -61.01 11.24
C ASN K 517 30.09 -61.68 10.37
N SER K 518 29.77 -61.90 9.10
CA SER K 518 30.63 -62.65 8.18
C SER K 518 31.01 -61.87 6.90
N LEU K 519 31.12 -60.56 7.01
CA LEU K 519 31.31 -59.71 5.83
C LEU K 519 32.78 -59.75 5.37
N PRO K 520 33.03 -59.54 4.07
CA PRO K 520 34.41 -59.38 3.61
C PRO K 520 34.95 -58.03 4.03
N PRO K 521 36.24 -57.80 3.85
CA PRO K 521 36.85 -56.52 4.14
C PRO K 521 36.15 -55.37 3.46
N ILE K 522 36.16 -54.18 4.06
CA ILE K 522 35.65 -52.99 3.40
C ILE K 522 36.79 -52.45 2.54
N VAL K 523 36.51 -52.32 1.24
CA VAL K 523 37.45 -51.78 0.29
C VAL K 523 36.81 -50.60 -0.43
N ASP K 524 37.31 -49.42 -0.17
CA ASP K 524 36.81 -48.21 -0.79
C ASP K 524 37.52 -48.03 -2.14
N PRO K 525 36.77 -48.00 -3.25
CA PRO K 525 37.40 -47.82 -4.56
C PRO K 525 37.88 -46.39 -4.80
N ASP K 526 37.40 -45.42 -4.03
CA ASP K 526 37.79 -44.05 -4.30
C ASP K 526 39.14 -43.78 -3.64
N PRO K 527 40.00 -42.99 -4.30
CA PRO K 527 41.31 -42.66 -3.73
C PRO K 527 41.19 -41.61 -2.65
N LEU K 528 42.26 -41.43 -1.91
CA LEU K 528 42.32 -40.34 -0.94
C LEU K 528 42.34 -39.04 -1.69
N ILE K 529 41.85 -37.98 -1.05
CA ILE K 529 41.81 -36.66 -1.70
C ILE K 529 42.33 -35.63 -0.71
N PRO K 530 43.61 -35.28 -0.79
CA PRO K 530 44.22 -34.28 0.09
C PRO K 530 43.74 -32.85 -0.21
N CYS K 531 43.08 -32.23 0.75
CA CYS K 531 42.61 -30.84 0.61
C CYS K 531 42.50 -30.28 2.02
N ASP K 532 43.49 -29.50 2.43
CA ASP K 532 43.54 -29.01 3.80
C ASP K 532 42.38 -28.09 4.10
N LEU K 533 41.91 -27.39 3.08
CA LEU K 533 40.83 -26.45 3.26
C LEU K 533 39.56 -27.13 3.78
N MET K 534 39.40 -28.42 3.47
CA MET K 534 38.18 -29.16 3.75
C MET K 534 38.42 -30.33 4.71
N ASP K 535 39.51 -30.27 5.45
CA ASP K 535 39.79 -31.25 6.51
C ASP K 535 39.01 -30.77 7.75
N GLY K 536 37.78 -31.22 7.89
CA GLY K 536 36.89 -30.68 8.93
C GLY K 536 36.38 -29.28 8.57
N ARG K 537 35.42 -28.77 9.35
CA ARG K 537 34.72 -27.54 9.06
C ARG K 537 35.53 -26.23 9.28
N ASP K 538 36.52 -26.25 10.16
CA ASP K 538 37.15 -25.01 10.60
C ASP K 538 37.84 -24.21 9.49
N ALA K 539 38.56 -24.87 8.60
CA ALA K 539 39.41 -24.15 7.66
C ALA K 539 38.55 -23.34 6.68
N PHE K 540 37.44 -23.90 6.22
CA PHE K 540 36.62 -23.20 5.25
C PHE K 540 35.85 -22.05 5.93
N LEU K 541 35.45 -22.26 7.19
CA LEU K 541 34.82 -21.18 7.94
C LEU K 541 35.82 -20.01 8.14
N THR K 542 37.06 -20.36 8.45
CA THR K 542 38.11 -19.36 8.66
C THR K 542 38.41 -18.59 7.39
N LEU K 543 38.61 -19.30 6.29
CA LEU K 543 38.78 -18.66 5.00
C LEU K 543 37.64 -17.68 4.69
N ALA K 544 36.40 -18.15 4.86
CA ALA K 544 35.22 -17.35 4.53
C ALA K 544 35.16 -16.07 5.36
N ARG K 545 35.42 -16.23 6.65
CA ARG K 545 35.49 -15.09 7.54
C ARG K 545 36.60 -14.12 7.20
N ASP K 546 37.78 -14.63 6.88
CA ASP K 546 38.91 -13.76 6.53
C ASP K 546 38.76 -13.08 5.17
N LYS K 547 37.93 -13.62 4.28
CA LYS K 547 37.80 -13.01 2.96
C LYS K 547 36.40 -12.46 2.65
N HIS K 548 35.57 -12.31 3.67
CA HIS K 548 34.21 -11.81 3.51
C HIS K 548 33.42 -12.63 2.50
N LEU K 549 33.50 -13.94 2.63
CA LEU K 549 32.72 -14.86 1.82
C LEU K 549 31.49 -15.32 2.59
N GLU K 550 30.43 -14.54 2.48
CA GLU K 550 29.16 -14.85 3.14
C GLU K 550 28.22 -15.64 2.24
N PHE K 551 27.30 -16.37 2.88
CA PHE K 551 26.27 -17.07 2.14
C PHE K 551 24.90 -16.49 2.51
N SER K 552 24.88 -15.17 2.71
CA SER K 552 23.74 -14.49 3.35
C SER K 552 22.71 -13.92 2.36
N SER K 553 23.01 -14.02 1.06
CA SER K 553 22.10 -13.56 0.01
C SER K 553 22.46 -14.35 -1.25
N LEU K 554 21.58 -14.32 -2.24
CA LEU K 554 21.87 -15.05 -3.45
C LEU K 554 23.16 -14.53 -4.06
N ARG K 555 23.29 -13.22 -4.17
CA ARG K 555 24.48 -12.65 -4.85
C ARG K 555 25.77 -12.93 -4.07
N ARG K 556 25.73 -12.83 -2.75
CA ARG K 556 26.94 -13.07 -1.99
C ARG K 556 27.28 -14.57 -2.00
N ALA K 557 26.26 -15.43 -1.99
CA ALA K 557 26.52 -16.85 -2.04
C ALA K 557 27.11 -17.25 -3.41
N GLN K 558 26.64 -16.60 -4.44
CA GLN K 558 27.20 -16.86 -5.76
C GLN K 558 28.67 -16.43 -5.83
N TRP K 559 28.98 -15.24 -5.30
CA TRP K 559 30.38 -14.83 -5.17
C TRP K 559 31.17 -15.81 -4.33
N SER K 560 30.64 -16.20 -3.18
CA SER K 560 31.39 -17.04 -2.30
C SER K 560 31.61 -18.40 -2.93
N THR K 561 30.62 -18.88 -3.68
CA THR K 561 30.80 -20.17 -4.34
C THR K 561 31.91 -20.06 -5.37
N MET K 562 31.87 -18.98 -6.15
CA MET K 562 32.90 -18.76 -7.17
C MET K 562 34.30 -18.73 -6.54
N CYS K 563 34.47 -18.05 -5.40
CA CYS K 563 35.76 -18.01 -4.75
C CYS K 563 36.17 -19.36 -4.17
N MET K 564 35.21 -20.04 -3.55
CA MET K 564 35.43 -21.39 -3.02
C MET K 564 35.94 -22.32 -4.14
N LEU K 565 35.29 -22.25 -5.30
CA LEU K 565 35.66 -23.13 -6.40
C LEU K 565 37.05 -22.83 -6.95
N VAL K 566 37.42 -21.56 -7.03
CA VAL K 566 38.80 -21.19 -7.41
C VAL K 566 39.80 -21.80 -6.41
N GLU K 567 39.50 -21.68 -5.12
CA GLU K 567 40.38 -22.22 -4.11
C GLU K 567 40.52 -23.72 -4.23
N LEU K 568 39.40 -24.43 -4.40
CA LEU K 568 39.43 -25.88 -4.57
C LEU K 568 40.20 -26.30 -5.83
N HIS K 569 40.02 -25.58 -6.92
CA HIS K 569 40.76 -25.89 -8.16
C HIS K 569 42.25 -25.57 -8.11
N THR K 570 42.63 -24.54 -7.37
CA THR K 570 44.03 -24.06 -7.38
C THR K 570 44.89 -24.63 -6.26
N GLN K 571 44.27 -25.17 -5.24
CA GLN K 571 45.01 -25.83 -4.17
C GLN K 571 45.90 -24.91 -3.35
#